data_7TGG
# 
_entry.id   7TGG 
# 
_audit_conform.dict_name       mmcif_pdbx.dic 
_audit_conform.dict_version    5.403 
_audit_conform.dict_location   http://mmcif.pdb.org/dictionaries/ascii/mmcif_pdbx.dic 
# 
loop_
_database_2.database_id 
_database_2.database_code 
_database_2.pdbx_database_accession 
_database_2.pdbx_DOI 
PDB   7TGG         pdb_00007tgg 10.2210/pdb7tgg/pdb 
WWPDB D_1000262243 ?            ?                   
EMDB  EMD-25881    ?            ?                   
# 
loop_
_pdbx_audit_revision_history.ordinal 
_pdbx_audit_revision_history.data_content_type 
_pdbx_audit_revision_history.major_revision 
_pdbx_audit_revision_history.minor_revision 
_pdbx_audit_revision_history.revision_date 
_pdbx_audit_revision_history.part_number 
1  'Structure model' 1 0 2022-02-23 ? 
2  'EM metadata'     1 0 2022-02-23 ? 
3  Image             1 0 2022-02-23 ? 
4  'Primary map'     1 0 2022-02-23 ? 
5  'Structure model' 1 1 2023-05-31 ? 
6  Image             1 0 2022-02-23 ? 
7  'Primary map'     1 0 2022-02-23 ? 
8  'Structure model' 1 2 2024-06-05 ? 
9  Image             1 0 2022-02-23 ? 
10 'Primary map'     1 0 2022-02-23 ? 
11 'Structure model' 1 3 2025-05-14 ? 
12 'EM metadata'     1 1 2025-05-14 ? 
# 
loop_
_pdbx_audit_revision_details.ordinal 
_pdbx_audit_revision_details.revision_ordinal 
_pdbx_audit_revision_details.data_content_type 
_pdbx_audit_revision_details.provider 
_pdbx_audit_revision_details.type 
_pdbx_audit_revision_details.description 
_pdbx_audit_revision_details.details 
1 1  'Structure model' repository 'Initial release' ? ? 
2 2  'EM metadata'     repository 'Initial release' ? ? 
3 3  Image             repository 'Initial release' ? ? 
4 4  'Primary map'     repository 'Initial release' ? ? 
5 6  Image             repository 'Initial release' ? ? 
6 7  'Primary map'     repository 'Initial release' ? ? 
7 9  Image             repository 'Initial release' ? ? 
8 10 'Primary map'     repository 'Initial release' ? ? 
# 
loop_
_pdbx_audit_revision_group.ordinal 
_pdbx_audit_revision_group.revision_ordinal 
_pdbx_audit_revision_group.data_content_type 
_pdbx_audit_revision_group.group 
1 5  'Structure model' 'Database references'  
2 8  'Structure model' 'Data collection'      
3 11 'Structure model' 'Data collection'      
4 11 'Structure model' 'Structure summary'    
5 12 'EM metadata'     'Data processing'      
6 12 'EM metadata'     'Experimental summary' 
# 
loop_
_pdbx_audit_revision_category.ordinal 
_pdbx_audit_revision_category.revision_ordinal 
_pdbx_audit_revision_category.data_content_type 
_pdbx_audit_revision_category.category 
1 5  'Structure model' citation           
2 5  'Structure model' citation_author    
3 8  'Structure model' chem_comp_atom     
4 8  'Structure model' chem_comp_bond     
5 11 'Structure model' em_admin           
6 11 'Structure model' em_software        
7 11 'Structure model' pdbx_entry_details 
8 12 'EM metadata'     em_admin           
9 12 'EM metadata'     em_software        
# 
loop_
_pdbx_audit_revision_item.ordinal 
_pdbx_audit_revision_item.revision_ordinal 
_pdbx_audit_revision_item.data_content_type 
_pdbx_audit_revision_item.item 
1  5  'Structure model' '_citation.country'                 
2  5  'Structure model' '_citation.journal_abbrev'          
3  5  'Structure model' '_citation.journal_id_CSD'          
4  5  'Structure model' '_citation.journal_id_ISSN'         
5  5  'Structure model' '_citation.journal_volume'          
6  5  'Structure model' '_citation.page_first'              
7  5  'Structure model' '_citation.page_last'               
8  5  'Structure model' '_citation.pdbx_database_id_DOI'    
9  5  'Structure model' '_citation.pdbx_database_id_PubMed' 
10 5  'Structure model' '_citation.title'                   
11 5  'Structure model' '_citation.year'                    
12 11 'Structure model' '_em_admin.last_update'             
13 11 'Structure model' '_em_software.name'                 
14 12 'EM metadata'     '_em_admin.last_update'             
15 12 'EM metadata'     '_em_software.name'                 
# 
_pdbx_database_status.status_code                     REL 
_pdbx_database_status.status_code_sf                  ? 
_pdbx_database_status.status_code_mr                  ? 
_pdbx_database_status.entry_id                        7TGG 
_pdbx_database_status.recvd_initial_deposition_date   2022-01-07 
_pdbx_database_status.SG_entry                        N 
_pdbx_database_status.deposit_site                    RCSB 
_pdbx_database_status.process_site                    RCSB 
_pdbx_database_status.status_code_cs                  ? 
_pdbx_database_status.status_code_nmr_data            ? 
_pdbx_database_status.methods_development_category    ? 
_pdbx_database_status.pdb_format_compatible           Y 
# 
_pdbx_database_related.db_name        EMDB 
_pdbx_database_related.details        'Cryo-EM structure of PilA-N and PilA-C from Geobacter sulfurreducens' 
_pdbx_database_related.db_id          EMD-25881 
_pdbx_database_related.content_type   'associated EM volume' 
# 
_pdbx_contact_author.id                 2 
_pdbx_contact_author.email              egelman@virginia.edu 
_pdbx_contact_author.name_first         Edward 
_pdbx_contact_author.name_last          Egelman 
_pdbx_contact_author.name_mi            H 
_pdbx_contact_author.role               'principal investigator/group leader' 
_pdbx_contact_author.identifier_ORCID   0000-0003-4844-5212 
# 
loop_
_audit_author.name 
_audit_author.pdbx_ordinal 
_audit_author.identifier_ORCID 
'Wang, F.'       1 ? 
'Mustafa, K.'    2 ? 
'Chan, C.H.'     3 ? 
'Joshi, K.'      4 ? 
'Bond, D.R.'     5 ? 
'Hochbaum, A.I.' 6 ? 
'Egelman, E.H.'  7 ? 
# 
_citation.abstract                  ? 
_citation.abstract_id_CAS           ? 
_citation.book_id_ISBN              ? 
_citation.book_publisher            ? 
_citation.book_publisher_city       ? 
_citation.book_title                ? 
_citation.coordinate_linkage        ? 
_citation.country                   UK 
_citation.database_id_Medline       ? 
_citation.details                   ? 
_citation.id                        primary 
_citation.journal_abbrev            'Nat Microbiol' 
_citation.journal_id_ASTM           ? 
_citation.journal_id_CSD            ? 
_citation.journal_id_ISSN           2058-5276 
_citation.journal_full              ? 
_citation.journal_issue             ? 
_citation.journal_volume            7 
_citation.language                  ? 
_citation.page_first                1291 
_citation.page_last                 1300 
_citation.title                     
'Cryo-EM structure of an extracellular Geobacter OmcE cytochrome filament reveals tetrahaem packing.' 
_citation.year                      2022 
_citation.database_id_CSD           ? 
_citation.pdbx_database_id_DOI      10.1038/s41564-022-01159-z 
_citation.pdbx_database_id_PubMed   35798889 
_citation.pdbx_database_id_patent   ? 
_citation.unpublished_flag          ? 
# 
loop_
_citation_author.citation_id 
_citation_author.name 
_citation_author.ordinal 
_citation_author.identifier_ORCID 
primary 'Wang, F.'       1  ?                   
primary 'Mustafa, K.'    2  ?                   
primary 'Suciu, V.'      3  0000-0003-2335-2650 
primary 'Joshi, K.'      4  ?                   
primary 'Chan, C.H.'     5  ?                   
primary 'Choi, S.'       6  0000-0002-0033-0734 
primary 'Su, Z.'         7  0000-0001-6495-3351 
primary 'Si, D.'         8  0000-0001-7039-2589 
primary 'Hochbaum, A.I.' 9  0000-0002-5377-8065 
primary 'Egelman, E.H.'  10 0000-0003-4844-5212 
primary 'Bond, D.R.'     11 0000-0001-8083-7107 
# 
loop_
_entity.id 
_entity.type 
_entity.src_method 
_entity.pdbx_description 
_entity.formula_weight 
_entity.pdbx_number_of_molecules 
_entity.pdbx_ec 
_entity.pdbx_mutation 
_entity.pdbx_fragment 
_entity.details 
1 polymer nat 'Geopilin domain 1 protein' 10006.582 1 ? ? ? ? 
2 polymer nat 'Geopilin domain 2 protein' 13087.543 1 ? ? ? ? 
# 
loop_
_entity_poly.entity_id 
_entity_poly.type 
_entity_poly.nstd_linkage 
_entity_poly.nstd_monomer 
_entity_poly.pdbx_seq_one_letter_code 
_entity_poly.pdbx_seq_one_letter_code_can 
_entity_poly.pdbx_strand_id 
_entity_poly.pdbx_target_identifier 
1 'polypeptide(L)' no no 
;MANYPHTPTQAAKRRKETLMLQKLRNRKGFTLIELLIVVAIIGILAAIAIPQFSAYRVKAYNSAASSDLRNLKTALESAF
ADDQTYPPES
;
;MANYPHTPTQAAKRRKETLMLQKLRNRKGFTLIELLIVVAIIGILAAIAIPQFSAYRVKAYNSAASSDLRNLKTALESAF
ADDQTYPPES
;
A ? 
2 'polypeptide(L)' no no 
;MKKIITIVAMLLAMQGIAIAAGKIPTTTMGGKDFTFKPSTNVSVSYFTTNGATSTAGTVNTDYAVNTKNSSGNRVFTSTN
NTSNIWYIENDAWKGKAVSDSDVTALGTGDVGKSDFSGTEWKSQ
;
;MKKIITIVAMLLAMQGIAIAAGKIPTTTMGGKDFTFKPSTNVSVSYFTTNGATSTAGTVNTDYAVNTKNSSGNRVFTSTN
NTSNIWYIENDAWKGKAVSDSDVTALGTGDVGKSDFSGTEWKSQ
;
a ? 
# 
loop_
_entity_poly_seq.entity_id 
_entity_poly_seq.num 
_entity_poly_seq.mon_id 
_entity_poly_seq.hetero 
1 1   MET n 
1 2   ALA n 
1 3   ASN n 
1 4   TYR n 
1 5   PRO n 
1 6   HIS n 
1 7   THR n 
1 8   PRO n 
1 9   THR n 
1 10  GLN n 
1 11  ALA n 
1 12  ALA n 
1 13  LYS n 
1 14  ARG n 
1 15  ARG n 
1 16  LYS n 
1 17  GLU n 
1 18  THR n 
1 19  LEU n 
1 20  MET n 
1 21  LEU n 
1 22  GLN n 
1 23  LYS n 
1 24  LEU n 
1 25  ARG n 
1 26  ASN n 
1 27  ARG n 
1 28  LYS n 
1 29  GLY n 
1 30  PHE n 
1 31  THR n 
1 32  LEU n 
1 33  ILE n 
1 34  GLU n 
1 35  LEU n 
1 36  LEU n 
1 37  ILE n 
1 38  VAL n 
1 39  VAL n 
1 40  ALA n 
1 41  ILE n 
1 42  ILE n 
1 43  GLY n 
1 44  ILE n 
1 45  LEU n 
1 46  ALA n 
1 47  ALA n 
1 48  ILE n 
1 49  ALA n 
1 50  ILE n 
1 51  PRO n 
1 52  GLN n 
1 53  PHE n 
1 54  SER n 
1 55  ALA n 
1 56  TYR n 
1 57  ARG n 
1 58  VAL n 
1 59  LYS n 
1 60  ALA n 
1 61  TYR n 
1 62  ASN n 
1 63  SER n 
1 64  ALA n 
1 65  ALA n 
1 66  SER n 
1 67  SER n 
1 68  ASP n 
1 69  LEU n 
1 70  ARG n 
1 71  ASN n 
1 72  LEU n 
1 73  LYS n 
1 74  THR n 
1 75  ALA n 
1 76  LEU n 
1 77  GLU n 
1 78  SER n 
1 79  ALA n 
1 80  PHE n 
1 81  ALA n 
1 82  ASP n 
1 83  ASP n 
1 84  GLN n 
1 85  THR n 
1 86  TYR n 
1 87  PRO n 
1 88  PRO n 
1 89  GLU n 
1 90  SER n 
2 1   MET n 
2 2   LYS n 
2 3   LYS n 
2 4   ILE n 
2 5   ILE n 
2 6   THR n 
2 7   ILE n 
2 8   VAL n 
2 9   ALA n 
2 10  MET n 
2 11  LEU n 
2 12  LEU n 
2 13  ALA n 
2 14  MET n 
2 15  GLN n 
2 16  GLY n 
2 17  ILE n 
2 18  ALA n 
2 19  ILE n 
2 20  ALA n 
2 21  ALA n 
2 22  GLY n 
2 23  LYS n 
2 24  ILE n 
2 25  PRO n 
2 26  THR n 
2 27  THR n 
2 28  THR n 
2 29  MET n 
2 30  GLY n 
2 31  GLY n 
2 32  LYS n 
2 33  ASP n 
2 34  PHE n 
2 35  THR n 
2 36  PHE n 
2 37  LYS n 
2 38  PRO n 
2 39  SER n 
2 40  THR n 
2 41  ASN n 
2 42  VAL n 
2 43  SER n 
2 44  VAL n 
2 45  SER n 
2 46  TYR n 
2 47  PHE n 
2 48  THR n 
2 49  THR n 
2 50  ASN n 
2 51  GLY n 
2 52  ALA n 
2 53  THR n 
2 54  SER n 
2 55  THR n 
2 56  ALA n 
2 57  GLY n 
2 58  THR n 
2 59  VAL n 
2 60  ASN n 
2 61  THR n 
2 62  ASP n 
2 63  TYR n 
2 64  ALA n 
2 65  VAL n 
2 66  ASN n 
2 67  THR n 
2 68  LYS n 
2 69  ASN n 
2 70  SER n 
2 71  SER n 
2 72  GLY n 
2 73  ASN n 
2 74  ARG n 
2 75  VAL n 
2 76  PHE n 
2 77  THR n 
2 78  SER n 
2 79  THR n 
2 80  ASN n 
2 81  ASN n 
2 82  THR n 
2 83  SER n 
2 84  ASN n 
2 85  ILE n 
2 86  TRP n 
2 87  TYR n 
2 88  ILE n 
2 89  GLU n 
2 90  ASN n 
2 91  ASP n 
2 92  ALA n 
2 93  TRP n 
2 94  LYS n 
2 95  GLY n 
2 96  LYS n 
2 97  ALA n 
2 98  VAL n 
2 99  SER n 
2 100 ASP n 
2 101 SER n 
2 102 ASP n 
2 103 VAL n 
2 104 THR n 
2 105 ALA n 
2 106 LEU n 
2 107 GLY n 
2 108 THR n 
2 109 GLY n 
2 110 ASP n 
2 111 VAL n 
2 112 GLY n 
2 113 LYS n 
2 114 SER n 
2 115 ASP n 
2 116 PHE n 
2 117 SER n 
2 118 GLY n 
2 119 THR n 
2 120 GLU n 
2 121 TRP n 
2 122 LYS n 
2 123 SER n 
2 124 GLN n 
# 
loop_
_entity_src_nat.entity_id 
_entity_src_nat.pdbx_src_id 
_entity_src_nat.pdbx_alt_source_flag 
_entity_src_nat.pdbx_beg_seq_num 
_entity_src_nat.pdbx_end_seq_num 
_entity_src_nat.common_name 
_entity_src_nat.pdbx_organism_scientific 
_entity_src_nat.pdbx_ncbi_taxonomy_id 
_entity_src_nat.genus 
_entity_src_nat.species 
_entity_src_nat.strain 
_entity_src_nat.tissue 
_entity_src_nat.tissue_fraction 
_entity_src_nat.pdbx_secretion 
_entity_src_nat.pdbx_fragment 
_entity_src_nat.pdbx_variant 
_entity_src_nat.pdbx_cell_line 
_entity_src_nat.pdbx_atcc 
_entity_src_nat.pdbx_cellular_location 
_entity_src_nat.pdbx_organ 
_entity_src_nat.pdbx_organelle 
_entity_src_nat.pdbx_cell 
_entity_src_nat.pdbx_plasmid_name 
_entity_src_nat.pdbx_plasmid_details 
_entity_src_nat.details 
1 1 sample 1 90  ? 'Geobacter sulfurreducens' 35554 ? ? 'ATCC 51573 / DSM 12127 / PCA' ? ? ? ? ? ? ? ? ? ? ? ? ? ? 
2 1 sample 1 124 ? 'Geobacter sulfurreducens' 35554 ? ? 'ATCC 51573 / DSM 12127 / PCA' ? ? ? ? ? ? ? ? ? ? ? ? ? ? 
# 
loop_
_chem_comp.id 
_chem_comp.type 
_chem_comp.mon_nstd_flag 
_chem_comp.name 
_chem_comp.pdbx_synonyms 
_chem_comp.formula 
_chem_comp.formula_weight 
ALA 'L-peptide linking' y ALANINE         ? 'C3 H7 N O2'     89.093  
ARG 'L-peptide linking' y ARGININE        ? 'C6 H15 N4 O2 1' 175.209 
ASN 'L-peptide linking' y ASPARAGINE      ? 'C4 H8 N2 O3'    132.118 
ASP 'L-peptide linking' y 'ASPARTIC ACID' ? 'C4 H7 N O4'     133.103 
GLN 'L-peptide linking' y GLUTAMINE       ? 'C5 H10 N2 O3'   146.144 
GLU 'L-peptide linking' y 'GLUTAMIC ACID' ? 'C5 H9 N O4'     147.129 
GLY 'peptide linking'   y GLYCINE         ? 'C2 H5 N O2'     75.067  
HIS 'L-peptide linking' y HISTIDINE       ? 'C6 H10 N3 O2 1' 156.162 
ILE 'L-peptide linking' y ISOLEUCINE      ? 'C6 H13 N O2'    131.173 
LEU 'L-peptide linking' y LEUCINE         ? 'C6 H13 N O2'    131.173 
LYS 'L-peptide linking' y LYSINE          ? 'C6 H15 N2 O2 1' 147.195 
MET 'L-peptide linking' y METHIONINE      ? 'C5 H11 N O2 S'  149.211 
PHE 'L-peptide linking' y PHENYLALANINE   ? 'C9 H11 N O2'    165.189 
PRO 'L-peptide linking' y PROLINE         ? 'C5 H9 N O2'     115.130 
SER 'L-peptide linking' y SERINE          ? 'C3 H7 N O3'     105.093 
THR 'L-peptide linking' y THREONINE       ? 'C4 H9 N O3'     119.119 
TRP 'L-peptide linking' y TRYPTOPHAN      ? 'C11 H12 N2 O2'  204.225 
TYR 'L-peptide linking' y TYROSINE        ? 'C9 H11 N O3'    181.189 
VAL 'L-peptide linking' y VALINE          ? 'C5 H11 N O2'    117.146 
# 
loop_
_pdbx_poly_seq_scheme.asym_id 
_pdbx_poly_seq_scheme.entity_id 
_pdbx_poly_seq_scheme.seq_id 
_pdbx_poly_seq_scheme.mon_id 
_pdbx_poly_seq_scheme.ndb_seq_num 
_pdbx_poly_seq_scheme.pdb_seq_num 
_pdbx_poly_seq_scheme.auth_seq_num 
_pdbx_poly_seq_scheme.pdb_mon_id 
_pdbx_poly_seq_scheme.auth_mon_id 
_pdbx_poly_seq_scheme.pdb_strand_id 
_pdbx_poly_seq_scheme.pdb_ins_code 
_pdbx_poly_seq_scheme.hetero 
A 1 1   MET 1   -28 ?   ?   ?   A . n 
A 1 2   ALA 2   -27 ?   ?   ?   A . n 
A 1 3   ASN 3   -26 ?   ?   ?   A . n 
A 1 4   TYR 4   -25 ?   ?   ?   A . n 
A 1 5   PRO 5   -24 ?   ?   ?   A . n 
A 1 6   HIS 6   -23 ?   ?   ?   A . n 
A 1 7   THR 7   -22 ?   ?   ?   A . n 
A 1 8   PRO 8   -21 ?   ?   ?   A . n 
A 1 9   THR 9   -20 ?   ?   ?   A . n 
A 1 10  GLN 10  -19 ?   ?   ?   A . n 
A 1 11  ALA 11  -18 ?   ?   ?   A . n 
A 1 12  ALA 12  -17 ?   ?   ?   A . n 
A 1 13  LYS 13  -16 ?   ?   ?   A . n 
A 1 14  ARG 14  -15 ?   ?   ?   A . n 
A 1 15  ARG 15  -14 ?   ?   ?   A . n 
A 1 16  LYS 16  -13 ?   ?   ?   A . n 
A 1 17  GLU 17  -12 ?   ?   ?   A . n 
A 1 18  THR 18  -11 ?   ?   ?   A . n 
A 1 19  LEU 19  -10 ?   ?   ?   A . n 
A 1 20  MET 20  -9  ?   ?   ?   A . n 
A 1 21  LEU 21  -8  ?   ?   ?   A . n 
A 1 22  GLN 22  -7  ?   ?   ?   A . n 
A 1 23  LYS 23  -6  ?   ?   ?   A . n 
A 1 24  LEU 24  -5  ?   ?   ?   A . n 
A 1 25  ARG 25  -4  ?   ?   ?   A . n 
A 1 26  ASN 26  -3  ?   ?   ?   A . n 
A 1 27  ARG 27  -2  ?   ?   ?   A . n 
A 1 28  LYS 28  -1  ?   ?   ?   A . n 
A 1 29  GLY 29  0   ?   ?   ?   A . n 
A 1 30  PHE 30  1   ?   ?   ?   A . n 
A 1 31  THR 31  2   2   THR THR A . n 
A 1 32  LEU 32  3   3   LEU LEU A . n 
A 1 33  ILE 33  4   4   ILE ILE A . n 
A 1 34  GLU 34  5   5   GLU GLU A . n 
A 1 35  LEU 35  6   6   LEU LEU A . n 
A 1 36  LEU 36  7   7   LEU LEU A . n 
A 1 37  ILE 37  8   8   ILE ILE A . n 
A 1 38  VAL 38  9   9   VAL VAL A . n 
A 1 39  VAL 39  10  10  VAL VAL A . n 
A 1 40  ALA 40  11  11  ALA ALA A . n 
A 1 41  ILE 41  12  12  ILE ILE A . n 
A 1 42  ILE 42  13  13  ILE ILE A . n 
A 1 43  GLY 43  14  14  GLY GLY A . n 
A 1 44  ILE 44  15  15  ILE ILE A . n 
A 1 45  LEU 45  16  16  LEU LEU A . n 
A 1 46  ALA 46  17  17  ALA ALA A . n 
A 1 47  ALA 47  18  18  ALA ALA A . n 
A 1 48  ILE 48  19  19  ILE ILE A . n 
A 1 49  ALA 49  20  20  ALA ALA A . n 
A 1 50  ILE 50  21  21  ILE ILE A . n 
A 1 51  PRO 51  22  22  PRO PRO A . n 
A 1 52  GLN 52  23  23  GLN GLN A . n 
A 1 53  PHE 53  24  24  PHE PHE A . n 
A 1 54  SER 54  25  25  SER SER A . n 
A 1 55  ALA 55  26  26  ALA ALA A . n 
A 1 56  TYR 56  27  27  TYR TYR A . n 
A 1 57  ARG 57  28  28  ARG ARG A . n 
A 1 58  VAL 58  29  29  VAL VAL A . n 
A 1 59  LYS 59  30  30  LYS LYS A . n 
A 1 60  ALA 60  31  31  ALA ALA A . n 
A 1 61  TYR 61  32  32  TYR TYR A . n 
A 1 62  ASN 62  33  33  ASN ASN A . n 
A 1 63  SER 63  34  34  SER SER A . n 
A 1 64  ALA 64  35  35  ALA ALA A . n 
A 1 65  ALA 65  36  36  ALA ALA A . n 
A 1 66  SER 66  37  37  SER SER A . n 
A 1 67  SER 67  38  38  SER SER A . n 
A 1 68  ASP 68  39  39  ASP ASP A . n 
A 1 69  LEU 69  40  40  LEU LEU A . n 
A 1 70  ARG 70  41  41  ARG ARG A . n 
A 1 71  ASN 71  42  42  ASN ASN A . n 
A 1 72  LEU 72  43  43  LEU LEU A . n 
A 1 73  LYS 73  44  44  LYS LYS A . n 
A 1 74  THR 74  45  45  THR THR A . n 
A 1 75  ALA 75  46  46  ALA ALA A . n 
A 1 76  LEU 76  47  47  LEU LEU A . n 
A 1 77  GLU 77  48  48  GLU GLU A . n 
A 1 78  SER 78  49  49  SER SER A . n 
A 1 79  ALA 79  50  50  ALA ALA A . n 
A 1 80  PHE 80  51  51  PHE PHE A . n 
A 1 81  ALA 81  52  52  ALA ALA A . n 
A 1 82  ASP 82  53  53  ASP ASP A . n 
A 1 83  ASP 83  54  54  ASP ASP A . n 
A 1 84  GLN 84  55  55  GLN GLN A . n 
A 1 85  THR 85  56  56  THR THR A . n 
A 1 86  TYR 86  57  57  TYR TYR A . n 
A 1 87  PRO 87  58  58  PRO PRO A . n 
A 1 88  PRO 88  59  59  PRO PRO A . n 
A 1 89  GLU 89  60  60  GLU GLU A . n 
A 1 90  SER 90  61  61  SER SER A . n 
B 2 1   MET 1   -19 ?   ?   ?   a . n 
B 2 2   LYS 2   -18 ?   ?   ?   a . n 
B 2 3   LYS 3   -17 ?   ?   ?   a . n 
B 2 4   ILE 4   -16 ?   ?   ?   a . n 
B 2 5   ILE 5   -15 ?   ?   ?   a . n 
B 2 6   THR 6   -14 ?   ?   ?   a . n 
B 2 7   ILE 7   -13 ?   ?   ?   a . n 
B 2 8   VAL 8   -12 ?   ?   ?   a . n 
B 2 9   ALA 9   -11 ?   ?   ?   a . n 
B 2 10  MET 10  -10 ?   ?   ?   a . n 
B 2 11  LEU 11  -9  ?   ?   ?   a . n 
B 2 12  LEU 12  -8  ?   ?   ?   a . n 
B 2 13  ALA 13  -7  ?   ?   ?   a . n 
B 2 14  MET 14  -6  ?   ?   ?   a . n 
B 2 15  GLN 15  -5  ?   ?   ?   a . n 
B 2 16  GLY 16  -4  ?   ?   ?   a . n 
B 2 17  ILE 17  -3  ?   ?   ?   a . n 
B 2 18  ALA 18  -2  ?   ?   ?   a . n 
B 2 19  ILE 19  -1  ?   ?   ?   a . n 
B 2 20  ALA 20  0   ?   ?   ?   a . n 
B 2 21  ALA 21  1   1   ALA ALA a . n 
B 2 22  GLY 22  2   2   GLY GLY a . n 
B 2 23  LYS 23  3   3   LYS LYS a . n 
B 2 24  ILE 24  4   4   ILE ILE a . n 
B 2 25  PRO 25  5   5   PRO PRO a . n 
B 2 26  THR 26  6   6   THR THR a . n 
B 2 27  THR 27  7   7   THR THR a . n 
B 2 28  THR 28  8   8   THR THR a . n 
B 2 29  MET 29  9   9   MET MET a . n 
B 2 30  GLY 30  10  10  GLY GLY a . n 
B 2 31  GLY 31  11  11  GLY GLY a . n 
B 2 32  LYS 32  12  12  LYS LYS a . n 
B 2 33  ASP 33  13  13  ASP ASP a . n 
B 2 34  PHE 34  14  14  PHE PHE a . n 
B 2 35  THR 35  15  15  THR THR a . n 
B 2 36  PHE 36  16  16  PHE PHE a . n 
B 2 37  LYS 37  17  17  LYS LYS a . n 
B 2 38  PRO 38  18  18  PRO PRO a . n 
B 2 39  SER 39  19  19  SER SER a . n 
B 2 40  THR 40  20  20  THR THR a . n 
B 2 41  ASN 41  21  21  ASN ASN a . n 
B 2 42  VAL 42  22  22  VAL VAL a . n 
B 2 43  SER 43  23  23  SER SER a . n 
B 2 44  VAL 44  24  24  VAL VAL a . n 
B 2 45  SER 45  25  25  SER SER a . n 
B 2 46  TYR 46  26  26  TYR TYR a . n 
B 2 47  PHE 47  27  27  PHE PHE a . n 
B 2 48  THR 48  28  28  THR THR a . n 
B 2 49  THR 49  29  29  THR THR a . n 
B 2 50  ASN 50  30  30  ASN ASN a . n 
B 2 51  GLY 51  31  31  GLY GLY a . n 
B 2 52  ALA 52  32  32  ALA ALA a . n 
B 2 53  THR 53  33  33  THR THR a . n 
B 2 54  SER 54  34  34  SER SER a . n 
B 2 55  THR 55  35  35  THR THR a . n 
B 2 56  ALA 56  36  36  ALA ALA a . n 
B 2 57  GLY 57  37  37  GLY GLY a . n 
B 2 58  THR 58  38  38  THR THR a . n 
B 2 59  VAL 59  39  39  VAL VAL a . n 
B 2 60  ASN 60  40  40  ASN ASN a . n 
B 2 61  THR 61  41  41  THR THR a . n 
B 2 62  ASP 62  42  42  ASP ASP a . n 
B 2 63  TYR 63  43  43  TYR TYR a . n 
B 2 64  ALA 64  44  44  ALA ALA a . n 
B 2 65  VAL 65  45  45  VAL VAL a . n 
B 2 66  ASN 66  46  46  ASN ASN a . n 
B 2 67  THR 67  47  47  THR THR a . n 
B 2 68  LYS 68  48  48  LYS LYS a . n 
B 2 69  ASN 69  49  49  ASN ASN a . n 
B 2 70  SER 70  50  50  SER SER a . n 
B 2 71  SER 71  51  51  SER SER a . n 
B 2 72  GLY 72  52  52  GLY GLY a . n 
B 2 73  ASN 73  53  53  ASN ASN a . n 
B 2 74  ARG 74  54  54  ARG ARG a . n 
B 2 75  VAL 75  55  55  VAL VAL a . n 
B 2 76  PHE 76  56  56  PHE PHE a . n 
B 2 77  THR 77  57  57  THR THR a . n 
B 2 78  SER 78  58  58  SER SER a . n 
B 2 79  THR 79  59  59  THR THR a . n 
B 2 80  ASN 80  60  60  ASN ASN a . n 
B 2 81  ASN 81  61  61  ASN ASN a . n 
B 2 82  THR 82  62  62  THR THR a . n 
B 2 83  SER 83  63  63  SER SER a . n 
B 2 84  ASN 84  64  64  ASN ASN a . n 
B 2 85  ILE 85  65  65  ILE ILE a . n 
B 2 86  TRP 86  66  66  TRP TRP a . n 
B 2 87  TYR 87  67  67  TYR TYR a . n 
B 2 88  ILE 88  68  68  ILE ILE a . n 
B 2 89  GLU 89  69  69  GLU GLU a . n 
B 2 90  ASN 90  70  70  ASN ASN a . n 
B 2 91  ASP 91  71  71  ASP ASP a . n 
B 2 92  ALA 92  72  72  ALA ALA a . n 
B 2 93  TRP 93  73  73  TRP TRP a . n 
B 2 94  LYS 94  74  74  LYS LYS a . n 
B 2 95  GLY 95  75  75  GLY GLY a . n 
B 2 96  LYS 96  76  76  LYS LYS a . n 
B 2 97  ALA 97  77  77  ALA ALA a . n 
B 2 98  VAL 98  78  78  VAL VAL a . n 
B 2 99  SER 99  79  79  SER SER a . n 
B 2 100 ASP 100 80  80  ASP ASP a . n 
B 2 101 SER 101 81  81  SER SER a . n 
B 2 102 ASP 102 82  82  ASP ASP a . n 
B 2 103 VAL 103 83  83  VAL VAL a . n 
B 2 104 THR 104 84  84  THR THR a . n 
B 2 105 ALA 105 85  85  ALA ALA a . n 
B 2 106 LEU 106 86  86  LEU LEU a . n 
B 2 107 GLY 107 87  87  GLY GLY a . n 
B 2 108 THR 108 88  88  THR THR a . n 
B 2 109 GLY 109 89  89  GLY GLY a . n 
B 2 110 ASP 110 90  90  ASP ASP a . n 
B 2 111 VAL 111 91  91  VAL VAL a . n 
B 2 112 GLY 112 92  92  GLY GLY a . n 
B 2 113 LYS 113 93  93  LYS LYS a . n 
B 2 114 SER 114 94  94  SER SER a . n 
B 2 115 ASP 115 95  95  ASP ASP a . n 
B 2 116 PHE 116 96  96  PHE PHE a . n 
B 2 117 SER 117 97  97  SER SER a . n 
B 2 118 GLY 118 98  98  GLY GLY a . n 
B 2 119 THR 119 99  99  THR THR a . n 
B 2 120 GLU 120 100 100 GLU GLU a . n 
B 2 121 TRP 121 101 101 TRP TRP a . n 
B 2 122 LYS 122 102 102 LYS LYS a . n 
B 2 123 SER 123 103 103 SER SER a . n 
B 2 124 GLN 124 104 ?   ?   ?   a . n 
# 
_software.citation_id            ? 
_software.classification         refinement 
_software.compiler_name          ? 
_software.compiler_version       ? 
_software.contact_author         ? 
_software.contact_author_email   ? 
_software.date                   ? 
_software.description            ? 
_software.dependencies           ? 
_software.hardware               ? 
_software.language               ? 
_software.location               ? 
_software.mods                   ? 
_software.name                   PHENIX 
_software.os                     ? 
_software.os_version             ? 
_software.type                   ? 
_software.version                1.19.2_4158: 
_software.pdbx_ordinal           1 
# 
_cell.angle_alpha                  90.00 
_cell.angle_alpha_esd              ? 
_cell.angle_beta                   90.00 
_cell.angle_beta_esd               ? 
_cell.angle_gamma                  90.00 
_cell.angle_gamma_esd              ? 
_cell.entry_id                     7TGG 
_cell.details                      ? 
_cell.formula_units_Z              ? 
_cell.length_a                     1.00 
_cell.length_a_esd                 ? 
_cell.length_b                     1.00 
_cell.length_b_esd                 ? 
_cell.length_c                     1.00 
_cell.length_c_esd                 ? 
_cell.volume                       ? 
_cell.volume_esd                   ? 
_cell.Z_PDB                        ? 
_cell.reciprocal_angle_alpha       ? 
_cell.reciprocal_angle_beta        ? 
_cell.reciprocal_angle_gamma       ? 
_cell.reciprocal_angle_alpha_esd   ? 
_cell.reciprocal_angle_beta_esd    ? 
_cell.reciprocal_angle_gamma_esd   ? 
_cell.reciprocal_length_a          ? 
_cell.reciprocal_length_b          ? 
_cell.reciprocal_length_c          ? 
_cell.reciprocal_length_a_esd      ? 
_cell.reciprocal_length_b_esd      ? 
_cell.reciprocal_length_c_esd      ? 
_cell.pdbx_unique_axis             ? 
# 
_symmetry.entry_id                         7TGG 
_symmetry.cell_setting                     ? 
_symmetry.Int_Tables_number                1 
_symmetry.space_group_name_Hall            ? 
_symmetry.space_group_name_H-M             'P 1' 
_symmetry.pdbx_full_space_group_name_H-M   ? 
# 
_exptl.absorpt_coefficient_mu     ? 
_exptl.absorpt_correction_T_max   ? 
_exptl.absorpt_correction_T_min   ? 
_exptl.absorpt_correction_type    ? 
_exptl.absorpt_process_details    ? 
_exptl.entry_id                   7TGG 
_exptl.crystals_number            ? 
_exptl.details                    ? 
_exptl.method                     'ELECTRON MICROSCOPY' 
_exptl.method_details             ? 
# 
_refine.pdbx_refine_id                           'ELECTRON MICROSCOPY' 
_refine.entry_id                                 7TGG 
_refine.pdbx_diffrn_id                           ? 
_refine.pdbx_TLS_residual_ADP_flag               ? 
_refine.ls_number_reflns_obs                     ? 
_refine.ls_number_reflns_all                     ? 
_refine.pdbx_ls_sigma_I                          ? 
_refine.pdbx_ls_sigma_F                          ? 
_refine.pdbx_data_cutoff_high_absF               ? 
_refine.pdbx_data_cutoff_low_absF                ? 
_refine.pdbx_data_cutoff_high_rms_absF           ? 
_refine.ls_d_res_low                             ? 
_refine.ls_d_res_high                            . 
_refine.ls_percent_reflns_obs                    ? 
_refine.ls_R_factor_obs                          ? 
_refine.ls_R_factor_all                          ? 
_refine.ls_R_factor_R_work                       ? 
_refine.ls_R_factor_R_free                       ? 
_refine.ls_R_factor_R_free_error                 ? 
_refine.ls_R_factor_R_free_error_details         ? 
_refine.ls_percent_reflns_R_free                 ? 
_refine.ls_number_reflns_R_free                  ? 
_refine.ls_number_parameters                     ? 
_refine.ls_number_restraints                     ? 
_refine.occupancy_min                            ? 
_refine.occupancy_max                            ? 
_refine.correlation_coeff_Fo_to_Fc               ? 
_refine.correlation_coeff_Fo_to_Fc_free          ? 
_refine.B_iso_mean                               ? 
_refine.aniso_B[1][1]                            ? 
_refine.aniso_B[2][2]                            ? 
_refine.aniso_B[3][3]                            ? 
_refine.aniso_B[1][2]                            ? 
_refine.aniso_B[1][3]                            ? 
_refine.aniso_B[2][3]                            ? 
_refine.solvent_model_details                    ? 
_refine.solvent_model_param_ksol                 ? 
_refine.solvent_model_param_bsol                 ? 
_refine.pdbx_solvent_vdw_probe_radii             ? 
_refine.pdbx_solvent_ion_probe_radii             ? 
_refine.pdbx_solvent_shrinkage_radii             ? 
_refine.pdbx_ls_cross_valid_method               ? 
_refine.details                                  ? 
_refine.pdbx_starting_model                      ? 
_refine.pdbx_method_to_determine_struct          ? 
_refine.pdbx_isotropic_thermal_model             ? 
_refine.pdbx_stereochemistry_target_values       ? 
_refine.pdbx_stereochem_target_val_spec_case     ? 
_refine.pdbx_R_Free_selection_details            ? 
_refine.pdbx_overall_ESU_R                       ? 
_refine.pdbx_overall_ESU_R_Free                  ? 
_refine.overall_SU_ML                            ? 
_refine.pdbx_overall_phase_error                 ? 
_refine.overall_SU_B                             ? 
_refine.overall_SU_R_Cruickshank_DPI             ? 
_refine.pdbx_overall_SU_R_free_Cruickshank_DPI   ? 
_refine.pdbx_overall_SU_R_Blow_DPI               ? 
_refine.pdbx_overall_SU_R_free_Blow_DPI          ? 
# 
loop_
_refine_ls_restr.pdbx_refine_id 
_refine_ls_restr.criterion 
_refine_ls_restr.dev_ideal 
_refine_ls_restr.dev_ideal_target 
_refine_ls_restr.number 
_refine_ls_restr.rejects 
_refine_ls_restr.type 
_refine_ls_restr.weight 
_refine_ls_restr.pdbx_restraint_function 
'ELECTRON MICROSCOPY' ? 0.003 ? 18585 ? f_bond_d           ? ? 
'ELECTRON MICROSCOPY' ? 0.656 ? 25335 ? f_angle_d          ? ? 
'ELECTRON MICROSCOPY' ? 7.829 ? 2565  ? f_dihedral_angle_d ? ? 
'ELECTRON MICROSCOPY' ? 0.045 ? 3015  ? f_chiral_restr     ? ? 
'ELECTRON MICROSCOPY' ? 0.006 ? 3225  ? f_plane_restr      ? ? 
# 
_struct.entry_id                     7TGG 
_struct.title                        'Cryo-EM structure of PilA-N and PilA-C from Geobacter sulfurreducens' 
_struct.pdbx_model_details           ? 
_struct.pdbx_formula_weight          ? 
_struct.pdbx_formula_weight_method   ? 
_struct.pdbx_model_type_details      ? 
_struct.pdbx_CASP_flag               N 
# 
_struct_keywords.entry_id        7TGG 
_struct_keywords.text            'helical symmetry, filament, pili, type iv pili, pseudo pili, PROTEIN FIBRIL' 
_struct_keywords.pdbx_keywords   'PROTEIN FIBRIL' 
# 
loop_
_struct_asym.id 
_struct_asym.pdbx_blank_PDB_chainid_flag 
_struct_asym.pdbx_modified 
_struct_asym.entity_id 
_struct_asym.details 
A N N 1 ? 
B N N 2 ? 
# 
loop_
_struct_ref.id 
_struct_ref.db_name 
_struct_ref.db_code 
_struct_ref.pdbx_db_accession 
_struct_ref.pdbx_db_isoform 
_struct_ref.entity_id 
_struct_ref.pdbx_seq_one_letter_code 
_struct_ref.pdbx_align_begin 
1 UNP Q74D23_GEOSL Q74D23 ? 1 
;MANYPHTPTQAAKRRKETLMLQKLRNRKGFTLIELLIVVAIIGILAAIAIPQFSAYRVKAYNSAASSDLRNLKTALESAF
ADDQTYPPES
;
1 
2 UNP Q74D22_GEOSL Q74D22 ? 2 
;MKKIITIVAMLLAMQGIAIAAGKIPTTTMGGKDFTFKPSTNVSVSYFTTNGATSTAGTVNTDYAVNTKNSSGNRVFTSTN
NTSNIWYIENDAWKGKAVSDSDVTALGTGDVGKSDFSGTEWKSQ
;
1 
# 
loop_
_struct_ref_seq.align_id 
_struct_ref_seq.ref_id 
_struct_ref_seq.pdbx_PDB_id_code 
_struct_ref_seq.pdbx_strand_id 
_struct_ref_seq.seq_align_beg 
_struct_ref_seq.pdbx_seq_align_beg_ins_code 
_struct_ref_seq.seq_align_end 
_struct_ref_seq.pdbx_seq_align_end_ins_code 
_struct_ref_seq.pdbx_db_accession 
_struct_ref_seq.db_align_beg 
_struct_ref_seq.pdbx_db_align_beg_ins_code 
_struct_ref_seq.db_align_end 
_struct_ref_seq.pdbx_db_align_end_ins_code 
_struct_ref_seq.pdbx_auth_seq_align_beg 
_struct_ref_seq.pdbx_auth_seq_align_end 
1 1 7TGG A 1 ? 90  ? Q74D23 1 ? 90  ? -28 61  
2 2 7TGG a 1 ? 124 ? Q74D22 1 ? 124 ? -19 104 
# 
_pdbx_struct_assembly.id                   1 
_pdbx_struct_assembly.details              software_defined_assembly 
_pdbx_struct_assembly.method_details       'UCSF CHIMERA 1.14_b42059.' 
_pdbx_struct_assembly.oligomeric_details   30-meric 
_pdbx_struct_assembly.oligomeric_count     30 
# 
_pdbx_struct_assembly_gen.assembly_id       1 
_pdbx_struct_assembly_gen.oper_expression   1,2,3,4,5,6,7,8,9,10,11,12,13,14,15 
_pdbx_struct_assembly_gen.asym_id_list      A,B 
# 
_pdbx_struct_assembly_auth_evidence.id                     1 
_pdbx_struct_assembly_auth_evidence.assembly_id            1 
_pdbx_struct_assembly_auth_evidence.experimental_support   'electron microscopy' 
_pdbx_struct_assembly_auth_evidence.details                ? 
# 
loop_
_pdbx_struct_oper_list.id 
_pdbx_struct_oper_list.type 
_pdbx_struct_oper_list.name 
_pdbx_struct_oper_list.symmetry_operation 
_pdbx_struct_oper_list.matrix[1][1] 
_pdbx_struct_oper_list.matrix[1][2] 
_pdbx_struct_oper_list.matrix[1][3] 
_pdbx_struct_oper_list.vector[1] 
_pdbx_struct_oper_list.matrix[2][1] 
_pdbx_struct_oper_list.matrix[2][2] 
_pdbx_struct_oper_list.matrix[2][3] 
_pdbx_struct_oper_list.vector[2] 
_pdbx_struct_oper_list.matrix[3][1] 
_pdbx_struct_oper_list.matrix[3][2] 
_pdbx_struct_oper_list.matrix[3][3] 
_pdbx_struct_oper_list.vector[3] 
1  'identity operation'         1_555 x,y,z 1.0000000000 0.0000000000 0.0000000000 0.0000000000 0.0000000000 1.0000000000 0.0000000000 0.0000000000 0.0000000000 0.0000000000 1.0000000000 0.0000000000 
2  'helical symmetry operation' ?     ?     -0.95571884  -0.29306579  -0.02671989  -44.32491    -0.21827390  0.64504758   0.73230467   48.85606     -0.19737785  0.70570962   -0.68045274  29.30856     
3  'helical symmetry operation' ?     ?     0.09685838   -0.51421466  0.85217432   -27.94733    0.27808044   0.83608467   0.47289912   49.77091     -0.95566158  0.19116901   0.22397495   6.95336      
4  'helical symmetry operation' ?     ?     0.99806639   0.02469865   -0.05704422  -5.61733     -0.02520421  0.99964906   -0.00816153  37.18335     0.05682266   0.00958329   0.99833855   17.52417     
5  'helical symmetry operation' ?     ?     -0.02619960  0.26277716   -0.96450088  -18.40943    -0.53108597  0.81375031   0.23613168   17.36679     0.84691291   0.51841937   0.11823730   32.10095     
6  'helical symmetry operation' ?     ?     -0.95958507  -0.26865715  -0.08378960  -38.25731    -0.24369340  0.64434587   0.72486694   10.82553     -0.14075115  0.71599015   -0.68377480  13.87757     
7  'helical symmetry operation' ?     ?     0.03535928   -0.52343062  0.85133472   -23.20473    0.27121692   0.82492291   0.49592711   11.93032     -0.96186892  0.21336050   0.17113181   -9.38219     
8  'helical symmetry operation' ?     ?     0.03535928   0.27121692   -0.96186892  -11.43963    -0.52343062  0.82492291   0.21336050   -19.98587    0.85133472   0.49592711   0.17113181   15.44401     
9  'helical symmetry operation' ?     ?     -0.95958507  -0.24369340  -0.14075115  -32.11973    -0.26865715  0.64434587   0.71599015   -27.18968    -0.08378960  0.72486694   -0.68377480  -1.56350     
10 'helical symmetry operation' ?     ?     -0.02619960  -0.53108597  0.84691291   -18.44577    0.26277716   0.81375031   0.51841937   -25.93640    -0.96450088  0.23613168   0.11823730   -25.65229    
11 'helical symmetry operation' ?     ?     0.99806639   -0.02520421  0.05682266   5.54788      0.02469865   0.99964906   0.00958329   -37.19950    -0.05704422  -0.00816153  0.99833855   -17.51202    
12 'helical symmetry operation' ?     ?     0.09685838   0.27808044   -0.95566158  -4.48833     -0.51421466  0.83608467   0.19116901   -57.31289    0.85217432   0.47289912   0.22397495   -1.27800     
13 'helical symmetry operation' ?     ?     -0.95571884  -0.21827390  -0.19737785  -25.91329    -0.29306579  0.64504758   0.70570962   -65.18793    -0.02671989  0.73230467   -0.68045274  -17.01878    
14 'helical symmetry operation' ?     ?     -0.08757718  -0.53715117  0.83892722   -13.66613    0.25279466   0.80261061   0.54028796   -63.82822    -0.96354819  0.25939321   0.06549857   -41.85778    
15 'helical symmetry operation' ?     ?     0.99227243   -0.05081413  0.11319837   11.02755     0.04879369   0.99859749   0.02055063   -74.41675    -0.11408384  -0.01486865  0.99336008   -35.00779     
# 
loop_
_struct_conf.conf_type_id 
_struct_conf.id 
_struct_conf.pdbx_PDB_helix_id 
_struct_conf.beg_label_comp_id 
_struct_conf.beg_label_asym_id 
_struct_conf.beg_label_seq_id 
_struct_conf.pdbx_beg_PDB_ins_code 
_struct_conf.end_label_comp_id 
_struct_conf.end_label_asym_id 
_struct_conf.end_label_seq_id 
_struct_conf.pdbx_end_PDB_ins_code 
_struct_conf.beg_auth_comp_id 
_struct_conf.beg_auth_asym_id 
_struct_conf.beg_auth_seq_id 
_struct_conf.end_auth_comp_id 
_struct_conf.end_auth_asym_id 
_struct_conf.end_auth_seq_id 
_struct_conf.pdbx_PDB_helix_class 
_struct_conf.details 
_struct_conf.pdbx_PDB_helix_length 
HELX_P HELX_P1 AA1 ILE A 33 ? ALA A 46 ? ILE A 4  ALA A 17 1 ? 14 
HELX_P HELX_P2 AA2 SER A 54 ? GLN A 84 ? SER A 25 GLN A 55 1 ? 31 
# 
_struct_conf_type.id          HELX_P 
_struct_conf_type.criteria    ? 
_struct_conf_type.reference   ? 
# 
_struct_sheet.id               AA1 
_struct_sheet.type             ? 
_struct_sheet.number_strands   4 
_struct_sheet.details          ? 
# 
loop_
_struct_sheet_order.sheet_id 
_struct_sheet_order.range_id_1 
_struct_sheet_order.range_id_2 
_struct_sheet_order.offset 
_struct_sheet_order.sense 
AA1 1 2 ? anti-parallel 
AA1 2 3 ? anti-parallel 
AA1 3 4 ? anti-parallel 
# 
loop_
_struct_sheet_range.sheet_id 
_struct_sheet_range.id 
_struct_sheet_range.beg_label_comp_id 
_struct_sheet_range.beg_label_asym_id 
_struct_sheet_range.beg_label_seq_id 
_struct_sheet_range.pdbx_beg_PDB_ins_code 
_struct_sheet_range.end_label_comp_id 
_struct_sheet_range.end_label_asym_id 
_struct_sheet_range.end_label_seq_id 
_struct_sheet_range.pdbx_end_PDB_ins_code 
_struct_sheet_range.beg_auth_comp_id 
_struct_sheet_range.beg_auth_asym_id 
_struct_sheet_range.beg_auth_seq_id 
_struct_sheet_range.end_auth_comp_id 
_struct_sheet_range.end_auth_asym_id 
_struct_sheet_range.end_auth_seq_id 
AA1 1 VAL B 42 ? THR B 48 ? VAL a 22 THR a 28 
AA1 2 TYR B 63 ? ASN B 69 ? TYR a 43 ASN a 49 
AA1 3 VAL B 75 ? THR B 79 ? VAL a 55 THR a 59 
AA1 4 TRP B 86 ? TYR B 87 ? TRP a 66 TYR a 67 
# 
loop_
_pdbx_struct_sheet_hbond.sheet_id 
_pdbx_struct_sheet_hbond.range_id_1 
_pdbx_struct_sheet_hbond.range_id_2 
_pdbx_struct_sheet_hbond.range_1_label_atom_id 
_pdbx_struct_sheet_hbond.range_1_label_comp_id 
_pdbx_struct_sheet_hbond.range_1_label_asym_id 
_pdbx_struct_sheet_hbond.range_1_label_seq_id 
_pdbx_struct_sheet_hbond.range_1_PDB_ins_code 
_pdbx_struct_sheet_hbond.range_1_auth_atom_id 
_pdbx_struct_sheet_hbond.range_1_auth_comp_id 
_pdbx_struct_sheet_hbond.range_1_auth_asym_id 
_pdbx_struct_sheet_hbond.range_1_auth_seq_id 
_pdbx_struct_sheet_hbond.range_2_label_atom_id 
_pdbx_struct_sheet_hbond.range_2_label_comp_id 
_pdbx_struct_sheet_hbond.range_2_label_asym_id 
_pdbx_struct_sheet_hbond.range_2_label_seq_id 
_pdbx_struct_sheet_hbond.range_2_PDB_ins_code 
_pdbx_struct_sheet_hbond.range_2_auth_atom_id 
_pdbx_struct_sheet_hbond.range_2_auth_comp_id 
_pdbx_struct_sheet_hbond.range_2_auth_asym_id 
_pdbx_struct_sheet_hbond.range_2_auth_seq_id 
AA1 1 2 N SER B 43 ? N SER a 23 O LYS B 68 ? O LYS a 48 
AA1 2 3 N THR B 67 ? N THR a 47 O PHE B 76 ? O PHE a 56 
AA1 3 4 N THR B 77 ? N THR a 57 O TRP B 86 ? O TRP a 66 
# 
_pdbx_entry_details.entry_id                   7TGG 
_pdbx_entry_details.compound_details           ? 
_pdbx_entry_details.source_details             ? 
_pdbx_entry_details.nonpolymer_details         ? 
_pdbx_entry_details.sequence_details           ? 
_pdbx_entry_details.has_ligand_of_interest     ? 
_pdbx_entry_details.has_protein_modification   N 
# 
_pdbx_validate_close_contact.id               1 
_pdbx_validate_close_contact.PDB_model_num    1 
_pdbx_validate_close_contact.auth_atom_id_1   O 
_pdbx_validate_close_contact.auth_asym_id_1   A 
_pdbx_validate_close_contact.auth_comp_id_1   ASN 
_pdbx_validate_close_contact.auth_seq_id_1    42 
_pdbx_validate_close_contact.PDB_ins_code_1   ? 
_pdbx_validate_close_contact.label_alt_id_1   ? 
_pdbx_validate_close_contact.auth_atom_id_2   OG1 
_pdbx_validate_close_contact.auth_asym_id_2   A 
_pdbx_validate_close_contact.auth_comp_id_2   THR 
_pdbx_validate_close_contact.auth_seq_id_2    45 
_pdbx_validate_close_contact.PDB_ins_code_2   ? 
_pdbx_validate_close_contact.label_alt_id_2   ? 
_pdbx_validate_close_contact.dist             2.13 
# 
loop_
_pdbx_validate_torsion.id 
_pdbx_validate_torsion.PDB_model_num 
_pdbx_validate_torsion.auth_comp_id 
_pdbx_validate_torsion.auth_asym_id 
_pdbx_validate_torsion.auth_seq_id 
_pdbx_validate_torsion.PDB_ins_code 
_pdbx_validate_torsion.label_alt_id 
_pdbx_validate_torsion.phi 
_pdbx_validate_torsion.psi 
1 1 PHE A 24 ? ? -105.29 62.67  
2 1 GLN A 55 ? ? 58.90   14.11  
3 1 ALA a 36 ? ? 59.21   16.52  
4 1 ASN a 61 ? ? -91.65  51.24  
5 1 ASN a 64 ? ? 66.82   163.15 
6 1 ASP a 90 ? ? 38.74   49.50  
7 1 SER a 97 ? ? -94.07  -63.96 
# 
_em_3d_fitting.entry_id          7TGG 
_em_3d_fitting.id                1 
_em_3d_fitting.details           ? 
_em_3d_fitting.overall_b_value   ? 
_em_3d_fitting.ref_protocol      ? 
_em_3d_fitting.ref_space         ? 
_em_3d_fitting.target_criteria   ? 
_em_3d_fitting.method            ? 
# 
_em_3d_reconstruction.entry_id                    7TGG 
_em_3d_reconstruction.id                          1 
_em_3d_reconstruction.algorithm                   ? 
_em_3d_reconstruction.details                     ? 
_em_3d_reconstruction.refinement_type             ? 
_em_3d_reconstruction.image_processing_id         1 
_em_3d_reconstruction.num_class_averages          ? 
_em_3d_reconstruction.num_particles               112011 
_em_3d_reconstruction.resolution                  4.1 
_em_3d_reconstruction.resolution_method           'FSC 0.143 CUT-OFF' 
_em_3d_reconstruction.symmetry_type               HELICAL 
_em_3d_reconstruction.method                      ? 
_em_3d_reconstruction.nominal_pixel_size          ? 
_em_3d_reconstruction.actual_pixel_size           ? 
_em_3d_reconstruction.magnification_calibration   ? 
# 
_em_buffer.id            1 
_em_buffer.details       ? 
_em_buffer.pH            6 
_em_buffer.specimen_id   1 
_em_buffer.name          ? 
# 
_em_entity_assembly.id                   1 
_em_entity_assembly.parent_id            0 
_em_entity_assembly.details              ? 
_em_entity_assembly.name                 'Filament of PilA-N and PilA-C proteins' 
_em_entity_assembly.source               NATURAL 
_em_entity_assembly.type                 COMPLEX 
_em_entity_assembly.entity_id_list       '1, 2' 
_em_entity_assembly.synonym              ? 
_em_entity_assembly.oligomeric_details   ? 
# 
_em_imaging.id                              1 
_em_imaging.entry_id                        7TGG 
_em_imaging.accelerating_voltage            300 
_em_imaging.alignment_procedure             ? 
_em_imaging.c2_aperture_diameter            ? 
_em_imaging.calibrated_defocus_max          ? 
_em_imaging.calibrated_defocus_min          ? 
_em_imaging.calibrated_magnification        ? 
_em_imaging.cryogen                         ? 
_em_imaging.details                         ? 
_em_imaging.electron_source                 'FIELD EMISSION GUN' 
_em_imaging.illumination_mode               'FLOOD BEAM' 
_em_imaging.microscope_model                'FEI TITAN KRIOS' 
_em_imaging.mode                            'BRIGHT FIELD' 
_em_imaging.nominal_cs                      ? 
_em_imaging.nominal_defocus_max             3000 
_em_imaging.nominal_defocus_min             1000 
_em_imaging.nominal_magnification           ? 
_em_imaging.recording_temperature_maximum   ? 
_em_imaging.recording_temperature_minimum   ? 
_em_imaging.residual_tilt                   ? 
_em_imaging.specimen_holder_model           ? 
_em_imaging.specimen_id                     1 
_em_imaging.citation_id                     ? 
_em_imaging.date                            ? 
_em_imaging.temperature                     ? 
_em_imaging.tilt_angle_min                  ? 
_em_imaging.tilt_angle_max                  ? 
_em_imaging.astigmatism                     ? 
_em_imaging.detector_distance               ? 
_em_imaging.electron_beam_tilt_params       ? 
_em_imaging.specimen_holder_type            ? 
# 
_em_vitrification.id                    1 
_em_vitrification.specimen_id           1 
_em_vitrification.chamber_temperature   ? 
_em_vitrification.cryogen_name          ETHANE 
_em_vitrification.details               ? 
_em_vitrification.humidity              ? 
_em_vitrification.instrument            ? 
_em_vitrification.entry_id              7TGG 
_em_vitrification.citation_id           ? 
_em_vitrification.method                ? 
_em_vitrification.temp                  ? 
_em_vitrification.time_resolved_state   ? 
# 
_em_experiment.entry_id                7TGG 
_em_experiment.id                      1 
_em_experiment.aggregation_state       FILAMENT 
_em_experiment.reconstruction_method   HELICAL 
_em_experiment.entity_assembly_id      1 
# 
loop_
_pdbx_unobs_or_zero_occ_residues.id 
_pdbx_unobs_or_zero_occ_residues.PDB_model_num 
_pdbx_unobs_or_zero_occ_residues.polymer_flag 
_pdbx_unobs_or_zero_occ_residues.occupancy_flag 
_pdbx_unobs_or_zero_occ_residues.auth_asym_id 
_pdbx_unobs_or_zero_occ_residues.auth_comp_id 
_pdbx_unobs_or_zero_occ_residues.auth_seq_id 
_pdbx_unobs_or_zero_occ_residues.PDB_ins_code 
_pdbx_unobs_or_zero_occ_residues.label_asym_id 
_pdbx_unobs_or_zero_occ_residues.label_comp_id 
_pdbx_unobs_or_zero_occ_residues.label_seq_id 
1  1 Y 1 A MET -28 ? A MET 1   
2  1 Y 1 A ALA -27 ? A ALA 2   
3  1 Y 1 A ASN -26 ? A ASN 3   
4  1 Y 1 A TYR -25 ? A TYR 4   
5  1 Y 1 A PRO -24 ? A PRO 5   
6  1 Y 1 A HIS -23 ? A HIS 6   
7  1 Y 1 A THR -22 ? A THR 7   
8  1 Y 1 A PRO -21 ? A PRO 8   
9  1 Y 1 A THR -20 ? A THR 9   
10 1 Y 1 A GLN -19 ? A GLN 10  
11 1 Y 1 A ALA -18 ? A ALA 11  
12 1 Y 1 A ALA -17 ? A ALA 12  
13 1 Y 1 A LYS -16 ? A LYS 13  
14 1 Y 1 A ARG -15 ? A ARG 14  
15 1 Y 1 A ARG -14 ? A ARG 15  
16 1 Y 1 A LYS -13 ? A LYS 16  
17 1 Y 1 A GLU -12 ? A GLU 17  
18 1 Y 1 A THR -11 ? A THR 18  
19 1 Y 1 A LEU -10 ? A LEU 19  
20 1 Y 1 A MET -9  ? A MET 20  
21 1 Y 1 A LEU -8  ? A LEU 21  
22 1 Y 1 A GLN -7  ? A GLN 22  
23 1 Y 1 A LYS -6  ? A LYS 23  
24 1 Y 1 A LEU -5  ? A LEU 24  
25 1 Y 1 A ARG -4  ? A ARG 25  
26 1 Y 1 A ASN -3  ? A ASN 26  
27 1 Y 1 A ARG -2  ? A ARG 27  
28 1 Y 1 A LYS -1  ? A LYS 28  
29 1 Y 1 A GLY 0   ? A GLY 29  
30 1 Y 1 A PHE 1   ? A PHE 30  
31 1 Y 1 a MET -19 ? B MET 1   
32 1 Y 1 a LYS -18 ? B LYS 2   
33 1 Y 1 a LYS -17 ? B LYS 3   
34 1 Y 1 a ILE -16 ? B ILE 4   
35 1 Y 1 a ILE -15 ? B ILE 5   
36 1 Y 1 a THR -14 ? B THR 6   
37 1 Y 1 a ILE -13 ? B ILE 7   
38 1 Y 1 a VAL -12 ? B VAL 8   
39 1 Y 1 a ALA -11 ? B ALA 9   
40 1 Y 1 a MET -10 ? B MET 10  
41 1 Y 1 a LEU -9  ? B LEU 11  
42 1 Y 1 a LEU -8  ? B LEU 12  
43 1 Y 1 a ALA -7  ? B ALA 13  
44 1 Y 1 a MET -6  ? B MET 14  
45 1 Y 1 a GLN -5  ? B GLN 15  
46 1 Y 1 a GLY -4  ? B GLY 16  
47 1 Y 1 a ILE -3  ? B ILE 17  
48 1 Y 1 a ALA -2  ? B ALA 18  
49 1 Y 1 a ILE -1  ? B ILE 19  
50 1 Y 1 a ALA 0   ? B ALA 20  
51 1 Y 1 a GLN 104 ? B GLN 124 
# 
loop_
_chem_comp_atom.comp_id 
_chem_comp_atom.atom_id 
_chem_comp_atom.type_symbol 
_chem_comp_atom.pdbx_aromatic_flag 
_chem_comp_atom.pdbx_stereo_config 
_chem_comp_atom.pdbx_ordinal 
ALA N    N N N 1   
ALA CA   C N S 2   
ALA C    C N N 3   
ALA O    O N N 4   
ALA CB   C N N 5   
ALA OXT  O N N 6   
ALA H    H N N 7   
ALA H2   H N N 8   
ALA HA   H N N 9   
ALA HB1  H N N 10  
ALA HB2  H N N 11  
ALA HB3  H N N 12  
ALA HXT  H N N 13  
ARG N    N N N 14  
ARG CA   C N S 15  
ARG C    C N N 16  
ARG O    O N N 17  
ARG CB   C N N 18  
ARG CG   C N N 19  
ARG CD   C N N 20  
ARG NE   N N N 21  
ARG CZ   C N N 22  
ARG NH1  N N N 23  
ARG NH2  N N N 24  
ARG OXT  O N N 25  
ARG H    H N N 26  
ARG H2   H N N 27  
ARG HA   H N N 28  
ARG HB2  H N N 29  
ARG HB3  H N N 30  
ARG HG2  H N N 31  
ARG HG3  H N N 32  
ARG HD2  H N N 33  
ARG HD3  H N N 34  
ARG HE   H N N 35  
ARG HH11 H N N 36  
ARG HH12 H N N 37  
ARG HH21 H N N 38  
ARG HH22 H N N 39  
ARG HXT  H N N 40  
ASN N    N N N 41  
ASN CA   C N S 42  
ASN C    C N N 43  
ASN O    O N N 44  
ASN CB   C N N 45  
ASN CG   C N N 46  
ASN OD1  O N N 47  
ASN ND2  N N N 48  
ASN OXT  O N N 49  
ASN H    H N N 50  
ASN H2   H N N 51  
ASN HA   H N N 52  
ASN HB2  H N N 53  
ASN HB3  H N N 54  
ASN HD21 H N N 55  
ASN HD22 H N N 56  
ASN HXT  H N N 57  
ASP N    N N N 58  
ASP CA   C N S 59  
ASP C    C N N 60  
ASP O    O N N 61  
ASP CB   C N N 62  
ASP CG   C N N 63  
ASP OD1  O N N 64  
ASP OD2  O N N 65  
ASP OXT  O N N 66  
ASP H    H N N 67  
ASP H2   H N N 68  
ASP HA   H N N 69  
ASP HB2  H N N 70  
ASP HB3  H N N 71  
ASP HD2  H N N 72  
ASP HXT  H N N 73  
GLN N    N N N 74  
GLN CA   C N S 75  
GLN C    C N N 76  
GLN O    O N N 77  
GLN CB   C N N 78  
GLN CG   C N N 79  
GLN CD   C N N 80  
GLN OE1  O N N 81  
GLN NE2  N N N 82  
GLN OXT  O N N 83  
GLN H    H N N 84  
GLN H2   H N N 85  
GLN HA   H N N 86  
GLN HB2  H N N 87  
GLN HB3  H N N 88  
GLN HG2  H N N 89  
GLN HG3  H N N 90  
GLN HE21 H N N 91  
GLN HE22 H N N 92  
GLN HXT  H N N 93  
GLU N    N N N 94  
GLU CA   C N S 95  
GLU C    C N N 96  
GLU O    O N N 97  
GLU CB   C N N 98  
GLU CG   C N N 99  
GLU CD   C N N 100 
GLU OE1  O N N 101 
GLU OE2  O N N 102 
GLU OXT  O N N 103 
GLU H    H N N 104 
GLU H2   H N N 105 
GLU HA   H N N 106 
GLU HB2  H N N 107 
GLU HB3  H N N 108 
GLU HG2  H N N 109 
GLU HG3  H N N 110 
GLU HE2  H N N 111 
GLU HXT  H N N 112 
GLY N    N N N 113 
GLY CA   C N N 114 
GLY C    C N N 115 
GLY O    O N N 116 
GLY OXT  O N N 117 
GLY H    H N N 118 
GLY H2   H N N 119 
GLY HA2  H N N 120 
GLY HA3  H N N 121 
GLY HXT  H N N 122 
HIS N    N N N 123 
HIS CA   C N S 124 
HIS C    C N N 125 
HIS O    O N N 126 
HIS CB   C N N 127 
HIS CG   C Y N 128 
HIS ND1  N Y N 129 
HIS CD2  C Y N 130 
HIS CE1  C Y N 131 
HIS NE2  N Y N 132 
HIS OXT  O N N 133 
HIS H    H N N 134 
HIS H2   H N N 135 
HIS HA   H N N 136 
HIS HB2  H N N 137 
HIS HB3  H N N 138 
HIS HD1  H N N 139 
HIS HD2  H N N 140 
HIS HE1  H N N 141 
HIS HE2  H N N 142 
HIS HXT  H N N 143 
ILE N    N N N 144 
ILE CA   C N S 145 
ILE C    C N N 146 
ILE O    O N N 147 
ILE CB   C N S 148 
ILE CG1  C N N 149 
ILE CG2  C N N 150 
ILE CD1  C N N 151 
ILE OXT  O N N 152 
ILE H    H N N 153 
ILE H2   H N N 154 
ILE HA   H N N 155 
ILE HB   H N N 156 
ILE HG12 H N N 157 
ILE HG13 H N N 158 
ILE HG21 H N N 159 
ILE HG22 H N N 160 
ILE HG23 H N N 161 
ILE HD11 H N N 162 
ILE HD12 H N N 163 
ILE HD13 H N N 164 
ILE HXT  H N N 165 
LEU N    N N N 166 
LEU CA   C N S 167 
LEU C    C N N 168 
LEU O    O N N 169 
LEU CB   C N N 170 
LEU CG   C N N 171 
LEU CD1  C N N 172 
LEU CD2  C N N 173 
LEU OXT  O N N 174 
LEU H    H N N 175 
LEU H2   H N N 176 
LEU HA   H N N 177 
LEU HB2  H N N 178 
LEU HB3  H N N 179 
LEU HG   H N N 180 
LEU HD11 H N N 181 
LEU HD12 H N N 182 
LEU HD13 H N N 183 
LEU HD21 H N N 184 
LEU HD22 H N N 185 
LEU HD23 H N N 186 
LEU HXT  H N N 187 
LYS N    N N N 188 
LYS CA   C N S 189 
LYS C    C N N 190 
LYS O    O N N 191 
LYS CB   C N N 192 
LYS CG   C N N 193 
LYS CD   C N N 194 
LYS CE   C N N 195 
LYS NZ   N N N 196 
LYS OXT  O N N 197 
LYS H    H N N 198 
LYS H2   H N N 199 
LYS HA   H N N 200 
LYS HB2  H N N 201 
LYS HB3  H N N 202 
LYS HG2  H N N 203 
LYS HG3  H N N 204 
LYS HD2  H N N 205 
LYS HD3  H N N 206 
LYS HE2  H N N 207 
LYS HE3  H N N 208 
LYS HZ1  H N N 209 
LYS HZ2  H N N 210 
LYS HZ3  H N N 211 
LYS HXT  H N N 212 
MET N    N N N 213 
MET CA   C N S 214 
MET C    C N N 215 
MET O    O N N 216 
MET CB   C N N 217 
MET CG   C N N 218 
MET SD   S N N 219 
MET CE   C N N 220 
MET OXT  O N N 221 
MET H    H N N 222 
MET H2   H N N 223 
MET HA   H N N 224 
MET HB2  H N N 225 
MET HB3  H N N 226 
MET HG2  H N N 227 
MET HG3  H N N 228 
MET HE1  H N N 229 
MET HE2  H N N 230 
MET HE3  H N N 231 
MET HXT  H N N 232 
PHE N    N N N 233 
PHE CA   C N S 234 
PHE C    C N N 235 
PHE O    O N N 236 
PHE CB   C N N 237 
PHE CG   C Y N 238 
PHE CD1  C Y N 239 
PHE CD2  C Y N 240 
PHE CE1  C Y N 241 
PHE CE2  C Y N 242 
PHE CZ   C Y N 243 
PHE OXT  O N N 244 
PHE H    H N N 245 
PHE H2   H N N 246 
PHE HA   H N N 247 
PHE HB2  H N N 248 
PHE HB3  H N N 249 
PHE HD1  H N N 250 
PHE HD2  H N N 251 
PHE HE1  H N N 252 
PHE HE2  H N N 253 
PHE HZ   H N N 254 
PHE HXT  H N N 255 
PRO N    N N N 256 
PRO CA   C N S 257 
PRO C    C N N 258 
PRO O    O N N 259 
PRO CB   C N N 260 
PRO CG   C N N 261 
PRO CD   C N N 262 
PRO OXT  O N N 263 
PRO H    H N N 264 
PRO HA   H N N 265 
PRO HB2  H N N 266 
PRO HB3  H N N 267 
PRO HG2  H N N 268 
PRO HG3  H N N 269 
PRO HD2  H N N 270 
PRO HD3  H N N 271 
PRO HXT  H N N 272 
SER N    N N N 273 
SER CA   C N S 274 
SER C    C N N 275 
SER O    O N N 276 
SER CB   C N N 277 
SER OG   O N N 278 
SER OXT  O N N 279 
SER H    H N N 280 
SER H2   H N N 281 
SER HA   H N N 282 
SER HB2  H N N 283 
SER HB3  H N N 284 
SER HG   H N N 285 
SER HXT  H N N 286 
THR N    N N N 287 
THR CA   C N S 288 
THR C    C N N 289 
THR O    O N N 290 
THR CB   C N R 291 
THR OG1  O N N 292 
THR CG2  C N N 293 
THR OXT  O N N 294 
THR H    H N N 295 
THR H2   H N N 296 
THR HA   H N N 297 
THR HB   H N N 298 
THR HG1  H N N 299 
THR HG21 H N N 300 
THR HG22 H N N 301 
THR HG23 H N N 302 
THR HXT  H N N 303 
TRP N    N N N 304 
TRP CA   C N S 305 
TRP C    C N N 306 
TRP O    O N N 307 
TRP CB   C N N 308 
TRP CG   C Y N 309 
TRP CD1  C Y N 310 
TRP CD2  C Y N 311 
TRP NE1  N Y N 312 
TRP CE2  C Y N 313 
TRP CE3  C Y N 314 
TRP CZ2  C Y N 315 
TRP CZ3  C Y N 316 
TRP CH2  C Y N 317 
TRP OXT  O N N 318 
TRP H    H N N 319 
TRP H2   H N N 320 
TRP HA   H N N 321 
TRP HB2  H N N 322 
TRP HB3  H N N 323 
TRP HD1  H N N 324 
TRP HE1  H N N 325 
TRP HE3  H N N 326 
TRP HZ2  H N N 327 
TRP HZ3  H N N 328 
TRP HH2  H N N 329 
TRP HXT  H N N 330 
TYR N    N N N 331 
TYR CA   C N S 332 
TYR C    C N N 333 
TYR O    O N N 334 
TYR CB   C N N 335 
TYR CG   C Y N 336 
TYR CD1  C Y N 337 
TYR CD2  C Y N 338 
TYR CE1  C Y N 339 
TYR CE2  C Y N 340 
TYR CZ   C Y N 341 
TYR OH   O N N 342 
TYR OXT  O N N 343 
TYR H    H N N 344 
TYR H2   H N N 345 
TYR HA   H N N 346 
TYR HB2  H N N 347 
TYR HB3  H N N 348 
TYR HD1  H N N 349 
TYR HD2  H N N 350 
TYR HE1  H N N 351 
TYR HE2  H N N 352 
TYR HH   H N N 353 
TYR HXT  H N N 354 
VAL N    N N N 355 
VAL CA   C N S 356 
VAL C    C N N 357 
VAL O    O N N 358 
VAL CB   C N N 359 
VAL CG1  C N N 360 
VAL CG2  C N N 361 
VAL OXT  O N N 362 
VAL H    H N N 363 
VAL H2   H N N 364 
VAL HA   H N N 365 
VAL HB   H N N 366 
VAL HG11 H N N 367 
VAL HG12 H N N 368 
VAL HG13 H N N 369 
VAL HG21 H N N 370 
VAL HG22 H N N 371 
VAL HG23 H N N 372 
VAL HXT  H N N 373 
# 
loop_
_chem_comp_bond.comp_id 
_chem_comp_bond.atom_id_1 
_chem_comp_bond.atom_id_2 
_chem_comp_bond.value_order 
_chem_comp_bond.pdbx_aromatic_flag 
_chem_comp_bond.pdbx_stereo_config 
_chem_comp_bond.pdbx_ordinal 
ALA N   CA   sing N N 1   
ALA N   H    sing N N 2   
ALA N   H2   sing N N 3   
ALA CA  C    sing N N 4   
ALA CA  CB   sing N N 5   
ALA CA  HA   sing N N 6   
ALA C   O    doub N N 7   
ALA C   OXT  sing N N 8   
ALA CB  HB1  sing N N 9   
ALA CB  HB2  sing N N 10  
ALA CB  HB3  sing N N 11  
ALA OXT HXT  sing N N 12  
ARG N   CA   sing N N 13  
ARG N   H    sing N N 14  
ARG N   H2   sing N N 15  
ARG CA  C    sing N N 16  
ARG CA  CB   sing N N 17  
ARG CA  HA   sing N N 18  
ARG C   O    doub N N 19  
ARG C   OXT  sing N N 20  
ARG CB  CG   sing N N 21  
ARG CB  HB2  sing N N 22  
ARG CB  HB3  sing N N 23  
ARG CG  CD   sing N N 24  
ARG CG  HG2  sing N N 25  
ARG CG  HG3  sing N N 26  
ARG CD  NE   sing N N 27  
ARG CD  HD2  sing N N 28  
ARG CD  HD3  sing N N 29  
ARG NE  CZ   sing N N 30  
ARG NE  HE   sing N N 31  
ARG CZ  NH1  sing N N 32  
ARG CZ  NH2  doub N N 33  
ARG NH1 HH11 sing N N 34  
ARG NH1 HH12 sing N N 35  
ARG NH2 HH21 sing N N 36  
ARG NH2 HH22 sing N N 37  
ARG OXT HXT  sing N N 38  
ASN N   CA   sing N N 39  
ASN N   H    sing N N 40  
ASN N   H2   sing N N 41  
ASN CA  C    sing N N 42  
ASN CA  CB   sing N N 43  
ASN CA  HA   sing N N 44  
ASN C   O    doub N N 45  
ASN C   OXT  sing N N 46  
ASN CB  CG   sing N N 47  
ASN CB  HB2  sing N N 48  
ASN CB  HB3  sing N N 49  
ASN CG  OD1  doub N N 50  
ASN CG  ND2  sing N N 51  
ASN ND2 HD21 sing N N 52  
ASN ND2 HD22 sing N N 53  
ASN OXT HXT  sing N N 54  
ASP N   CA   sing N N 55  
ASP N   H    sing N N 56  
ASP N   H2   sing N N 57  
ASP CA  C    sing N N 58  
ASP CA  CB   sing N N 59  
ASP CA  HA   sing N N 60  
ASP C   O    doub N N 61  
ASP C   OXT  sing N N 62  
ASP CB  CG   sing N N 63  
ASP CB  HB2  sing N N 64  
ASP CB  HB3  sing N N 65  
ASP CG  OD1  doub N N 66  
ASP CG  OD2  sing N N 67  
ASP OD2 HD2  sing N N 68  
ASP OXT HXT  sing N N 69  
GLN N   CA   sing N N 70  
GLN N   H    sing N N 71  
GLN N   H2   sing N N 72  
GLN CA  C    sing N N 73  
GLN CA  CB   sing N N 74  
GLN CA  HA   sing N N 75  
GLN C   O    doub N N 76  
GLN C   OXT  sing N N 77  
GLN CB  CG   sing N N 78  
GLN CB  HB2  sing N N 79  
GLN CB  HB3  sing N N 80  
GLN CG  CD   sing N N 81  
GLN CG  HG2  sing N N 82  
GLN CG  HG3  sing N N 83  
GLN CD  OE1  doub N N 84  
GLN CD  NE2  sing N N 85  
GLN NE2 HE21 sing N N 86  
GLN NE2 HE22 sing N N 87  
GLN OXT HXT  sing N N 88  
GLU N   CA   sing N N 89  
GLU N   H    sing N N 90  
GLU N   H2   sing N N 91  
GLU CA  C    sing N N 92  
GLU CA  CB   sing N N 93  
GLU CA  HA   sing N N 94  
GLU C   O    doub N N 95  
GLU C   OXT  sing N N 96  
GLU CB  CG   sing N N 97  
GLU CB  HB2  sing N N 98  
GLU CB  HB3  sing N N 99  
GLU CG  CD   sing N N 100 
GLU CG  HG2  sing N N 101 
GLU CG  HG3  sing N N 102 
GLU CD  OE1  doub N N 103 
GLU CD  OE2  sing N N 104 
GLU OE2 HE2  sing N N 105 
GLU OXT HXT  sing N N 106 
GLY N   CA   sing N N 107 
GLY N   H    sing N N 108 
GLY N   H2   sing N N 109 
GLY CA  C    sing N N 110 
GLY CA  HA2  sing N N 111 
GLY CA  HA3  sing N N 112 
GLY C   O    doub N N 113 
GLY C   OXT  sing N N 114 
GLY OXT HXT  sing N N 115 
HIS N   CA   sing N N 116 
HIS N   H    sing N N 117 
HIS N   H2   sing N N 118 
HIS CA  C    sing N N 119 
HIS CA  CB   sing N N 120 
HIS CA  HA   sing N N 121 
HIS C   O    doub N N 122 
HIS C   OXT  sing N N 123 
HIS CB  CG   sing N N 124 
HIS CB  HB2  sing N N 125 
HIS CB  HB3  sing N N 126 
HIS CG  ND1  sing Y N 127 
HIS CG  CD2  doub Y N 128 
HIS ND1 CE1  doub Y N 129 
HIS ND1 HD1  sing N N 130 
HIS CD2 NE2  sing Y N 131 
HIS CD2 HD2  sing N N 132 
HIS CE1 NE2  sing Y N 133 
HIS CE1 HE1  sing N N 134 
HIS NE2 HE2  sing N N 135 
HIS OXT HXT  sing N N 136 
ILE N   CA   sing N N 137 
ILE N   H    sing N N 138 
ILE N   H2   sing N N 139 
ILE CA  C    sing N N 140 
ILE CA  CB   sing N N 141 
ILE CA  HA   sing N N 142 
ILE C   O    doub N N 143 
ILE C   OXT  sing N N 144 
ILE CB  CG1  sing N N 145 
ILE CB  CG2  sing N N 146 
ILE CB  HB   sing N N 147 
ILE CG1 CD1  sing N N 148 
ILE CG1 HG12 sing N N 149 
ILE CG1 HG13 sing N N 150 
ILE CG2 HG21 sing N N 151 
ILE CG2 HG22 sing N N 152 
ILE CG2 HG23 sing N N 153 
ILE CD1 HD11 sing N N 154 
ILE CD1 HD12 sing N N 155 
ILE CD1 HD13 sing N N 156 
ILE OXT HXT  sing N N 157 
LEU N   CA   sing N N 158 
LEU N   H    sing N N 159 
LEU N   H2   sing N N 160 
LEU CA  C    sing N N 161 
LEU CA  CB   sing N N 162 
LEU CA  HA   sing N N 163 
LEU C   O    doub N N 164 
LEU C   OXT  sing N N 165 
LEU CB  CG   sing N N 166 
LEU CB  HB2  sing N N 167 
LEU CB  HB3  sing N N 168 
LEU CG  CD1  sing N N 169 
LEU CG  CD2  sing N N 170 
LEU CG  HG   sing N N 171 
LEU CD1 HD11 sing N N 172 
LEU CD1 HD12 sing N N 173 
LEU CD1 HD13 sing N N 174 
LEU CD2 HD21 sing N N 175 
LEU CD2 HD22 sing N N 176 
LEU CD2 HD23 sing N N 177 
LEU OXT HXT  sing N N 178 
LYS N   CA   sing N N 179 
LYS N   H    sing N N 180 
LYS N   H2   sing N N 181 
LYS CA  C    sing N N 182 
LYS CA  CB   sing N N 183 
LYS CA  HA   sing N N 184 
LYS C   O    doub N N 185 
LYS C   OXT  sing N N 186 
LYS CB  CG   sing N N 187 
LYS CB  HB2  sing N N 188 
LYS CB  HB3  sing N N 189 
LYS CG  CD   sing N N 190 
LYS CG  HG2  sing N N 191 
LYS CG  HG3  sing N N 192 
LYS CD  CE   sing N N 193 
LYS CD  HD2  sing N N 194 
LYS CD  HD3  sing N N 195 
LYS CE  NZ   sing N N 196 
LYS CE  HE2  sing N N 197 
LYS CE  HE3  sing N N 198 
LYS NZ  HZ1  sing N N 199 
LYS NZ  HZ2  sing N N 200 
LYS NZ  HZ3  sing N N 201 
LYS OXT HXT  sing N N 202 
MET N   CA   sing N N 203 
MET N   H    sing N N 204 
MET N   H2   sing N N 205 
MET CA  C    sing N N 206 
MET CA  CB   sing N N 207 
MET CA  HA   sing N N 208 
MET C   O    doub N N 209 
MET C   OXT  sing N N 210 
MET CB  CG   sing N N 211 
MET CB  HB2  sing N N 212 
MET CB  HB3  sing N N 213 
MET CG  SD   sing N N 214 
MET CG  HG2  sing N N 215 
MET CG  HG3  sing N N 216 
MET SD  CE   sing N N 217 
MET CE  HE1  sing N N 218 
MET CE  HE2  sing N N 219 
MET CE  HE3  sing N N 220 
MET OXT HXT  sing N N 221 
PHE N   CA   sing N N 222 
PHE N   H    sing N N 223 
PHE N   H2   sing N N 224 
PHE CA  C    sing N N 225 
PHE CA  CB   sing N N 226 
PHE CA  HA   sing N N 227 
PHE C   O    doub N N 228 
PHE C   OXT  sing N N 229 
PHE CB  CG   sing N N 230 
PHE CB  HB2  sing N N 231 
PHE CB  HB3  sing N N 232 
PHE CG  CD1  doub Y N 233 
PHE CG  CD2  sing Y N 234 
PHE CD1 CE1  sing Y N 235 
PHE CD1 HD1  sing N N 236 
PHE CD2 CE2  doub Y N 237 
PHE CD2 HD2  sing N N 238 
PHE CE1 CZ   doub Y N 239 
PHE CE1 HE1  sing N N 240 
PHE CE2 CZ   sing Y N 241 
PHE CE2 HE2  sing N N 242 
PHE CZ  HZ   sing N N 243 
PHE OXT HXT  sing N N 244 
PRO N   CA   sing N N 245 
PRO N   CD   sing N N 246 
PRO N   H    sing N N 247 
PRO CA  C    sing N N 248 
PRO CA  CB   sing N N 249 
PRO CA  HA   sing N N 250 
PRO C   O    doub N N 251 
PRO C   OXT  sing N N 252 
PRO CB  CG   sing N N 253 
PRO CB  HB2  sing N N 254 
PRO CB  HB3  sing N N 255 
PRO CG  CD   sing N N 256 
PRO CG  HG2  sing N N 257 
PRO CG  HG3  sing N N 258 
PRO CD  HD2  sing N N 259 
PRO CD  HD3  sing N N 260 
PRO OXT HXT  sing N N 261 
SER N   CA   sing N N 262 
SER N   H    sing N N 263 
SER N   H2   sing N N 264 
SER CA  C    sing N N 265 
SER CA  CB   sing N N 266 
SER CA  HA   sing N N 267 
SER C   O    doub N N 268 
SER C   OXT  sing N N 269 
SER CB  OG   sing N N 270 
SER CB  HB2  sing N N 271 
SER CB  HB3  sing N N 272 
SER OG  HG   sing N N 273 
SER OXT HXT  sing N N 274 
THR N   CA   sing N N 275 
THR N   H    sing N N 276 
THR N   H2   sing N N 277 
THR CA  C    sing N N 278 
THR CA  CB   sing N N 279 
THR CA  HA   sing N N 280 
THR C   O    doub N N 281 
THR C   OXT  sing N N 282 
THR CB  OG1  sing N N 283 
THR CB  CG2  sing N N 284 
THR CB  HB   sing N N 285 
THR OG1 HG1  sing N N 286 
THR CG2 HG21 sing N N 287 
THR CG2 HG22 sing N N 288 
THR CG2 HG23 sing N N 289 
THR OXT HXT  sing N N 290 
TRP N   CA   sing N N 291 
TRP N   H    sing N N 292 
TRP N   H2   sing N N 293 
TRP CA  C    sing N N 294 
TRP CA  CB   sing N N 295 
TRP CA  HA   sing N N 296 
TRP C   O    doub N N 297 
TRP C   OXT  sing N N 298 
TRP CB  CG   sing N N 299 
TRP CB  HB2  sing N N 300 
TRP CB  HB3  sing N N 301 
TRP CG  CD1  doub Y N 302 
TRP CG  CD2  sing Y N 303 
TRP CD1 NE1  sing Y N 304 
TRP CD1 HD1  sing N N 305 
TRP CD2 CE2  doub Y N 306 
TRP CD2 CE3  sing Y N 307 
TRP NE1 CE2  sing Y N 308 
TRP NE1 HE1  sing N N 309 
TRP CE2 CZ2  sing Y N 310 
TRP CE3 CZ3  doub Y N 311 
TRP CE3 HE3  sing N N 312 
TRP CZ2 CH2  doub Y N 313 
TRP CZ2 HZ2  sing N N 314 
TRP CZ3 CH2  sing Y N 315 
TRP CZ3 HZ3  sing N N 316 
TRP CH2 HH2  sing N N 317 
TRP OXT HXT  sing N N 318 
TYR N   CA   sing N N 319 
TYR N   H    sing N N 320 
TYR N   H2   sing N N 321 
TYR CA  C    sing N N 322 
TYR CA  CB   sing N N 323 
TYR CA  HA   sing N N 324 
TYR C   O    doub N N 325 
TYR C   OXT  sing N N 326 
TYR CB  CG   sing N N 327 
TYR CB  HB2  sing N N 328 
TYR CB  HB3  sing N N 329 
TYR CG  CD1  doub Y N 330 
TYR CG  CD2  sing Y N 331 
TYR CD1 CE1  sing Y N 332 
TYR CD1 HD1  sing N N 333 
TYR CD2 CE2  doub Y N 334 
TYR CD2 HD2  sing N N 335 
TYR CE1 CZ   doub Y N 336 
TYR CE1 HE1  sing N N 337 
TYR CE2 CZ   sing Y N 338 
TYR CE2 HE2  sing N N 339 
TYR CZ  OH   sing N N 340 
TYR OH  HH   sing N N 341 
TYR OXT HXT  sing N N 342 
VAL N   CA   sing N N 343 
VAL N   H    sing N N 344 
VAL N   H2   sing N N 345 
VAL CA  C    sing N N 346 
VAL CA  CB   sing N N 347 
VAL CA  HA   sing N N 348 
VAL C   O    doub N N 349 
VAL C   OXT  sing N N 350 
VAL CB  CG1  sing N N 351 
VAL CB  CG2  sing N N 352 
VAL CB  HB   sing N N 353 
VAL CG1 HG11 sing N N 354 
VAL CG1 HG12 sing N N 355 
VAL CG1 HG13 sing N N 356 
VAL CG2 HG21 sing N N 357 
VAL CG2 HG22 sing N N 358 
VAL CG2 HG23 sing N N 359 
VAL OXT HXT  sing N N 360 
# 
_em_admin.entry_id           7TGG 
_em_admin.current_status     REL 
_em_admin.deposition_date    2022-01-07 
_em_admin.deposition_site    RCSB 
_em_admin.last_update        2025-05-14 
_em_admin.map_release_date   2022-02-23 
_em_admin.title              'Cryo-EM structure of PilA-N and PilA-C from Geobacter sulfurreducens' 
# 
_em_ctf_correction.id                       1 
_em_ctf_correction.em_image_processing_id   1 
_em_ctf_correction.type                     'PHASE FLIPPING AND AMPLITUDE CORRECTION' 
_em_ctf_correction.details                  ? 
# 
_em_entity_assembly_naturalsource.id                   1 
_em_entity_assembly_naturalsource.entity_assembly_id   1 
_em_entity_assembly_naturalsource.cell                 ? 
_em_entity_assembly_naturalsource.cellular_location    ? 
_em_entity_assembly_naturalsource.ncbi_tax_id          35554 
_em_entity_assembly_naturalsource.organ                ? 
_em_entity_assembly_naturalsource.organelle            ? 
_em_entity_assembly_naturalsource.organism             'Geobacter sulfurreducens' 
_em_entity_assembly_naturalsource.strain               'ATCC 51573 / DSM 12127 / PCA' 
_em_entity_assembly_naturalsource.tissue               ? 
# 
_em_helical_entity.id                             1 
_em_helical_entity.image_processing_id            1 
_em_helical_entity.angular_rotation_per_subunit   89.1 
_em_helical_entity.axial_rise_per_subunit         10.4 
_em_helical_entity.axial_symmetry                 C1 
_em_helical_entity.details                        ? 
# 
_em_image_processing.id                   1 
_em_image_processing.image_recording_id   1 
_em_image_processing.details              ? 
# 
_em_image_recording.id                                  1 
_em_image_recording.imaging_id                          1 
_em_image_recording.avg_electron_dose_per_image         50 
_em_image_recording.average_exposure_time               ? 
_em_image_recording.details                             ? 
_em_image_recording.detector_mode                       ? 
_em_image_recording.film_or_detector_model              'GATAN K3 (6k x 4k)' 
_em_image_recording.num_diffraction_images              ? 
_em_image_recording.num_grids_imaged                    ? 
_em_image_recording.num_real_images                     ? 
_em_image_recording.avg_electron_dose_per_subtomogram   ? 
# 
loop_
_em_software.id 
_em_software.category 
_em_software.details 
_em_software.name 
_em_software.version 
_em_software.image_processing_id 
_em_software.fitting_id 
_em_software.imaging_id 
1  'PARTICLE SELECTION'       ? ?      ? 1 ? ? 
2  'IMAGE ACQUISITION'        ? ?      ? ? ? 1 
3  MASKING                    ? ?      ? ? ? ? 
4  'CTF CORRECTION'           ? ?      ? 1 ? ? 
5  'LAYERLINE INDEXING'       ? ?      ? ? ? ? 
6  'DIFFRACTION INDEXING'     ? ?      ? ? ? ? 
7  'MODEL FITTING'            ? ?      ? ? ? ? 
8  'MODEL REFINEMENT'         ? PHENIX ? ? ? ? 
9  OTHER                      ? ?      ? ? ? ? 
10 'INITIAL EULER ASSIGNMENT' ? ?      ? 1 ? ? 
11 'FINAL EULER ASSIGNMENT'   ? ?      ? 1 ? ? 
12 CLASSIFICATION             ? ?      ? 1 ? ? 
13 RECONSTRUCTION             ? ?      ? 1 ? ? 
# 
_em_specimen.id                      1 
_em_specimen.experiment_id           1 
_em_specimen.concentration           ? 
_em_specimen.details                 ? 
_em_specimen.embedding_applied       NO 
_em_specimen.shadowing_applied       NO 
_em_specimen.staining_applied        NO 
_em_specimen.vitrification_applied   YES 
# 
loop_
_pdbx_audit_support.funding_organization 
_pdbx_audit_support.country 
_pdbx_audit_support.grant_number 
_pdbx_audit_support.ordinal 
'National Institutes of Health/National Institute of General Medical Sciences (NIH/NIGMS)' 'United States' R35GM122510 1 
'National Institutes of Health/National Institute of General Medical Sciences (NIH/NIGMS)' 'United States' K99GM138756 2 
# 
_atom_sites.entry_id                    7TGG 
_atom_sites.Cartn_transf_matrix[1][1]   ? 
_atom_sites.Cartn_transf_matrix[1][2]   ? 
_atom_sites.Cartn_transf_matrix[1][3]   ? 
_atom_sites.Cartn_transf_matrix[2][1]   ? 
_atom_sites.Cartn_transf_matrix[2][2]   ? 
_atom_sites.Cartn_transf_matrix[2][3]   ? 
_atom_sites.Cartn_transf_matrix[3][1]   ? 
_atom_sites.Cartn_transf_matrix[3][2]   ? 
_atom_sites.Cartn_transf_matrix[3][3]   ? 
_atom_sites.Cartn_transf_vector[1]      ? 
_atom_sites.Cartn_transf_vector[2]      ? 
_atom_sites.Cartn_transf_vector[3]      ? 
_atom_sites.fract_transf_matrix[1][1]   1.000000 
_atom_sites.fract_transf_matrix[1][2]   0.000000 
_atom_sites.fract_transf_matrix[1][3]   0.000000 
_atom_sites.fract_transf_matrix[2][1]   0.000000 
_atom_sites.fract_transf_matrix[2][2]   1.000000 
_atom_sites.fract_transf_matrix[2][3]   0.000000 
_atom_sites.fract_transf_matrix[3][1]   0.000000 
_atom_sites.fract_transf_matrix[3][2]   0.000000 
_atom_sites.fract_transf_matrix[3][3]   1.000000 
_atom_sites.fract_transf_vector[1]      0.00000 
_atom_sites.fract_transf_vector[2]      0.00000 
_atom_sites.fract_transf_vector[3]      0.00000 
_atom_sites.solution_primary            ? 
_atom_sites.solution_secondary          ? 
_atom_sites.solution_hydrogens          ? 
_atom_sites.special_details             ? 
# 
loop_
_atom_type.symbol 
C 
N 
O 
S 
# 
loop_
_atom_site.group_PDB 
_atom_site.id 
_atom_site.type_symbol 
_atom_site.label_atom_id 
_atom_site.label_alt_id 
_atom_site.label_comp_id 
_atom_site.label_asym_id 
_atom_site.label_entity_id 
_atom_site.label_seq_id 
_atom_site.pdbx_PDB_ins_code 
_atom_site.Cartn_x 
_atom_site.Cartn_y 
_atom_site.Cartn_z 
_atom_site.occupancy 
_atom_site.B_iso_or_equiv 
_atom_site.pdbx_formal_charge 
_atom_site.auth_seq_id 
_atom_site.auth_comp_id 
_atom_site.auth_asym_id 
_atom_site.auth_atom_id 
_atom_site.pdbx_PDB_model_num 
ATOM 1    N N   . THR A 1 31  ? -27.734 47.058  27.265  1.00 145.77 ? 2   THR A N   1 
ATOM 2    C CA  . THR A 1 31  ? -26.996 47.569  28.415  1.00 145.77 ? 2   THR A CA  1 
ATOM 3    C C   . THR A 1 31  ? -25.560 47.055  28.418  1.00 145.77 ? 2   THR A C   1 
ATOM 4    O O   . THR A 1 31  ? -25.262 46.017  27.829  1.00 145.77 ? 2   THR A O   1 
ATOM 5    C CB  . THR A 1 31  ? -27.668 47.173  29.740  1.00 145.77 ? 2   THR A CB  1 
ATOM 6    O OG1 . THR A 1 31  ? -27.749 45.746  29.829  1.00 145.77 ? 2   THR A OG1 1 
ATOM 7    C CG2 . THR A 1 31  ? -29.065 47.758  29.817  1.00 145.77 ? 2   THR A CG2 1 
ATOM 8    N N   . LEU A 1 32  ? -24.676 47.797  29.092  1.00 146.43 ? 3   LEU A N   1 
ATOM 9    C CA  . LEU A 1 32  ? -23.268 47.418  29.142  1.00 146.43 ? 3   LEU A CA  1 
ATOM 10   C C   . LEU A 1 32  ? -23.068 46.050  29.780  1.00 146.43 ? 3   LEU A C   1 
ATOM 11   O O   . LEU A 1 32  ? -22.167 45.305  29.377  1.00 146.43 ? 3   LEU A O   1 
ATOM 12   C CB  . LEU A 1 32  ? -22.469 48.489  29.893  1.00 146.43 ? 3   LEU A CB  1 
ATOM 13   C CG  . LEU A 1 32  ? -20.939 48.403  29.928  1.00 146.43 ? 3   LEU A CG  1 
ATOM 14   C CD1 . LEU A 1 32  ? -20.356 49.790  30.100  1.00 146.43 ? 3   LEU A CD1 1 
ATOM 15   C CD2 . LEU A 1 32  ? -20.449 47.508  31.057  1.00 146.43 ? 3   LEU A CD2 1 
ATOM 16   N N   . ILE A 1 33  ? -23.889 45.700  30.772  1.00 142.85 ? 4   ILE A N   1 
ATOM 17   C CA  . ILE A 1 33  ? -23.733 44.400  31.417  1.00 142.85 ? 4   ILE A CA  1 
ATOM 18   C C   . ILE A 1 33  ? -24.092 43.272  30.457  1.00 142.85 ? 4   ILE A C   1 
ATOM 19   O O   . ILE A 1 33  ? -23.482 42.197  30.500  1.00 142.85 ? 4   ILE A O   1 
ATOM 20   C CB  . ILE A 1 33  ? -24.560 44.344  32.715  1.00 142.85 ? 4   ILE A CB  1 
ATOM 21   C CG1 . ILE A 1 33  ? -24.035 45.384  33.707  1.00 142.85 ? 4   ILE A CG1 1 
ATOM 22   C CG2 . ILE A 1 33  ? -24.515 42.958  33.331  1.00 142.85 ? 4   ILE A CG2 1 
ATOM 23   C CD1 . ILE A 1 33  ? -24.922 45.596  34.908  1.00 142.85 ? 4   ILE A CD1 1 
ATOM 24   N N   . GLU A 1 34  ? -25.068 43.492  29.575  1.00 143.75 ? 5   GLU A N   1 
ATOM 25   C CA  . GLU A 1 34  ? -25.379 42.489  28.562  1.00 143.75 ? 5   GLU A CA  1 
ATOM 26   C C   . GLU A 1 34  ? -24.201 42.280  27.618  1.00 143.75 ? 5   GLU A C   1 
ATOM 27   O O   . GLU A 1 34  ? -23.879 41.141  27.249  1.00 143.75 ? 5   GLU A O   1 
ATOM 28   C CB  . GLU A 1 34  ? -26.637 42.900  27.793  1.00 143.75 ? 5   GLU A CB  1 
ATOM 29   C CG  . GLU A 1 34  ? -27.109 41.889  26.760  1.00 143.75 ? 5   GLU A CG  1 
ATOM 30   C CD  . GLU A 1 34  ? -28.389 42.317  26.062  1.00 143.75 ? 5   GLU A CD  1 
ATOM 31   O OE1 . GLU A 1 34  ? -28.901 43.414  26.368  1.00 143.75 ? 5   GLU A OE1 1 
ATOM 32   O OE2 . GLU A 1 34  ? -28.885 41.554  25.206  1.00 143.75 ? 5   GLU A OE2 1 
ATOM 33   N N   . LEU A 1 35  ? -23.534 43.364  27.232  1.00 138.47 ? 6   LEU A N   1 
ATOM 34   C CA  . LEU A 1 35  ? -22.350 43.284  26.386  1.00 138.47 ? 6   LEU A CA  1 
ATOM 35   C C   . LEU A 1 35  ? -21.118 42.870  27.149  1.00 138.47 ? 6   LEU A C   1 
ATOM 36   O O   . LEU A 1 35  ? -20.040 42.784  26.554  1.00 138.47 ? 6   LEU A O   1 
ATOM 37   C CB  . LEU A 1 35  ? -22.099 44.620  25.687  1.00 138.47 ? 6   LEU A CB  1 
ATOM 38   C CG  . LEU A 1 35  ? -22.888 44.900  24.404  1.00 138.47 ? 6   LEU A CG  1 
ATOM 39   C CD1 . LEU A 1 35  ? -22.515 43.899  23.320  1.00 138.47 ? 6   LEU A CD1 1 
ATOM 40   C CD2 . LEU A 1 35  ? -24.394 44.921  24.637  1.00 138.47 ? 6   LEU A CD2 1 
ATOM 41   N N   . LEU A 1 36  ? -21.234 42.617  28.451  1.00 137.51 ? 7   LEU A N   1 
ATOM 42   C CA  . LEU A 1 36  ? -20.165 41.993  29.211  1.00 137.51 ? 7   LEU A CA  1 
ATOM 43   C C   . LEU A 1 36  ? -20.361 40.498  29.370  1.00 137.51 ? 7   LEU A C   1 
ATOM 44   O O   . LEU A 1 36  ? -19.400 39.792  29.685  1.00 137.51 ? 7   LEU A O   1 
ATOM 45   C CB  . LEU A 1 36  ? -20.047 42.630  30.604  1.00 137.51 ? 7   LEU A CB  1 
ATOM 46   C CG  . LEU A 1 36  ? -18.650 42.675  31.225  1.00 137.51 ? 7   LEU A CG  1 
ATOM 47   C CD1 . LEU A 1 36  ? -17.722 43.533  30.383  1.00 137.51 ? 7   LEU A CD1 1 
ATOM 48   C CD2 . LEU A 1 36  ? -18.711 43.187  32.655  1.00 137.51 ? 7   LEU A CD2 1 
ATOM 49   N N   . ILE A 1 37  ? -21.578 40.007  29.165  1.00 135.91 ? 8   ILE A N   1 
ATOM 50   C CA  . ILE A 1 37  ? -21.831 38.574  29.182  1.00 135.91 ? 8   ILE A CA  1 
ATOM 51   C C   . ILE A 1 37  ? -21.798 37.992  27.775  1.00 135.91 ? 8   ILE A C   1 
ATOM 52   O O   . ILE A 1 37  ? -21.404 36.839  27.586  1.00 135.91 ? 8   ILE A O   1 
ATOM 53   C CB  . ILE A 1 37  ? -23.163 38.291  29.898  1.00 135.91 ? 8   ILE A CB  1 
ATOM 54   C CG1 . ILE A 1 37  ? -23.062 38.781  31.340  1.00 135.91 ? 8   ILE A CG1 1 
ATOM 55   C CG2 . ILE A 1 37  ? -23.483 36.808  29.885  1.00 135.91 ? 8   ILE A CG2 1 
ATOM 56   C CD1 . ILE A 1 37  ? -21.944 38.132  32.123  1.00 135.91 ? 8   ILE A CD1 1 
ATOM 57   N N   . VAL A 1 38  ? -22.192 38.766  26.762  1.00 137.76 ? 9   VAL A N   1 
ATOM 58   C CA  . VAL A 1 38  ? -21.976 38.318  25.386  1.00 137.76 ? 9   VAL A CA  1 
ATOM 59   C C   . VAL A 1 38  ? -20.501 38.009  25.168  1.00 137.76 ? 9   VAL A C   1 
ATOM 60   O O   . VAL A 1 38  ? -20.140 36.964  24.611  1.00 137.76 ? 9   VAL A O   1 
ATOM 61   C CB  . VAL A 1 38  ? -22.486 39.369  24.384  1.00 137.76 ? 9   VAL A CB  1 
ATOM 62   C CG1 . VAL A 1 38  ? -21.993 39.041  22.982  1.00 137.76 ? 9   VAL A CG1 1 
ATOM 63   C CG2 . VAL A 1 38  ? -24.000 39.419  24.403  1.00 137.76 ? 9   VAL A CG2 1 
ATOM 64   N N   . VAL A 1 39  ? -19.627 38.912  25.619  1.00 128.95 ? 10  VAL A N   1 
ATOM 65   C CA  . VAL A 1 39  ? -18.190 38.690  25.535  1.00 128.95 ? 10  VAL A CA  1 
ATOM 66   C C   . VAL A 1 39  ? -17.755 37.489  26.360  1.00 128.95 ? 10  VAL A C   1 
ATOM 67   O O   . VAL A 1 39  ? -16.841 36.762  25.960  1.00 128.95 ? 10  VAL A O   1 
ATOM 68   C CB  . VAL A 1 39  ? -17.442 39.966  25.974  1.00 128.95 ? 10  VAL A CB  1 
ATOM 69   C CG1 . VAL A 1 39  ? -15.944 39.734  26.000  1.00 128.95 ? 10  VAL A CG1 1 
ATOM 70   C CG2 . VAL A 1 39  ? -17.782 41.116  25.045  1.00 128.95 ? 10  VAL A CG2 1 
ATOM 71   N N   . ALA A 1 40  ? -18.411 37.239  27.493  1.00 127.74 ? 11  ALA A N   1 
ATOM 72   C CA  . ALA A 1 40  ? -18.013 36.133  28.355  1.00 127.74 ? 11  ALA A CA  1 
ATOM 73   C C   . ALA A 1 40  ? -18.484 34.779  27.841  1.00 127.74 ? 11  ALA A C   1 
ATOM 74   O O   . ALA A 1 40  ? -17.928 33.754  28.250  1.00 127.74 ? 11  ALA A O   1 
ATOM 75   C CB  . ALA A 1 40  ? -18.540 36.357  29.773  1.00 127.74 ? 11  ALA A CB  1 
ATOM 76   N N   . ILE A 1 41  ? -19.479 34.748  26.961  1.00 129.87 ? 12  ILE A N   1 
ATOM 77   C CA  . ILE A 1 41  ? -19.906 33.508  26.321  1.00 129.87 ? 12  ILE A CA  1 
ATOM 78   C C   . ILE A 1 41  ? -19.172 33.272  25.006  1.00 129.87 ? 12  ILE A C   1 
ATOM 79   O O   . ILE A 1 41  ? -18.883 32.127  24.658  1.00 129.87 ? 12  ILE A O   1 
ATOM 80   C CB  . ILE A 1 41  ? -21.436 33.471  26.111  1.00 129.87 ? 12  ILE A CB  1 
ATOM 81   C CG1 . ILE A 1 41  ? -22.179 33.994  27.338  1.00 129.87 ? 12  ILE A CG1 1 
ATOM 82   C CG2 . ILE A 1 41  ? -21.892 32.061  25.788  1.00 129.87 ? 12  ILE A CG2 1 
ATOM 83   C CD1 . ILE A 1 41  ? -21.831 33.269  28.616  1.00 129.87 ? 12  ILE A CD1 1 
ATOM 84   N N   . ILE A 1 42  ? -18.876 34.339  24.257  1.00 134.59 ? 13  ILE A N   1 
ATOM 85   C CA  . ILE A 1 42  ? -18.090 34.181  23.035  1.00 134.59 ? 13  ILE A CA  1 
ATOM 86   C C   . ILE A 1 42  ? -16.737 33.559  23.348  1.00 134.59 ? 13  ILE A C   1 
ATOM 87   O O   . ILE A 1 42  ? -16.254 32.681  22.622  1.00 134.59 ? 13  ILE A O   1 
ATOM 88   C CB  . ILE A 1 42  ? -17.939 35.533  22.312  1.00 134.59 ? 13  ILE A CB  1 
ATOM 89   C CG1 . ILE A 1 42  ? -19.282 35.986  21.741  1.00 134.59 ? 13  ILE A CG1 1 
ATOM 90   C CG2 . ILE A 1 42  ? -16.901 35.436  21.205  1.00 134.59 ? 13  ILE A CG2 1 
ATOM 91   C CD1 . ILE A 1 42  ? -19.840 35.049  20.693  1.00 134.59 ? 13  ILE A CD1 1 
ATOM 92   N N   . GLY A 1 43  ? -16.110 33.989  24.445  1.00 129.48 ? 14  GLY A N   1 
ATOM 93   C CA  . GLY A 1 43  ? -14.841 33.401  24.838  1.00 129.48 ? 14  GLY A CA  1 
ATOM 94   C C   . GLY A 1 43  ? -14.952 31.939  25.217  1.00 129.48 ? 14  GLY A C   1 
ATOM 95   O O   . GLY A 1 43  ? -14.034 31.156  24.955  1.00 129.48 ? 14  GLY A O   1 
ATOM 96   N N   . ILE A 1 44  ? -16.064 31.550  25.840  1.00 128.89 ? 15  ILE A N   1 
ATOM 97   C CA  . ILE A 1 44  ? -16.254 30.154  26.225  1.00 128.89 ? 15  ILE A CA  1 
ATOM 98   C C   . ILE A 1 44  ? -16.455 29.284  24.991  1.00 128.89 ? 15  ILE A C   1 
ATOM 99   O O   . ILE A 1 44  ? -15.795 28.252  24.821  1.00 128.89 ? 15  ILE A O   1 
ATOM 100  C CB  . ILE A 1 44  ? -17.434 30.020  27.203  1.00 128.89 ? 15  ILE A CB  1 
ATOM 101  C CG1 . ILE A 1 44  ? -17.050 30.574  28.575  1.00 128.89 ? 15  ILE A CG1 1 
ATOM 102  C CG2 . ILE A 1 44  ? -17.875 28.570  27.310  1.00 128.89 ? 15  ILE A CG2 1 
ATOM 103  C CD1 . ILE A 1 44  ? -15.766 29.996  29.123  1.00 128.89 ? 15  ILE A CD1 1 
ATOM 104  N N   . LEU A 1 45  ? -17.363 29.695  24.106  1.00 132.06 ? 16  LEU A N   1 
ATOM 105  C CA  . LEU A 1 45  ? -17.690 28.885  22.937  1.00 132.06 ? 16  LEU A CA  1 
ATOM 106  C C   . LEU A 1 45  ? -16.617 28.928  21.859  1.00 132.06 ? 16  LEU A C   1 
ATOM 107  O O   . LEU A 1 45  ? -16.763 28.241  20.842  1.00 132.06 ? 16  LEU A O   1 
ATOM 108  C CB  . LEU A 1 45  ? -19.032 29.327  22.355  1.00 132.06 ? 16  LEU A CB  1 
ATOM 109  C CG  . LEU A 1 45  ? -20.231 29.070  23.268  1.00 132.06 ? 16  LEU A CG  1 
ATOM 110  C CD1 . LEU A 1 45  ? -21.496 29.660  22.676  1.00 132.06 ? 16  LEU A CD1 1 
ATOM 111  C CD2 . LEU A 1 45  ? -20.397 27.580  23.516  1.00 132.06 ? 16  LEU A CD2 1 
ATOM 112  N N   . ALA A 1 46  ? -15.554 29.705  22.046  1.00 135.49 ? 17  ALA A N   1 
ATOM 113  C CA  . ALA A 1 46  ? -14.436 29.730  21.115  1.00 135.49 ? 17  ALA A CA  1 
ATOM 114  C C   . ALA A 1 46  ? -13.329 28.765  21.507  1.00 135.49 ? 17  ALA A C   1 
ATOM 115  O O   . ALA A 1 46  ? -12.321 28.677  20.800  1.00 135.49 ? 17  ALA A O   1 
ATOM 116  C CB  . ALA A 1 46  ? -13.871 31.149  21.004  1.00 135.49 ? 17  ALA A CB  1 
ATOM 117  N N   . ALA A 1 47  ? -13.483 28.050  22.622  1.00 135.13 ? 18  ALA A N   1 
ATOM 118  C CA  . ALA A 1 47  ? -12.512 27.046  23.066  1.00 135.13 ? 18  ALA A CA  1 
ATOM 119  C C   . ALA A 1 47  ? -13.314 25.872  23.623  1.00 135.13 ? 18  ALA A C   1 
ATOM 120  O O   . ALA A 1 47  ? -13.710 25.878  24.792  1.00 135.13 ? 18  ALA A O   1 
ATOM 121  C CB  . ALA A 1 47  ? -11.549 27.618  24.097  1.00 135.13 ? 18  ALA A CB  1 
ATOM 122  N N   . ILE A 1 48  ? -13.557 24.871  22.779  1.00 145.47 ? 19  ILE A N   1 
ATOM 123  C CA  . ILE A 1 48  ? -14.383 23.731  23.162  1.00 145.47 ? 19  ILE A CA  1 
ATOM 124  C C   . ILE A 1 48  ? -13.550 22.472  22.933  1.00 145.47 ? 19  ILE A C   1 
ATOM 125  O O   . ILE A 1 48  ? -14.080 21.389  22.657  1.00 145.47 ? 19  ILE A O   1 
ATOM 126  C CB  . ILE A 1 48  ? -15.712 23.730  22.376  1.00 145.47 ? 19  ILE A CB  1 
ATOM 127  C CG1 . ILE A 1 48  ? -16.472 25.030  22.630  1.00 145.47 ? 19  ILE A CG1 1 
ATOM 128  C CG2 . ILE A 1 48  ? -16.662 22.645  22.868  1.00 145.47 ? 19  ILE A CG2 1 
ATOM 129  C CD1 . ILE A 1 48  ? -16.844 25.246  24.078  1.00 145.47 ? 19  ILE A CD1 1 
ATOM 130  N N   . ALA A 1 49  ? -12.228 22.609  23.045  1.00 162.17 ? 20  ALA A N   1 
ATOM 131  C CA  . ALA A 1 49  ? -11.290 21.492  22.912  1.00 162.17 ? 20  ALA A CA  1 
ATOM 132  C C   . ALA A 1 49  ? -11.459 20.802  21.555  1.00 162.17 ? 20  ALA A C   1 
ATOM 133  O O   . ALA A 1 49  ? -11.845 19.637  21.444  1.00 162.17 ? 20  ALA A O   1 
ATOM 134  C CB  . ALA A 1 49  ? -11.452 20.499  24.069  1.00 162.17 ? 20  ALA A CB  1 
ATOM 135  N N   . ILE A 1 50  ? -11.171 21.578  20.521  1.00 160.84 ? 21  ILE A N   1 
ATOM 136  C CA  . ILE A 1 50  ? -11.311 21.091  19.147  1.00 160.84 ? 21  ILE A CA  1 
ATOM 137  C C   . ILE A 1 50  ? -10.281 19.993  18.893  1.00 160.84 ? 21  ILE A C   1 
ATOM 138  O O   . ILE A 1 50  ? -9.079  20.200  19.138  1.00 160.84 ? 21  ILE A O   1 
ATOM 139  C CB  . ILE A 1 50  ? -11.167 22.254  18.160  1.00 160.84 ? 21  ILE A CB  1 
ATOM 140  C CG1 . ILE A 1 50  ? -11.551 21.841  16.746  1.00 160.84 ? 21  ILE A CG1 1 
ATOM 141  C CG2 . ILE A 1 50  ? -9.774  22.893  18.199  1.00 160.84 ? 21  ILE A CG2 1 
ATOM 142  C CD1 . ILE A 1 50  ? -11.717 23.041  15.869  1.00 160.84 ? 21  ILE A CD1 1 
ATOM 143  N N   . PRO A 1 51  ? -10.693 18.811  18.454  1.00 154.21 ? 22  PRO A N   1 
ATOM 144  C CA  . PRO A 1 51  ? -9.756  17.689  18.357  1.00 154.21 ? 22  PRO A CA  1 
ATOM 145  C C   . PRO A 1 51  ? -9.040  17.646  17.015  1.00 154.21 ? 22  PRO A C   1 
ATOM 146  O O   . PRO A 1 51  ? -9.519  18.140  15.993  1.00 154.21 ? 22  PRO A O   1 
ATOM 147  C CB  . PRO A 1 51  ? -10.658 16.466  18.532  1.00 154.21 ? 22  PRO A CB  1 
ATOM 148  C CG  . PRO A 1 51  ? -11.974 16.907  17.997  1.00 154.21 ? 22  PRO A CG  1 
ATOM 149  C CD  . PRO A 1 51  ? -12.083 18.396  18.203  1.00 154.21 ? 22  PRO A CD  1 
ATOM 150  N N   . GLN A 1 52  ? -7.874  17.012  17.036  1.00 155.18 ? 23  GLN A N   1 
ATOM 151  C CA  . GLN A 1 52  ? -7.042  16.841  15.847  1.00 155.18 ? 23  GLN A CA  1 
ATOM 152  C C   . GLN A 1 52  ? -7.569  15.655  15.051  1.00 155.18 ? 23  GLN A C   1 
ATOM 153  O O   . GLN A 1 52  ? -7.789  14.565  15.586  1.00 155.18 ? 23  GLN A O   1 
ATOM 154  C CB  . GLN A 1 52  ? -5.583  16.662  16.241  1.00 155.18 ? 23  GLN A CB  1 
ATOM 155  C CG  . GLN A 1 52  ? -5.344  15.355  16.922  1.00 155.18 ? 23  GLN A CG  1 
ATOM 156  C CD  . GLN A 1 52  ? -5.676  15.477  18.388  1.00 155.18 ? 23  GLN A CD  1 
ATOM 157  O OE1 . GLN A 1 52  ? -6.351  16.417  18.811  1.00 155.18 ? 23  GLN A OE1 1 
ATOM 158  N NE2 . GLN A 1 52  ? -5.248  14.522  19.159  1.00 155.18 ? 23  GLN A NE2 1 
ATOM 159  N N   . PHE A 1 53  ? -7.842  15.887  13.777  1.00 155.94 ? 24  PHE A N   1 
ATOM 160  C CA  . PHE A 1 53  ? -8.350  14.843  12.894  1.00 155.94 ? 24  PHE A CA  1 
ATOM 161  C C   . PHE A 1 53  ? -7.256  14.362  11.944  1.00 155.94 ? 24  PHE A C   1 
ATOM 162  O O   . PHE A 1 53  ? -7.334  14.499  10.725  1.00 155.94 ? 24  PHE A O   1 
ATOM 163  C CB  . PHE A 1 53  ? -9.572  15.362  12.157  1.00 155.94 ? 24  PHE A CB  1 
ATOM 164  C CG  . PHE A 1 53  ? -10.741 15.573  13.059  1.00 155.94 ? 24  PHE A CG  1 
ATOM 165  C CD1 . PHE A 1 53  ? -10.745 15.011  14.320  1.00 155.94 ? 24  PHE A CD1 1 
ATOM 166  C CD2 . PHE A 1 53  ? -11.778 16.411  12.706  1.00 155.94 ? 24  PHE A CD2 1 
ATOM 167  C CE1 . PHE A 1 53  ? -11.798 15.214  15.169  1.00 155.94 ? 24  PHE A CE1 1 
ATOM 168  C CE2 . PHE A 1 53  ? -12.834 16.627  13.562  1.00 155.94 ? 24  PHE A CE2 1 
ATOM 169  C CZ  . PHE A 1 53  ? -12.843 16.028  14.791  1.00 155.94 ? 24  PHE A CZ  1 
ATOM 170  N N   . SER A 1 54  ? -6.208  13.799  12.538  1.00 153.50 ? 25  SER A N   1 
ATOM 171  C CA  . SER A 1 54  ? -5.077  13.293  11.776  1.00 153.50 ? 25  SER A CA  1 
ATOM 172  C C   . SER A 1 54  ? -5.029  11.777  11.735  1.00 153.50 ? 25  SER A C   1 
ATOM 173  O O   . SER A 1 54  ? -4.943  11.188  10.652  1.00 153.50 ? 25  SER A O   1 
ATOM 174  C CB  . SER A 1 54  ? -3.766  13.828  12.363  1.00 153.50 ? 25  SER A CB  1 
ATOM 175  O OG  . SER A 1 54  ? -3.774  15.241  12.421  1.00 153.50 ? 25  SER A OG  1 
ATOM 176  N N   . ALA A 1 55  ? -5.073  11.126  12.895  1.00 145.08 ? 26  ALA A N   1 
ATOM 177  C CA  . ALA A 1 55  ? -5.087  9.672   12.909  1.00 145.08 ? 26  ALA A CA  1 
ATOM 178  C C   . ALA A 1 55  ? -6.353  9.130   12.263  1.00 145.08 ? 26  ALA A C   1 
ATOM 179  O O   . ALA A 1 55  ? -6.301  8.136   11.525  1.00 145.08 ? 26  ALA A O   1 
ATOM 180  C CB  . ALA A 1 55  ? -4.950  9.161   14.341  1.00 145.08 ? 26  ALA A CB  1 
ATOM 181  N N   . TYR A 1 56  ? -7.480  9.814   12.468  1.00 153.68 ? 27  TYR A N   1 
ATOM 182  C CA  . TYR A 1 56  ? -8.789  9.283   12.122  1.00 153.68 ? 27  TYR A CA  1 
ATOM 183  C C   . TYR A 1 56  ? -8.964  9.164   10.620  1.00 153.68 ? 27  TYR A C   1 
ATOM 184  O O   . TYR A 1 56  ? -9.945  8.571   10.160  1.00 153.68 ? 27  TYR A O   1 
ATOM 185  C CB  . TYR A 1 56  ? -9.882  10.191  12.691  1.00 153.68 ? 27  TYR A CB  1 
ATOM 186  C CG  . TYR A 1 56  ? -9.914  10.175  14.200  1.00 153.68 ? 27  TYR A CG  1 
ATOM 187  C CD1 . TYR A 1 56  ? -9.234  9.196   14.907  1.00 153.68 ? 27  TYR A CD1 1 
ATOM 188  C CD2 . TYR A 1 56  ? -10.620 11.136  14.918  1.00 153.68 ? 27  TYR A CD2 1 
ATOM 189  C CE1 . TYR A 1 56  ? -9.228  9.181   16.278  1.00 153.68 ? 27  TYR A CE1 1 
ATOM 190  C CE2 . TYR A 1 56  ? -10.634 11.121  16.305  1.00 153.68 ? 27  TYR A CE2 1 
ATOM 191  C CZ  . TYR A 1 56  ? -9.937  10.132  16.976  1.00 153.68 ? 27  TYR A CZ  1 
ATOM 192  O OH  . TYR A 1 56  ? -9.927  10.085  18.350  1.00 153.68 ? 27  TYR A OH  1 
ATOM 193  N N   . ARG A 1 57  ? -8.035  9.737   9.863   1.00 154.00 ? 28  ARG A N   1 
ATOM 194  C CA  . ARG A 1 57  ? -7.980  9.748   8.411   1.00 154.00 ? 28  ARG A CA  1 
ATOM 195  C C   . ARG A 1 57  ? -6.843  8.905   7.853   1.00 154.00 ? 28  ARG A C   1 
ATOM 196  O O   . ARG A 1 57  ? -7.001  8.269   6.803   1.00 154.00 ? 28  ARG A O   1 
ATOM 197  C CB  . ARG A 1 57  ? -7.845  11.202  7.950   1.00 154.00 ? 28  ARG A CB  1 
ATOM 198  C CG  . ARG A 1 57  ? -7.892  11.490  6.477   1.00 154.00 ? 28  ARG A CG  1 
ATOM 199  C CD  . ARG A 1 57  ? -7.893  13.000  6.333   1.00 154.00 ? 28  ARG A CD  1 
ATOM 200  N NE  . ARG A 1 57  ? -6.695  13.570  6.939   1.00 154.00 ? 28  ARG A NE  1 
ATOM 201  C CZ  . ARG A 1 57  ? -6.676  14.693  7.645   1.00 154.00 ? 28  ARG A CZ  1 
ATOM 202  N NH1 . ARG A 1 57  ? -7.749  15.460  7.753   1.00 154.00 ? 28  ARG A NH1 1 
ATOM 203  N NH2 . ARG A 1 57  ? -5.557  15.046  8.274   1.00 154.00 ? 28  ARG A NH2 1 
ATOM 204  N N   . VAL A 1 58  ? -5.692  8.883   8.534   1.00 147.99 ? 29  VAL A N   1 
ATOM 205  C CA  . VAL A 1 58  ? -4.602  8.013   8.104   1.00 147.99 ? 29  VAL A CA  1 
ATOM 206  C C   . VAL A 1 58  ? -5.010  6.553   8.245   1.00 147.99 ? 29  VAL A C   1 
ATOM 207  O O   . VAL A 1 58  ? -4.578  5.700   7.461   1.00 147.99 ? 29  VAL A O   1 
ATOM 208  C CB  . VAL A 1 58  ? -3.303  8.328   8.872   1.00 147.99 ? 29  VAL A CB  1 
ATOM 209  C CG1 . VAL A 1 58  ? -3.439  8.017   10.346  1.00 147.99 ? 29  VAL A CG1 1 
ATOM 210  C CG2 . VAL A 1 58  ? -2.124  7.569   8.268   1.00 147.99 ? 29  VAL A CG2 1 
ATOM 211  N N   . LYS A 1 59  ? -5.841  6.232   9.244   1.00 151.82 ? 30  LYS A N   1 
ATOM 212  C CA  . LYS A 1 59  ? -6.366  4.869   9.311   1.00 151.82 ? 30  LYS A CA  1 
ATOM 213  C C   . LYS A 1 59  ? -7.185  4.531   8.070   1.00 151.82 ? 30  LYS A C   1 
ATOM 214  O O   . LYS A 1 59  ? -7.098  3.414   7.545   1.00 151.82 ? 30  LYS A O   1 
ATOM 215  C CB  . LYS A 1 59  ? -7.195  4.655   10.579  1.00 151.82 ? 30  LYS A CB  1 
ATOM 216  C CG  . LYS A 1 59  ? -6.551  5.180   11.839  1.00 151.82 ? 30  LYS A CG  1 
ATOM 217  C CD  . LYS A 1 59  ? -5.839  4.072   12.592  1.00 151.82 ? 30  LYS A CD  1 
ATOM 218  C CE  . LYS A 1 59  ? -5.213  4.598   13.870  1.00 151.82 ? 30  LYS A CE  1 
ATOM 219  N NZ  . LYS A 1 59  ? -4.090  3.742   14.346  1.00 151.82 ? 30  LYS A NZ  1 
ATOM 220  N N   . ALA A 1 60  ? -7.985  5.483   7.586   1.00 143.75 ? 31  ALA A N   1 
ATOM 221  C CA  . ALA A 1 60  ? -8.747  5.260   6.360   1.00 143.75 ? 31  ALA A CA  1 
ATOM 222  C C   . ALA A 1 60  ? -7.820  5.048   5.169   1.00 143.75 ? 31  ALA A C   1 
ATOM 223  O O   . ALA A 1 60  ? -8.039  4.151   4.344   1.00 143.75 ? 31  ALA A O   1 
ATOM 224  C CB  . ALA A 1 60  ? -9.686  6.439   6.111   1.00 143.75 ? 31  ALA A CB  1 
ATOM 225  N N   . TYR A 1 61  ? -6.780  5.875   5.058   1.00 155.43 ? 32  TYR A N   1 
ATOM 226  C CA  . TYR A 1 61  ? -5.817  5.706   3.970   1.00 155.43 ? 32  TYR A CA  1 
ATOM 227  C C   . TYR A 1 61  ? -5.177  4.321   4.017   1.00 155.43 ? 32  TYR A C   1 
ATOM 228  O O   . TYR A 1 61  ? -5.053  3.636   2.988   1.00 155.43 ? 32  TYR A O   1 
ATOM 229  C CB  . TYR A 1 61  ? -4.743  6.788   4.056   1.00 155.43 ? 32  TYR A CB  1 
ATOM 230  C CG  . TYR A 1 61  ? -5.246  8.191   3.808   1.00 155.43 ? 32  TYR A CG  1 
ATOM 231  C CD1 . TYR A 1 61  ? -6.152  8.458   2.792   1.00 155.43 ? 32  TYR A CD1 1 
ATOM 232  C CD2 . TYR A 1 61  ? -4.821  9.249   4.602   1.00 155.43 ? 32  TYR A CD2 1 
ATOM 233  C CE1 . TYR A 1 61  ? -6.613  9.743   2.568   1.00 155.43 ? 32  TYR A CE1 1 
ATOM 234  C CE2 . TYR A 1 61  ? -5.276  10.533  4.387   1.00 155.43 ? 32  TYR A CE2 1 
ATOM 235  C CZ  . TYR A 1 61  ? -6.173  10.775  3.370   1.00 155.43 ? 32  TYR A CZ  1 
ATOM 236  O OH  . TYR A 1 61  ? -6.630  12.054  3.152   1.00 155.43 ? 32  TYR A OH  1 
ATOM 237  N N   . ASN A 1 62  ? -4.777  3.891   5.213   1.00 150.79 ? 33  ASN A N   1 
ATOM 238  C CA  . ASN A 1 62  ? -4.145  2.592   5.389   1.00 150.79 ? 33  ASN A CA  1 
ATOM 239  C C   . ASN A 1 62  ? -5.093  1.465   4.999   1.00 150.79 ? 33  ASN A C   1 
ATOM 240  O O   . ASN A 1 62  ? -4.697  0.503   4.330   1.00 150.79 ? 33  ASN A O   1 
ATOM 241  C CB  . ASN A 1 62  ? -3.691  2.443   6.840   1.00 150.79 ? 33  ASN A CB  1 
ATOM 242  C CG  . ASN A 1 62  ? -2.601  3.426   7.207   1.00 150.79 ? 33  ASN A CG  1 
ATOM 243  O OD1 . ASN A 1 62  ? -1.870  3.910   6.343   1.00 150.79 ? 33  ASN A OD1 1 
ATOM 244  N ND2 . ASN A 1 62  ? -2.508  3.757   8.489   1.00 150.79 ? 33  ASN A ND2 1 
ATOM 245  N N   . SER A 1 63  ? -6.351  1.555   5.439   1.00 144.33 ? 34  SER A N   1 
ATOM 246  C CA  . SER A 1 63  ? -7.331  0.532   5.102   1.00 144.33 ? 34  SER A CA  1 
ATOM 247  C C   . SER A 1 63  ? -7.681  0.524   3.623   1.00 144.33 ? 34  SER A C   1 
ATOM 248  O O   . SER A 1 63  ? -8.127  -0.511  3.118   1.00 144.33 ? 34  SER A O   1 
ATOM 249  C CB  . SER A 1 63  ? -8.605  0.732   5.923   1.00 144.33 ? 34  SER A CB  1 
ATOM 250  O OG  . SER A 1 63  ? -8.998  2.091   5.920   1.00 144.33 ? 34  SER A OG  1 
ATOM 251  N N   . ALA A 1 64  ? -7.492  1.641   2.921   1.00 136.93 ? 35  ALA A N   1 
ATOM 252  C CA  . ALA A 1 64  ? -7.632  1.614   1.469   1.00 136.93 ? 35  ALA A CA  1 
ATOM 253  C C   . ALA A 1 64  ? -6.473  0.860   0.832   1.00 136.93 ? 35  ALA A C   1 
ATOM 254  O O   . ALA A 1 64  ? -6.677  -0.001  -0.037  1.00 136.93 ? 35  ALA A O   1 
ATOM 255  C CB  . ALA A 1 64  ? -7.719  3.037   0.922   1.00 136.93 ? 35  ALA A CB  1 
ATOM 256  N N   . ALA A 1 65  ? -5.246  1.161   1.267   1.00 138.59 ? 36  ALA A N   1 
ATOM 257  C CA  . ALA A 1 65  ? -4.081  0.508   0.671   1.00 138.59 ? 36  ALA A CA  1 
ATOM 258  C C   . ALA A 1 65  ? -4.088  -0.997  0.929   1.00 138.59 ? 36  ALA A C   1 
ATOM 259  O O   . ALA A 1 65  ? -3.750  -1.790  0.038   1.00 138.59 ? 36  ALA A O   1 
ATOM 260  C CB  . ALA A 1 65  ? -2.796  1.140   1.204   1.00 138.59 ? 36  ALA A CB  1 
ATOM 261  N N   . SER A 1 66  ? -4.474  -1.409  2.139   1.00 148.85 ? 37  SER A N   1 
ATOM 262  C CA  . SER A 1 66  ? -4.478  -2.833  2.473   1.00 148.85 ? 37  SER A CA  1 
ATOM 263  C C   . SER A 1 66  ? -5.500  -3.596  1.637   1.00 148.85 ? 37  SER A C   1 
ATOM 264  O O   . SER A 1 66  ? -5.208  -4.687  1.125   1.00 148.85 ? 37  SER A O   1 
ATOM 265  C CB  . SER A 1 66  ? -4.762  -3.014  3.963   1.00 148.85 ? 37  SER A CB  1 
ATOM 266  O OG  . SER A 1 66  ? -6.033  -2.485  4.303   1.00 148.85 ? 37  SER A OG  1 
ATOM 267  N N   . SER A 1 67  ? -6.707  -3.042  1.500   1.00 149.57 ? 38  SER A N   1 
ATOM 268  C CA  . SER A 1 67  ? -7.720  -3.641  0.639   1.00 149.57 ? 38  SER A CA  1 
ATOM 269  C C   . SER A 1 67  ? -7.222  -3.741  -0.796  1.00 149.57 ? 38  SER A C   1 
ATOM 270  O O   . SER A 1 67  ? -7.423  -4.760  -1.473  1.00 149.57 ? 38  SER A O   1 
ATOM 271  C CB  . SER A 1 67  ? -9.009  -2.824  0.706   1.00 149.57 ? 38  SER A CB  1 
ATOM 272  O OG  . SER A 1 67  ? -9.868  -3.127  -0.379  1.00 149.57 ? 38  SER A OG  1 
ATOM 273  N N   . ASP A 1 68  ? -6.566  -2.681  -1.278  1.00 162.44 ? 39  ASP A N   1 
ATOM 274  C CA  . ASP A 1 68  ? -6.042  -2.698  -2.638  1.00 162.44 ? 39  ASP A CA  1 
ATOM 275  C C   . ASP A 1 68  ? -5.038  -3.827  -2.826  1.00 162.44 ? 39  ASP A C   1 
ATOM 276  O O   . ASP A 1 68  ? -5.063  -4.528  -3.844  1.00 162.44 ? 39  ASP A O   1 
ATOM 277  C CB  . ASP A 1 68  ? -5.399  -1.348  -2.958  1.00 162.44 ? 39  ASP A CB  1 
ATOM 278  C CG  . ASP A 1 68  ? -5.017  -1.210  -4.420  1.00 162.44 ? 39  ASP A CG  1 
ATOM 279  O OD1 . ASP A 1 68  ? -5.217  -2.168  -5.194  1.00 162.44 ? 39  ASP A OD1 1 
ATOM 280  O OD2 . ASP A 1 68  ? -4.512  -0.136  -4.799  1.00 162.44 ? 39  ASP A OD2 1 
ATOM 281  N N   . LEU A 1 69  ? -4.141  -4.013  -1.858  1.00 145.71 ? 40  LEU A N   1 
ATOM 282  C CA  . LEU A 1 69  ? -3.145  -5.077  -1.976  1.00 145.71 ? 40  LEU A CA  1 
ATOM 283  C C   . LEU A 1 69  ? -3.804  -6.454  -1.962  1.00 145.71 ? 40  LEU A C   1 
ATOM 284  O O   . LEU A 1 69  ? -3.436  -7.344  -2.743  1.00 145.71 ? 40  LEU A O   1 
ATOM 285  C CB  . LEU A 1 69  ? -2.113  -4.955  -0.858  1.00 145.71 ? 40  LEU A CB  1 
ATOM 286  C CG  . LEU A 1 69  ? -1.151  -6.135  -0.741  1.00 145.71 ? 40  LEU A CG  1 
ATOM 287  C CD1 . LEU A 1 69  ? -0.364  -6.306  -2.026  1.00 145.71 ? 40  LEU A CD1 1 
ATOM 288  C CD2 . LEU A 1 69  ? -0.213  -5.941  0.427   1.00 145.71 ? 40  LEU A CD2 1 
ATOM 289  N N   . ARG A 1 70  ? -4.774  -6.654  -1.065  1.00 148.50 ? 41  ARG A N   1 
ATOM 290  C CA  . ARG A 1 70  ? -5.461  -7.942  -1.004  1.00 148.50 ? 41  ARG A CA  1 
ATOM 291  C C   . ARG A 1 70  ? -6.214  -8.231  -2.298  1.00 148.50 ? 41  ARG A C   1 
ATOM 292  O O   . ARG A 1 70  ? -6.390  -9.396  -2.671  1.00 148.50 ? 41  ARG A O   1 
ATOM 293  C CB  . ARG A 1 70  ? -6.412  -7.962  0.192   1.00 148.50 ? 41  ARG A CB  1 
ATOM 294  C CG  . ARG A 1 70  ? -6.924  -9.338  0.590   1.00 148.50 ? 41  ARG A CG  1 
ATOM 295  C CD  . ARG A 1 70  ? -8.310  -9.587  0.029   1.00 148.50 ? 41  ARG A CD  1 
ATOM 296  N NE  . ARG A 1 70  ? -8.753  -10.963 0.216   1.00 148.50 ? 41  ARG A NE  1 
ATOM 297  C CZ  . ARG A 1 70  ? -8.503  -11.954 -0.629  1.00 148.50 ? 41  ARG A CZ  1 
ATOM 298  N NH1 . ARG A 1 70  ? -7.741  -11.774 -1.698  1.00 148.50 ? 41  ARG A NH1 1 
ATOM 299  N NH2 . ARG A 1 70  ? -9.026  -13.154 -0.394  1.00 148.50 ? 41  ARG A NH2 1 
ATOM 300  N N   . ASN A 1 71  ? -6.660  -7.182  -2.988  1.00 150.79 ? 42  ASN A N   1 
ATOM 301  C CA  . ASN A 1 71  ? -7.294  -7.330  -4.296  1.00 150.79 ? 42  ASN A CA  1 
ATOM 302  C C   . ASN A 1 71  ? -6.267  -7.693  -5.368  1.00 150.79 ? 42  ASN A C   1 
ATOM 303  O O   . ASN A 1 71  ? -6.490  -8.580  -6.214  1.00 150.79 ? 42  ASN A O   1 
ATOM 304  C CB  . ASN A 1 71  ? -7.994  -6.014  -4.625  1.00 150.79 ? 42  ASN A CB  1 
ATOM 305  C CG  . ASN A 1 71  ? -8.859  -6.084  -5.848  1.00 150.79 ? 42  ASN A CG  1 
ATOM 306  O OD1 . ASN A 1 71  ? -8.954  -7.112  -6.520  1.00 150.79 ? 42  ASN A OD1 1 
ATOM 307  N ND2 . ASN A 1 71  ? -9.509  -4.971  -6.148  1.00 150.79 ? 42  ASN A ND2 1 
ATOM 308  N N   . LEU A 1 72  ? -5.133  -6.997  -5.351  1.00 143.22 ? 43  LEU A N   1 
ATOM 309  C CA  . LEU A 1 72  ? -4.074  -7.259  -6.314  1.00 143.22 ? 43  LEU A CA  1 
ATOM 310  C C   . LEU A 1 72  ? -3.577  -8.693  -6.207  1.00 143.22 ? 43  LEU A C   1 
ATOM 311  O O   . LEU A 1 72  ? -3.156  -9.289  -7.206  1.00 143.22 ? 43  LEU A O   1 
ATOM 312  C CB  . LEU A 1 72  ? -2.932  -6.268  -6.100  1.00 143.22 ? 43  LEU A CB  1 
ATOM 313  C CG  . LEU A 1 72  ? -1.702  -6.465  -6.975  1.00 143.22 ? 43  LEU A CG  1 
ATOM 314  C CD1 . LEU A 1 72  ? -2.097  -6.321  -8.422  1.00 143.22 ? 43  LEU A CD1 1 
ATOM 315  C CD2 . LEU A 1 72  ? -0.669  -5.434  -6.613  1.00 143.22 ? 43  LEU A CD2 1 
ATOM 316  N N   . LYS A 1 73  ? -3.587  -9.255  -4.996  1.00 143.91 ? 44  LYS A N   1 
ATOM 317  C CA  . LYS A 1 73  ? -3.198  -10.656 -4.848  1.00 143.91 ? 44  LYS A CA  1 
ATOM 318  C C   . LYS A 1 73  ? -4.120  -11.574 -5.644  1.00 143.91 ? 44  LYS A C   1 
ATOM 319  O O   . LYS A 1 73  ? -3.653  -12.520 -6.297  1.00 143.91 ? 44  LYS A O   1 
ATOM 320  C CB  . LYS A 1 73  ? -3.189  -11.071 -3.380  1.00 143.91 ? 44  LYS A CB  1 
ATOM 321  C CG  . LYS A 1 73  ? -2.533  -12.430 -3.168  1.00 143.91 ? 44  LYS A CG  1 
ATOM 322  C CD  . LYS A 1 73  ? -2.577  -12.866 -1.720  1.00 143.91 ? 44  LYS A CD  1 
ATOM 323  C CE  . LYS A 1 73  ? -1.802  -11.919 -0.834  1.00 143.91 ? 44  LYS A CE  1 
ATOM 324  N NZ  . LYS A 1 73  ? -1.587  -12.507 0.515   1.00 143.91 ? 44  LYS A NZ  1 
ATOM 325  N N   . THR A 1 74  ? -5.432  -11.316 -5.598  1.00 151.01 ? 45  THR A N   1 
ATOM 326  C CA  . THR A 1 74  ? -6.367  -12.093 -6.405  1.00 151.01 ? 45  THR A CA  1 
ATOM 327  C C   . THR A 1 74  ? -6.039  -11.952 -7.880  1.00 151.01 ? 45  THR A C   1 
ATOM 328  O O   . THR A 1 74  ? -6.045  -12.939 -8.629  1.00 151.01 ? 45  THR A O   1 
ATOM 329  C CB  . THR A 1 74  ? -7.808  -11.633 -6.170  1.00 151.01 ? 45  THR A CB  1 
ATOM 330  O OG1 . THR A 1 74  ? -7.866  -10.204 -6.200  1.00 151.01 ? 45  THR A OG1 1 
ATOM 331  C CG2 . THR A 1 74  ? -8.320  -12.098 -4.829  1.00 151.01 ? 45  THR A CG2 1 
ATOM 332  N N   . ALA A 1 75  ? -5.744  -10.723 -8.311  1.00 151.09 ? 46  ALA A N   1 
ATOM 333  C CA  . ALA A 1 75  ? -5.425  -10.511 -9.722  1.00 151.09 ? 46  ALA A CA  1 
ATOM 334  C C   . ALA A 1 75  ? -4.200  -11.322 -10.136 1.00 151.09 ? 46  ALA A C   1 
ATOM 335  O O   . ALA A 1 75  ? -4.210  -12.016 -11.163 1.00 151.09 ? 46  ALA A O   1 
ATOM 336  C CB  . ALA A 1 75  ? -5.203  -9.024  -9.995  1.00 151.09 ? 46  ALA A CB  1 
ATOM 337  N N   . LEU A 1 76  ? -3.140  -11.258 -9.329  1.00 153.48 ? 47  LEU A N   1 
ATOM 338  C CA  . LEU A 1 76  ? -1.915  -11.998 -9.620  1.00 153.48 ? 47  LEU A CA  1 
ATOM 339  C C   . LEU A 1 76  ? -2.166  -13.498 -9.679  1.00 153.48 ? 47  LEU A C   1 
ATOM 340  O O   . LEU A 1 76  ? -1.699  -14.185 -10.599 1.00 153.48 ? 47  LEU A O   1 
ATOM 341  C CB  . LEU A 1 76  ? -0.852  -11.671 -8.571  1.00 153.48 ? 47  LEU A CB  1 
ATOM 342  C CG  . LEU A 1 76  ? -0.249  -10.272 -8.585  1.00 153.48 ? 47  LEU A CG  1 
ATOM 343  C CD1 . LEU A 1 76  ? 0.721   -10.116 -7.453  1.00 153.48 ? 47  LEU A CD1 1 
ATOM 344  C CD2 . LEU A 1 76  ? 0.515   -10.140 -9.876  1.00 153.48 ? 47  LEU A CD2 1 
ATOM 345  N N   . GLU A 1 77  ? -2.895  -14.030 -8.701  1.00 169.27 ? 48  GLU A N   1 
ATOM 346  C CA  . GLU A 1 77  ? -3.038  -15.474 -8.640  1.00 169.27 ? 48  GLU A CA  1 
ATOM 347  C C   . GLU A 1 77  ? -3.996  -16.003 -9.696  1.00 169.27 ? 48  GLU A C   1 
ATOM 348  O O   . GLU A 1 77  ? -3.884  -17.172 -10.085 1.00 169.27 ? 48  GLU A O   1 
ATOM 349  C CB  . GLU A 1 77  ? -3.506  -15.899 -7.247  1.00 169.27 ? 48  GLU A CB  1 
ATOM 350  C CG  . GLU A 1 77  ? -3.637  -17.399 -7.071  1.00 169.27 ? 48  GLU A CG  1 
ATOM 351  C CD  . GLU A 1 77  ? -2.302  -18.116 -7.175  1.00 169.27 ? 48  GLU A CD  1 
ATOM 352  O OE1 . GLU A 1 77  ? -1.254  -17.493 -6.898  1.00 169.27 ? 48  GLU A OE1 1 
ATOM 353  O OE2 . GLU A 1 77  ? -2.300  -19.309 -7.543  1.00 169.27 ? 48  GLU A OE2 1 
ATOM 354  N N   . SER A 1 78  ? -4.897  -15.164 -10.205 1.00 161.24 ? 49  SER A N   1 
ATOM 355  C CA  . SER A 1 78  ? -5.678  -15.561 -11.370 1.00 161.24 ? 49  SER A CA  1 
ATOM 356  C C   . SER A 1 78  ? -4.821  -15.533 -12.630 1.00 161.24 ? 49  SER A C   1 
ATOM 357  O O   . SER A 1 78  ? -4.918  -16.425 -13.486 1.00 161.24 ? 49  SER A O   1 
ATOM 358  C CB  . SER A 1 78  ? -6.896  -14.655 -11.524 1.00 161.24 ? 49  SER A CB  1 
ATOM 359  O OG  . SER A 1 78  ? -7.661  -15.057 -12.647 1.00 161.24 ? 49  SER A OG  1 
ATOM 360  N N   . ALA A 1 79  ? -3.971  -14.512 -12.766 1.00 161.89 ? 50  ALA A N   1 
ATOM 361  C CA  . ALA A 1 79  ? -3.103  -14.450 -13.938 1.00 161.89 ? 50  ALA A CA  1 
ATOM 362  C C   . ALA A 1 79  ? -2.179  -15.662 -14.004 1.00 161.89 ? 50  ALA A C   1 
ATOM 363  O O   . ALA A 1 79  ? -1.933  -16.211 -15.090 1.00 161.89 ? 50  ALA A O   1 
ATOM 364  C CB  . ALA A 1 79  ? -2.293  -13.156 -13.922 1.00 161.89 ? 50  ALA A CB  1 
ATOM 365  N N   . PHE A 1 80  ? -1.651  -16.093 -12.856 1.00 165.01 ? 51  PHE A N   1 
ATOM 366  C CA  . PHE A 1 80  ? -0.821  -17.296 -12.853 1.00 165.01 ? 51  PHE A CA  1 
ATOM 367  C C   . PHE A 1 80  ? -1.629  -18.508 -13.296 1.00 165.01 ? 51  PHE A C   1 
ATOM 368  O O   . PHE A 1 80  ? -1.163  -19.317 -14.107 1.00 165.01 ? 51  PHE A O   1 
ATOM 369  C CB  . PHE A 1 80  ? -0.206  -17.542 -11.476 1.00 165.01 ? 51  PHE A CB  1 
ATOM 370  C CG  . PHE A 1 80  ? 0.803   -18.662 -11.462 1.00 165.01 ? 51  PHE A CG  1 
ATOM 371  C CD1 . PHE A 1 80  ? 0.405   -19.990 -11.488 1.00 165.01 ? 51  PHE A CD1 1 
ATOM 372  C CD2 . PHE A 1 80  ? 2.157   -18.380 -11.453 1.00 165.01 ? 51  PHE A CD2 1 
ATOM 373  C CE1 . PHE A 1 80  ? 1.334   -21.007 -11.501 1.00 165.01 ? 51  PHE A CE1 1 
ATOM 374  C CE2 . PHE A 1 80  ? 3.091   -19.398 -11.457 1.00 165.01 ? 51  PHE A CE2 1 
ATOM 375  C CZ  . PHE A 1 80  ? 2.678   -20.713 -11.478 1.00 165.01 ? 51  PHE A CZ  1 
ATOM 376  N N   . ALA A 1 81  ? -2.851  -18.647 -12.783 1.00 165.52 ? 52  ALA A N   1 
ATOM 377  C CA  . ALA A 1 81  ? -3.683  -19.766 -13.203 1.00 165.52 ? 52  ALA A CA  1 
ATOM 378  C C   . ALA A 1 81  ? -4.076  -19.673 -14.665 1.00 165.52 ? 52  ALA A C   1 
ATOM 379  O O   . ALA A 1 81  ? -4.594  -20.649 -15.216 1.00 165.52 ? 52  ALA A O   1 
ATOM 380  C CB  . ALA A 1 81  ? -4.937  -19.851 -12.332 1.00 165.52 ? 52  ALA A CB  1 
ATOM 381  N N   . ASP A 1 82  ? -3.849  -18.525 -15.296 1.00 178.95 ? 53  ASP A N   1 
ATOM 382  C CA  . ASP A 1 82  ? -3.978  -18.448 -16.748 1.00 178.95 ? 53  ASP A CA  1 
ATOM 383  C C   . ASP A 1 82  ? -2.720  -18.922 -17.466 1.00 178.95 ? 53  ASP A C   1 
ATOM 384  O O   . ASP A 1 82  ? -2.795  -19.786 -18.344 1.00 178.95 ? 53  ASP A O   1 
ATOM 385  C CB  . ASP A 1 82  ? -4.285  -17.019 -17.190 1.00 178.95 ? 53  ASP A CB  1 
ATOM 386  C CG  . ASP A 1 82  ? -5.618  -16.538 -16.702 1.00 178.95 ? 53  ASP A CG  1 
ATOM 387  O OD1 . ASP A 1 82  ? -6.429  -17.372 -16.251 1.00 178.95 ? 53  ASP A OD1 1 
ATOM 388  O OD2 . ASP A 1 82  ? -5.871  -15.318 -16.772 1.00 178.95 ? 53  ASP A OD2 1 
ATOM 389  N N   . ASP A 1 83  ? -1.561  -18.370 -17.109 1.00 174.94 ? 54  ASP A N   1 
ATOM 390  C CA  . ASP A 1 83  ? -0.363  -18.531 -17.923 1.00 174.94 ? 54  ASP A CA  1 
ATOM 391  C C   . ASP A 1 83  ? 0.720   -19.388 -17.278 1.00 174.94 ? 54  ASP A C   1 
ATOM 392  O O   . ASP A 1 83  ? 1.827   -19.462 -17.821 1.00 174.94 ? 54  ASP A O   1 
ATOM 393  C CB  . ASP A 1 83  ? 0.215   -17.154 -18.279 1.00 174.94 ? 54  ASP A CB  1 
ATOM 394  C CG  . ASP A 1 83  ? -0.760  -16.299 -19.070 1.00 174.94 ? 54  ASP A CG  1 
ATOM 395  O OD1 . ASP A 1 83  ? -1.768  -16.848 -19.563 1.00 174.94 ? 54  ASP A OD1 1 
ATOM 396  O OD2 . ASP A 1 83  ? -0.521  -15.080 -19.203 1.00 174.94 ? 54  ASP A OD2 1 
ATOM 397  N N   . GLN A 1 84  ? 0.439   -20.032 -16.144 1.00 174.04 ? 55  GLN A N   1 
ATOM 398  C CA  . GLN A 1 84  ? 1.431   -20.787 -15.376 1.00 174.04 ? 55  GLN A CA  1 
ATOM 399  C C   . GLN A 1 84  ? 2.601   -19.914 -14.933 1.00 174.04 ? 55  GLN A C   1 
ATOM 400  O O   . GLN A 1 84  ? 3.640   -20.429 -14.510 1.00 174.04 ? 55  GLN A O   1 
ATOM 401  C CB  . GLN A 1 84  ? 1.960   -22.007 -16.147 1.00 174.04 ? 55  GLN A CB  1 
ATOM 402  C CG  . GLN A 1 84  ? 0.944   -23.115 -16.411 1.00 174.04 ? 55  GLN A CG  1 
ATOM 403  C CD  . GLN A 1 84  ? 0.065   -22.848 -17.617 1.00 174.04 ? 55  GLN A CD  1 
ATOM 404  O OE1 . GLN A 1 84  ? 0.385   -22.014 -18.463 1.00 174.04 ? 55  GLN A OE1 1 
ATOM 405  N NE2 . GLN A 1 84  ? -1.049  -23.564 -17.706 1.00 174.04 ? 55  GLN A NE2 1 
ATOM 406  N N   . THR A 1 85  ? 2.453   -18.595 -15.025 1.00 172.32 ? 56  THR A N   1 
ATOM 407  C CA  . THR A 1 85  ? 3.512   -17.665 -14.664 1.00 172.32 ? 56  THR A CA  1 
ATOM 408  C C   . THR A 1 85  ? 2.890   -16.357 -14.205 1.00 172.32 ? 56  THR A C   1 
ATOM 409  O O   . THR A 1 85  ? 1.879   -15.915 -14.758 1.00 172.32 ? 56  THR A O   1 
ATOM 410  C CB  . THR A 1 85  ? 4.461   -17.415 -15.844 1.00 172.32 ? 56  THR A CB  1 
ATOM 411  O OG1 . THR A 1 85  ? 5.462   -16.462 -15.466 1.00 172.32 ? 56  THR A OG1 1 
ATOM 412  C CG2 . THR A 1 85  ? 3.700   -16.902 -17.054 1.00 172.32 ? 56  THR A CG2 1 
ATOM 413  N N   . TYR A 1 86  ? 3.487   -15.746 -13.188 1.00 162.74 ? 57  TYR A N   1 
ATOM 414  C CA  . TYR A 1 86  ? 3.058   -14.419 -12.800 1.00 162.74 ? 57  TYR A CA  1 
ATOM 415  C C   . TYR A 1 86  ? 3.484   -13.402 -13.858 1.00 162.74 ? 57  TYR A C   1 
ATOM 416  O O   . TYR A 1 86  ? 4.521   -13.567 -14.508 1.00 162.74 ? 57  TYR A O   1 
ATOM 417  C CB  . TYR A 1 86  ? 3.620   -14.058 -11.427 1.00 162.74 ? 57  TYR A CB  1 
ATOM 418  C CG  . TYR A 1 86  ? 3.099   -14.972 -10.342 1.00 162.74 ? 57  TYR A CG  1 
ATOM 419  C CD1 . TYR A 1 86  ? 1.761   -14.943 -9.974  1.00 162.74 ? 57  TYR A CD1 1 
ATOM 420  C CD2 . TYR A 1 86  ? 3.932   -15.880 -9.703  1.00 162.74 ? 57  TYR A CD2 1 
ATOM 421  C CE1 . TYR A 1 86  ? 1.269   -15.775 -8.991  1.00 162.74 ? 57  TYR A CE1 1 
ATOM 422  C CE2 . TYR A 1 86  ? 3.447   -16.722 -8.717  1.00 162.74 ? 57  TYR A CE2 1 
ATOM 423  C CZ  . TYR A 1 86  ? 2.114   -16.665 -8.369  1.00 162.74 ? 57  TYR A CZ  1 
ATOM 424  O OH  . TYR A 1 86  ? 1.619   -17.495 -7.391  1.00 162.74 ? 57  TYR A OH  1 
ATOM 425  N N   . PRO A 1 87  ? 2.686   -12.356 -14.063 1.00 154.38 ? 58  PRO A N   1 
ATOM 426  C CA  . PRO A 1 87  ? 2.937   -11.458 -15.185 1.00 154.38 ? 58  PRO A CA  1 
ATOM 427  C C   . PRO A 1 87  ? 4.275   -10.767 -15.047 1.00 154.38 ? 58  PRO A C   1 
ATOM 428  O O   . PRO A 1 87  ? 4.763   -10.526 -13.927 1.00 154.38 ? 58  PRO A O   1 
ATOM 429  C CB  . PRO A 1 87  ? 1.774   -10.459 -15.099 1.00 154.38 ? 58  PRO A CB  1 
ATOM 430  C CG  . PRO A 1 87  ? 0.684   -11.245 -14.480 1.00 154.38 ? 58  PRO A CG  1 
ATOM 431  C CD  . PRO A 1 87  ? 1.360   -12.126 -13.466 1.00 154.38 ? 58  PRO A CD  1 
ATOM 432  N N   . PRO A 1 88  ? 4.915   -10.426 -16.167 1.00 150.59 ? 59  PRO A N   1 
ATOM 433  C CA  . PRO A 1 88  ? 6.156   -9.654  -16.104 1.00 150.59 ? 59  PRO A CA  1 
ATOM 434  C C   . PRO A 1 88  ? 5.911   -8.240  -15.604 1.00 150.59 ? 59  PRO A C   1 
ATOM 435  O O   . PRO A 1 88  ? 4.825   -7.678  -15.762 1.00 150.59 ? 59  PRO A O   1 
ATOM 436  C CB  . PRO A 1 88  ? 6.646   -9.659  -17.555 1.00 150.59 ? 59  PRO A CB  1 
ATOM 437  C CG  . PRO A 1 88  ? 5.392   -9.711  -18.348 1.00 150.59 ? 59  PRO A CG  1 
ATOM 438  C CD  . PRO A 1 88  ? 4.446   -10.589 -17.551 1.00 150.59 ? 59  PRO A CD  1 
ATOM 439  N N   . GLU A 1 89  ? 6.945   -7.668  -14.993 1.00 170.97 ? 60  GLU A N   1 
ATOM 440  C CA  . GLU A 1 89  ? 6.836   -6.339  -14.407 1.00 170.97 ? 60  GLU A CA  1 
ATOM 441  C C   . GLU A 1 89  ? 6.576   -5.287  -15.479 1.00 170.97 ? 60  GLU A C   1 
ATOM 442  O O   . GLU A 1 89  ? 6.873   -5.483  -16.660 1.00 170.97 ? 60  GLU A O   1 
ATOM 443  C CB  . GLU A 1 89  ? 8.108   -5.995  -13.635 1.00 170.97 ? 60  GLU A CB  1 
ATOM 444  C CG  . GLU A 1 89  ? 8.359   -6.887  -12.437 1.00 170.97 ? 60  GLU A CG  1 
ATOM 445  C CD  . GLU A 1 89  ? 9.771   -6.764  -11.910 1.00 170.97 ? 60  GLU A CD  1 
ATOM 446  O OE1 . GLU A 1 89  ? 10.416  -5.729  -12.178 1.00 170.97 ? 60  GLU A OE1 1 
ATOM 447  O OE2 . GLU A 1 89  ? 10.234  -7.696  -11.219 1.00 170.97 ? 60  GLU A OE2 1 
ATOM 448  N N   . SER A 1 90  ? 5.997   -4.167  -15.050 1.00 172.93 ? 61  SER A N   1 
ATOM 449  C CA  . SER A 1 90  ? 5.710   -3.029  -15.923 1.00 172.93 ? 61  SER A CA  1 
ATOM 450  C C   . SER A 1 90  ? 4.830   -3.415  -17.109 1.00 172.93 ? 61  SER A C   1 
ATOM 451  O O   . SER A 1 90  ? 5.197   -3.206  -18.264 1.00 172.93 ? 61  SER A O   1 
ATOM 452  C CB  . SER A 1 90  ? 7.010   -2.398  -16.427 1.00 172.93 ? 61  SER A CB  1 
ATOM 453  O OG  . SER A 1 90  ? 7.799   -1.924  -15.350 1.00 172.93 ? 61  SER A OG  1 
ATOM 454  O OXT . SER A 1 90  ? 3.730   -3.939  -16.946 1.00 172.93 ? 61  SER A OXT 1 
ATOM 455  N N   . ALA B 2 21  ? 10.880  -0.834  -14.590 1.00 173.24 ? 1   ALA a N   1 
ATOM 456  C CA  . ALA B 2 21  ? 10.763  -2.048  -13.791 1.00 173.24 ? 1   ALA a CA  1 
ATOM 457  C C   . ALA B 2 21  ? 10.305  -1.718  -12.376 1.00 173.24 ? 1   ALA a C   1 
ATOM 458  O O   . ALA B 2 21  ? 10.361  -0.567  -11.949 1.00 173.24 ? 1   ALA a O   1 
ATOM 459  C CB  . ALA B 2 21  ? 12.089  -2.794  -13.762 1.00 173.24 ? 1   ALA a CB  1 
ATOM 460  N N   . GLY B 2 22  ? 9.844   -2.736  -11.652 1.00 167.85 ? 2   GLY a N   1 
ATOM 461  C CA  . GLY B 2 22  ? 9.439   -2.568  -10.274 1.00 167.85 ? 2   GLY a CA  1 
ATOM 462  C C   . GLY B 2 22  ? 8.062   -1.981  -10.061 1.00 167.85 ? 2   GLY a C   1 
ATOM 463  O O   . GLY B 2 22  ? 7.662   -1.794  -8.905  1.00 167.85 ? 2   GLY a O   1 
ATOM 464  N N   . LYS B 2 23  ? 7.319   -1.690  -11.123 1.00 163.96 ? 3   LYS a N   1 
ATOM 465  C CA  . LYS B 2 23  ? 5.987   -1.120  -11.009 1.00 163.96 ? 3   LYS a CA  1 
ATOM 466  C C   . LYS B 2 23  ? 4.931   -2.167  -11.344 1.00 163.96 ? 3   LYS a C   1 
ATOM 467  O O   . LYS B 2 23  ? 5.241   -3.275  -11.786 1.00 163.96 ? 3   LYS a O   1 
ATOM 468  C CB  . LYS B 2 23  ? 5.826   0.101   -11.921 1.00 163.96 ? 3   LYS a CB  1 
ATOM 469  C CG  . LYS B 2 23  ? 5.906   -0.210  -13.401 1.00 163.96 ? 3   LYS a CG  1 
ATOM 470  C CD  . LYS B 2 23  ? 5.696   1.045   -14.234 1.00 163.96 ? 3   LYS a CD  1 
ATOM 471  C CE  . LYS B 2 23  ? 6.889   1.988   -14.161 1.00 163.96 ? 3   LYS a CE  1 
ATOM 472  N NZ  . LYS B 2 23  ? 8.117   1.420   -14.784 1.00 163.96 ? 3   LYS a NZ  1 
ATOM 473  N N   . ILE B 2 24  ? 3.677   -1.798  -11.099 1.00 152.63 ? 4   ILE a N   1 
ATOM 474  C CA  . ILE B 2 24  ? 2.523   -2.666  -11.329 1.00 152.63 ? 4   ILE a CA  1 
ATOM 475  C C   . ILE B 2 24  ? 2.557   -3.187  -12.762 1.00 152.63 ? 4   ILE a C   1 
ATOM 476  O O   . ILE B 2 24  ? 2.821   -2.419  -13.700 1.00 152.63 ? 4   ILE a O   1 
ATOM 477  C CB  . ILE B 2 24  ? 1.210   -1.924  -11.020 1.00 152.63 ? 4   ILE a CB  1 
ATOM 478  C CG1 . ILE B 2 24  ? 0.026   -2.888  -10.951 1.00 152.63 ? 4   ILE a CG1 1 
ATOM 479  C CG2 . ILE B 2 24  ? 0.955   -0.801  -12.015 1.00 152.63 ? 4   ILE a CG2 1 
ATOM 480  C CD1 . ILE B 2 24  ? 0.099   -3.857  -9.804  1.00 152.63 ? 4   ILE a CD1 1 
ATOM 481  N N   . PRO B 2 25  ? 2.354   -4.484  -12.977 1.00 157.55 ? 5   PRO a N   1 
ATOM 482  C CA  . PRO B 2 25  ? 2.323   -5.005  -14.347 1.00 157.55 ? 5   PRO a CA  1 
ATOM 483  C C   . PRO B 2 25  ? 1.058   -4.571  -15.074 1.00 157.55 ? 5   PRO a C   1 
ATOM 484  O O   . PRO B 2 25  ? -0.023  -4.510  -14.485 1.00 157.55 ? 5   PRO a O   1 
ATOM 485  C CB  . PRO B 2 25  ? 2.378   -6.524  -14.149 1.00 157.55 ? 5   PRO a CB  1 
ATOM 486  C CG  . PRO B 2 25  ? 1.760   -6.733  -12.816 1.00 157.55 ? 5   PRO a CG  1 
ATOM 487  C CD  . PRO B 2 25  ? 2.207   -5.560  -11.985 1.00 157.55 ? 5   PRO a CD  1 
ATOM 488  N N   . THR B 2 26  ? 1.210   -4.241  -16.355 1.00 150.79 ? 6   THR a N   1 
ATOM 489  C CA  . THR B 2 26  ? 0.087   -3.829  -17.186 1.00 150.79 ? 6   THR a CA  1 
ATOM 490  C C   . THR B 2 26  ? -0.468  -4.951  -18.051 1.00 150.79 ? 6   THR a C   1 
ATOM 491  O O   . THR B 2 26  ? -1.599  -4.838  -18.535 1.00 150.79 ? 6   THR a O   1 
ATOM 492  C CB  . THR B 2 26  ? 0.494   -2.664  -18.090 1.00 150.79 ? 6   THR a CB  1 
ATOM 493  O OG1 . THR B 2 26  ? 1.445   -3.122  -19.060 1.00 150.79 ? 6   THR a OG1 1 
ATOM 494  C CG2 . THR B 2 26  ? 1.114   -1.548  -17.269 1.00 150.79 ? 6   THR a CG2 1 
ATOM 495  N N   . THR B 2 27  ? 0.292   -6.024  -18.259 1.00 160.61 ? 7   THR a N   1 
ATOM 496  C CA  . THR B 2 27  ? -0.125  -7.096  -19.150 1.00 160.61 ? 7   THR a CA  1 
ATOM 497  C C   . THR B 2 27  ? 0.533   -8.393  -18.707 1.00 160.61 ? 7   THR a C   1 
ATOM 498  O O   . THR B 2 27  ? 1.714   -8.407  -18.353 1.00 160.61 ? 7   THR a O   1 
ATOM 499  C CB  . THR B 2 27  ? 0.245   -6.777  -20.605 1.00 160.61 ? 7   THR a CB  1 
ATOM 500  O OG1 . THR B 2 27  ? -0.458  -5.602  -21.031 1.00 160.61 ? 7   THR a OG1 1 
ATOM 501  C CG2 . THR B 2 27  ? -0.108  -7.931  -21.531 1.00 160.61 ? 7   THR a CG2 1 
ATOM 502  N N   . THR B 2 28  ? -0.236  -9.478  -18.730 1.00 161.52 ? 8   THR a N   1 
ATOM 503  C CA  . THR B 2 28  ? 0.287   -10.789 -18.388 1.00 161.52 ? 8   THR a CA  1 
ATOM 504  C C   . THR B 2 28  ? 0.958   -11.417 -19.602 1.00 161.52 ? 8   THR a C   1 
ATOM 505  O O   . THR B 2 28  ? 0.871   -10.910 -20.722 1.00 161.52 ? 8   THR a O   1 
ATOM 506  C CB  . THR B 2 28  ? -0.822  -11.704 -17.866 1.00 161.52 ? 8   THR a CB  1 
ATOM 507  O OG1 . THR B 2 28  ? -0.247  -12.920 -17.374 1.00 161.52 ? 8   THR a OG1 1 
ATOM 508  C CG2 . THR B 2 28  ? -1.801  -12.034 -18.974 1.00 161.52 ? 8   THR a CG2 1 
ATOM 509  N N   . MET B 2 29  ? 1.646   -12.534 -19.362 1.00 171.76 ? 9   MET a N   1 
ATOM 510  C CA  . MET B 2 29  ? 2.444   -13.142 -20.421 1.00 171.76 ? 9   MET a CA  1 
ATOM 511  C C   . MET B 2 29  ? 1.580   -13.626 -21.580 1.00 171.76 ? 9   MET a C   1 
ATOM 512  O O   . MET B 2 29  ? 2.063   -13.730 -22.713 1.00 171.76 ? 9   MET a O   1 
ATOM 513  C CB  . MET B 2 29  ? 3.285   -14.284 -19.850 1.00 171.76 ? 9   MET a CB  1 
ATOM 514  C CG  . MET B 2 29  ? 4.242   -14.903 -20.850 1.00 171.76 ? 9   MET a CG  1 
ATOM 515  S SD  . MET B 2 29  ? 5.477   -13.718 -21.412 1.00 171.76 ? 9   MET a SD  1 
ATOM 516  C CE  . MET B 2 29  ? 6.507   -13.577 -19.958 1.00 171.76 ? 9   MET a CE  1 
ATOM 517  N N   . GLY B 2 30  ? 0.303   -13.897 -21.331 1.00 175.66 ? 10  GLY a N   1 
ATOM 518  C CA  . GLY B 2 30  ? -0.577  -14.374 -22.380 1.00 175.66 ? 10  GLY a CA  1 
ATOM 519  C C   . GLY B 2 30  ? -1.041  -13.287 -23.328 1.00 175.66 ? 10  GLY a C   1 
ATOM 520  O O   . GLY B 2 30  ? -1.886  -13.529 -24.196 1.00 175.66 ? 10  GLY a O   1 
ATOM 521  N N   . GLY B 2 31  ? -0.510  -12.077 -23.166 1.00 167.40 ? 11  GLY a N   1 
ATOM 522  C CA  . GLY B 2 31  ? -0.910  -10.952 -23.980 1.00 167.40 ? 11  GLY a CA  1 
ATOM 523  C C   . GLY B 2 31  ? -2.176  -10.261 -23.525 1.00 167.40 ? 11  GLY a C   1 
ATOM 524  O O   . GLY B 2 31  ? -2.517  -9.207  -24.074 1.00 167.40 ? 11  GLY a O   1 
ATOM 525  N N   . LYS B 2 32  ? -2.877  -10.816 -22.539 1.00 167.60 ? 12  LYS a N   1 
ATOM 526  C CA  . LYS B 2 32  ? -4.046  -10.169 -21.970 1.00 167.60 ? 12  LYS a CA  1 
ATOM 527  C C   . LYS B 2 32  ? -3.611  -9.119  -20.959 1.00 167.60 ? 12  LYS a C   1 
ATOM 528  O O   . LYS B 2 32  ? -2.613  -9.293  -20.253 1.00 167.60 ? 12  LYS a O   1 
ATOM 529  C CB  . LYS B 2 32  ? -4.964  -11.190 -21.299 1.00 167.60 ? 12  LYS a CB  1 
ATOM 530  C CG  . LYS B 2 32  ? -5.426  -12.337 -22.192 1.00 167.60 ? 12  LYS a CG  1 
ATOM 531  C CD  . LYS B 2 32  ? -5.706  -11.878 -23.618 1.00 167.60 ? 12  LYS a CD  1 
ATOM 532  C CE  . LYS B 2 32  ? -5.953  -13.053 -24.555 1.00 167.60 ? 12  LYS a CE  1 
ATOM 533  N NZ  . LYS B 2 32  ? -6.827  -14.088 -23.939 1.00 167.60 ? 12  LYS a NZ  1 
ATOM 534  N N   . ASP B 2 33  ? -4.369  -8.028  -20.890 1.00 171.10 ? 13  ASP a N   1 
ATOM 535  C CA  . ASP B 2 33  ? -4.043  -6.959  -19.962 1.00 171.10 ? 13  ASP a CA  1 
ATOM 536  C C   . ASP B 2 33  ? -4.078  -7.470  -18.531 1.00 171.10 ? 13  ASP a C   1 
ATOM 537  O O   . ASP B 2 33  ? -4.886  -8.334  -18.181 1.00 171.10 ? 13  ASP a O   1 
ATOM 538  C CB  . ASP B 2 33  ? -5.027  -5.795  -20.122 1.00 171.10 ? 13  ASP a CB  1 
ATOM 539  C CG  . ASP B 2 33  ? -4.864  -5.068  -21.440 1.00 171.10 ? 13  ASP a CG  1 
ATOM 540  O OD1 . ASP B 2 33  ? -3.738  -5.048  -21.976 1.00 171.10 ? 13  ASP a OD1 1 
ATOM 541  O OD2 . ASP B 2 33  ? -5.860  -4.501  -21.934 1.00 171.10 ? 13  ASP a OD2 1 
ATOM 542  N N   . PHE B 2 34  ? -3.184  -6.931  -17.701 1.00 162.74 ? 14  PHE a N   1 
ATOM 543  C CA  . PHE B 2 34  ? -3.228  -7.243  -16.273 1.00 162.74 ? 14  PHE a CA  1 
ATOM 544  C C   . PHE B 2 34  ? -4.519  -6.783  -15.621 1.00 162.74 ? 14  PHE a C   1 
ATOM 545  O O   . PHE B 2 34  ? -4.812  -7.211  -14.500 1.00 162.74 ? 14  PHE a O   1 
ATOM 546  C CB  . PHE B 2 34  ? -2.024  -6.624  -15.566 1.00 162.74 ? 14  PHE a CB  1 
ATOM 547  C CG  . PHE B 2 34  ? -1.817  -7.149  -14.183 1.00 162.74 ? 14  PHE a CG  1 
ATOM 548  C CD1 . PHE B 2 34  ? -2.416  -6.534  -13.094 1.00 162.74 ? 14  PHE a CD1 1 
ATOM 549  C CD2 . PHE B 2 34  ? -1.093  -8.299  -13.976 1.00 162.74 ? 14  PHE a CD2 1 
ATOM 550  C CE1 . PHE B 2 34  ? -2.250  -7.042  -11.829 1.00 162.74 ? 14  PHE a CE1 1 
ATOM 551  C CE2 . PHE B 2 34  ? -0.927  -8.804  -12.718 1.00 162.74 ? 14  PHE a CE2 1 
ATOM 552  C CZ  . PHE B 2 34  ? -1.506  -8.175  -11.644 1.00 162.74 ? 14  PHE a CZ  1 
ATOM 553  N N   . THR B 2 35  ? -5.288  -5.954  -16.324 1.00 171.05 ? 15  THR a N   1 
ATOM 554  C CA  . THR B 2 35  ? -6.700  -5.681  -16.060 1.00 171.05 ? 15  THR a CA  1 
ATOM 555  C C   . THR B 2 35  ? -6.952  -5.446  -14.568 1.00 171.05 ? 15  THR a C   1 
ATOM 556  O O   . THR B 2 35  ? -7.879  -5.983  -13.954 1.00 171.05 ? 15  THR a O   1 
ATOM 557  C CB  . THR B 2 35  ? -7.578  -6.810  -16.659 1.00 171.05 ? 15  THR a CB  1 
ATOM 558  O OG1 . THR B 2 35  ? -8.968  -6.479  -16.560 1.00 171.05 ? 15  THR a OG1 1 
ATOM 559  C CG2 . THR B 2 35  ? -7.334  -8.172  -16.002 1.00 171.05 ? 15  THR a CG2 1 
ATOM 560  N N   . PHE B 2 36  ? -6.109  -4.589  -13.988 1.00 160.58 ? 16  PHE a N   1 
ATOM 561  C CA  . PHE B 2 36  ? -6.313  -4.096  -12.630 1.00 160.58 ? 16  PHE a CA  1 
ATOM 562  C C   . PHE B 2 36  ? -5.616  -2.754  -12.465 1.00 160.58 ? 16  PHE a C   1 
ATOM 563  O O   . PHE B 2 36  ? -4.459  -2.600  -12.864 1.00 160.58 ? 16  PHE a O   1 
ATOM 564  C CB  . PHE B 2 36  ? -5.775  -5.078  -11.591 1.00 160.58 ? 16  PHE a CB  1 
ATOM 565  C CG  . PHE B 2 36  ? -5.989  -4.628  -10.183 1.00 160.58 ? 16  PHE a CG  1 
ATOM 566  C CD1 . PHE B 2 36  ? -7.220  -4.799  -9.573  1.00 160.58 ? 16  PHE a CD1 1 
ATOM 567  C CD2 . PHE B 2 36  ? -4.981  -3.983  -9.486  1.00 160.58 ? 16  PHE a CD2 1 
ATOM 568  C CE1 . PHE B 2 36  ? -7.421  -4.385  -8.282  1.00 160.58 ? 16  PHE a CE1 1 
ATOM 569  C CE2 . PHE B 2 36  ? -5.185  -3.558  -8.193  1.00 160.58 ? 16  PHE a CE2 1 
ATOM 570  C CZ  . PHE B 2 36  ? -6.408  -3.762  -7.592  1.00 160.58 ? 16  PHE a CZ  1 
ATOM 571  N N   . LYS B 2 37  ? -6.311  -1.797  -11.852 1.00 161.32 ? 17  LYS a N   1 
ATOM 572  C CA  . LYS B 2 37  ? -5.758  -0.474  -11.615 1.00 161.32 ? 17  LYS a CA  1 
ATOM 573  C C   . LYS B 2 37  ? -5.779  -0.132  -10.128 1.00 161.32 ? 17  LYS a C   1 
ATOM 574  O O   . LYS B 2 37  ? -6.688  -0.552  -9.407  1.00 161.32 ? 17  LYS a O   1 
ATOM 575  C CB  . LYS B 2 37  ? -6.547  0.584   -12.397 1.00 161.32 ? 17  LYS a CB  1 
ATOM 576  C CG  . LYS B 2 37  ? -6.832  0.191   -13.837 1.00 161.32 ? 17  LYS a CG  1 
ATOM 577  C CD  . LYS B 2 37  ? -5.619  0.370   -14.727 1.00 161.32 ? 17  LYS a CD  1 
ATOM 578  C CE  . LYS B 2 37  ? -5.456  1.833   -15.097 1.00 161.32 ? 17  LYS a CE  1 
ATOM 579  N NZ  . LYS B 2 37  ? -6.416  2.251   -16.156 1.00 161.32 ? 17  LYS a NZ  1 
ATOM 580  N N   . PRO B 2 38  ? -4.785  0.606   -9.641  1.00 158.65 ? 18  PRO a N   1 
ATOM 581  C CA  . PRO B 2 38  ? -4.725  0.928   -8.209  1.00 158.65 ? 18  PRO a CA  1 
ATOM 582  C C   . PRO B 2 38  ? -5.727  2.010   -7.822  1.00 158.65 ? 18  PRO a C   1 
ATOM 583  O O   . PRO B 2 38  ? -6.384  2.631   -8.658  1.00 158.65 ? 18  PRO a O   1 
ATOM 584  C CB  . PRO B 2 38  ? -3.281  1.410   -8.008  1.00 158.65 ? 18  PRO a CB  1 
ATOM 585  C CG  . PRO B 2 38  ? -2.531  0.908   -9.213  1.00 158.65 ? 18  PRO a CG  1 
ATOM 586  C CD  . PRO B 2 38  ? -3.533  0.953   -10.326 1.00 158.65 ? 18  PRO a CD  1 
ATOM 587  N N   . SER B 2 39  ? -5.837  2.215   -6.510  1.00 160.70 ? 19  SER a N   1 
ATOM 588  C CA  . SER B 2 39  ? -6.707  3.237   -5.947  1.00 160.70 ? 19  SER a CA  1 
ATOM 589  C C   . SER B 2 39  ? -6.209  4.640   -6.305  1.00 160.70 ? 19  SER a C   1 
ATOM 590  O O   . SER B 2 39  ? -5.160  4.824   -6.927  1.00 160.70 ? 19  SER a O   1 
ATOM 591  C CB  . SER B 2 39  ? -6.806  3.080   -4.430  1.00 160.70 ? 19  SER a CB  1 
ATOM 592  O OG  . SER B 2 39  ? -7.334  1.811   -4.087  1.00 160.70 ? 19  SER a OG  1 
ATOM 593  N N   . THR B 2 40  ? -6.999  5.640   -5.896  1.00 167.23 ? 20  THR a N   1 
ATOM 594  C CA  . THR B 2 40  ? -6.773  7.021   -6.322  1.00 167.23 ? 20  THR a CA  1 
ATOM 595  C C   . THR B 2 40  ? -5.400  7.552   -5.907  1.00 167.23 ? 20  THR a C   1 
ATOM 596  O O   . THR B 2 40  ? -4.773  8.312   -6.654  1.00 167.23 ? 20  THR a O   1 
ATOM 597  C CB  . THR B 2 40  ? -7.891  7.923   -5.783  1.00 167.23 ? 20  THR a CB  1 
ATOM 598  O OG1 . THR B 2 40  ? -7.784  9.229   -6.364  1.00 167.23 ? 20  THR a OG1 1 
ATOM 599  C CG2 . THR B 2 40  ? -7.856  8.028   -4.256  1.00 167.23 ? 20  THR a CG2 1 
ATOM 600  N N   . ASN B 2 41  ? -4.916  7.169   -4.724  1.00 152.85 ? 21  ASN a N   1 
ATOM 601  C CA  . ASN B 2 41  ? -3.729  7.825   -4.185  1.00 152.85 ? 21  ASN a CA  1 
ATOM 602  C C   . ASN B 2 41  ? -2.744  6.845   -3.553  1.00 152.85 ? 21  ASN a C   1 
ATOM 603  O O   . ASN B 2 41  ? -2.016  7.224   -2.628  1.00 152.85 ? 21  ASN a O   1 
ATOM 604  C CB  . ASN B 2 41  ? -4.131  8.890   -3.158  1.00 152.85 ? 21  ASN a CB  1 
ATOM 605  C CG  . ASN B 2 41  ? -3.118  10.010  -3.050  1.00 152.85 ? 21  ASN a CG  1 
ATOM 606  O OD1 . ASN B 2 41  ? -2.043  9.949   -3.646  1.00 152.85 ? 21  ASN a OD1 1 
ATOM 607  N ND2 . ASN B 2 41  ? -3.452  11.041  -2.282  1.00 152.85 ? 21  ASN a ND2 1 
ATOM 608  N N   . VAL B 2 42  ? -2.698  5.602   -4.020  1.00 151.13 ? 22  VAL a N   1 
ATOM 609  C CA  . VAL B 2 42  ? -1.837  4.577   -3.445  1.00 151.13 ? 22  VAL a CA  1 
ATOM 610  C C   . VAL B 2 42  ? -0.680  4.291   -4.394  1.00 151.13 ? 22  VAL a C   1 
ATOM 611  O O   . VAL B 2 42  ? -0.874  4.156   -5.608  1.00 151.13 ? 22  VAL a O   1 
ATOM 612  C CB  . VAL B 2 42  ? -2.631  3.298   -3.127  1.00 151.13 ? 22  VAL a CB  1 
ATOM 613  C CG1 . VAL B 2 42  ? -3.161  2.662   -4.398  1.00 151.13 ? 22  VAL a CG1 1 
ATOM 614  C CG2 . VAL B 2 42  ? -1.766  2.315   -2.359  1.00 151.13 ? 22  VAL a CG2 1 
ATOM 615  N N   . SER B 2 43  ? 0.531   4.246   -3.846  1.00 159.79 ? 23  SER a N   1 
ATOM 616  C CA  . SER B 2 43  ? 1.694   3.804   -4.600  1.00 159.79 ? 23  SER a CA  1 
ATOM 617  C C   . SER B 2 43  ? 1.835   2.291   -4.501  1.00 159.79 ? 23  SER a C   1 
ATOM 618  O O   . SER B 2 43  ? 1.594   1.699   -3.446  1.00 159.79 ? 23  SER a O   1 
ATOM 619  C CB  . SER B 2 43  ? 2.961   4.481   -4.078  1.00 159.79 ? 23  SER a CB  1 
ATOM 620  O OG  . SER B 2 43  ? 3.258   4.052   -2.761  1.00 159.79 ? 23  SER a OG  1 
ATOM 621  N N   . VAL B 2 44  ? 2.228   1.663   -5.607  1.00 160.87 ? 24  VAL a N   1 
ATOM 622  C CA  . VAL B 2 44  ? 2.394   0.217   -5.668  1.00 160.87 ? 24  VAL a CA  1 
ATOM 623  C C   . VAL B 2 44  ? 3.741   -0.098  -6.300  1.00 160.87 ? 24  VAL a C   1 
ATOM 624  O O   . VAL B 2 44  ? 4.164   0.568   -7.252  1.00 160.87 ? 24  VAL a O   1 
ATOM 625  C CB  . VAL B 2 44  ? 1.244   -0.453  -6.454  1.00 160.87 ? 24  VAL a CB  1 
ATOM 626  C CG1 . VAL B 2 44  ? 1.113   0.155   -7.841  1.00 160.87 ? 24  VAL a CG1 1 
ATOM 627  C CG2 . VAL B 2 44  ? 1.441   -1.962  -6.530  1.00 160.87 ? 24  VAL a CG2 1 
ATOM 628  N N   . SER B 2 45  ? 4.426   -1.101  -5.755  1.00 164.25 ? 25  SER a N   1 
ATOM 629  C CA  . SER B 2 45  ? 5.681   -1.595  -6.304  1.00 164.25 ? 25  SER a CA  1 
ATOM 630  C C   . SER B 2 45  ? 5.621   -3.113  -6.385  1.00 164.25 ? 25  SER a C   1 
ATOM 631  O O   . SER B 2 45  ? 5.222   -3.778  -5.425  1.00 164.25 ? 25  SER a O   1 
ATOM 632  C CB  . SER B 2 45  ? 6.875   -1.161  -5.450  1.00 164.25 ? 25  SER a CB  1 
ATOM 633  O OG  . SER B 2 45  ? 8.083   -1.679  -5.976  1.00 164.25 ? 25  SER a OG  1 
ATOM 634  N N   . TYR B 2 46  ? 6.030   -3.657  -7.530  1.00 154.21 ? 26  TYR a N   1 
ATOM 635  C CA  . TYR B 2 46  ? 5.860   -5.078  -7.808  1.00 154.21 ? 26  TYR a CA  1 
ATOM 636  C C   . TYR B 2 46  ? 7.155   -5.642  -8.369  1.00 154.21 ? 26  TYR a C   1 
ATOM 637  O O   . TYR B 2 46  ? 7.765   -5.035  -9.254  1.00 154.21 ? 26  TYR a O   1 
ATOM 638  C CB  . TYR B 2 46  ? 4.704   -5.295  -8.792  1.00 154.21 ? 26  TYR a CB  1 
ATOM 639  C CG  . TYR B 2 46  ? 4.665   -6.649  -9.457  1.00 154.21 ? 26  TYR a CG  1 
ATOM 640  C CD1 . TYR B 2 46  ? 4.089   -7.738  -8.819  1.00 154.21 ? 26  TYR a CD1 1 
ATOM 641  C CD2 . TYR B 2 46  ? 5.172   -6.834  -10.736 1.00 154.21 ? 26  TYR a CD2 1 
ATOM 642  C CE1 . TYR B 2 46  ? 4.038   -8.975  -9.424  1.00 154.21 ? 26  TYR a CE1 1 
ATOM 643  C CE2 . TYR B 2 46  ? 5.124   -8.069  -11.350 1.00 154.21 ? 26  TYR a CE2 1 
ATOM 644  C CZ  . TYR B 2 46  ? 4.556   -9.136  -10.690 1.00 154.21 ? 26  TYR a CZ  1 
ATOM 645  O OH  . TYR B 2 46  ? 4.507   -10.367 -11.299 1.00 154.21 ? 26  TYR a OH  1 
ATOM 646  N N   . PHE B 2 47  ? 7.567   -6.799  -7.857  1.00 158.83 ? 27  PHE a N   1 
ATOM 647  C CA  . PHE B 2 47  ? 8.802   -7.449  -8.272  1.00 158.83 ? 27  PHE a CA  1 
ATOM 648  C C   . PHE B 2 47  ? 8.550   -8.929  -8.521  1.00 158.83 ? 27  PHE a C   1 
ATOM 649  O O   . PHE B 2 47  ? 7.722   -9.549  -7.849  1.00 158.83 ? 27  PHE a O   1 
ATOM 650  C CB  . PHE B 2 47  ? 9.899   -7.278  -7.220  1.00 158.83 ? 27  PHE a CB  1 
ATOM 651  C CG  . PHE B 2 47  ? 10.242  -5.847  -6.934  1.00 158.83 ? 27  PHE a CG  1 
ATOM 652  C CD1 . PHE B 2 47  ? 10.975  -5.102  -7.839  1.00 158.83 ? 27  PHE a CD1 1 
ATOM 653  C CD2 . PHE B 2 47  ? 9.818   -5.243  -5.765  1.00 158.83 ? 27  PHE a CD2 1 
ATOM 654  C CE1 . PHE B 2 47  ? 11.294  -3.783  -7.576  1.00 158.83 ? 27  PHE a CE1 1 
ATOM 655  C CE2 . PHE B 2 47  ? 10.131  -3.925  -5.497  1.00 158.83 ? 27  PHE a CE2 1 
ATOM 656  C CZ  . PHE B 2 47  ? 10.867  -3.194  -6.404  1.00 158.83 ? 27  PHE a CZ  1 
ATOM 657  N N   . THR B 2 48  ? 9.270   -9.487  -9.494  1.00 168.52 ? 28  THR a N   1 
ATOM 658  C CA  . THR B 2 48  ? 9.147   -10.892 -9.845  1.00 168.52 ? 28  THR a CA  1 
ATOM 659  C C   . THR B 2 48  ? 10.523  -11.439 -10.201 1.00 168.52 ? 28  THR a C   1 
ATOM 660  O O   . THR B 2 48  ? 11.527  -10.724 -10.163 1.00 168.52 ? 28  THR a O   1 
ATOM 661  C CB  . THR B 2 48  ? 8.162   -11.101 -11.001 1.00 168.52 ? 28  THR a CB  1 
ATOM 662  O OG1 . THR B 2 48  ? 7.891   -12.498 -11.149 1.00 168.52 ? 28  THR a OG1 1 
ATOM 663  C CG2 . THR B 2 48  ? 8.741   -10.555 -12.294 1.00 168.52 ? 28  THR a CG2 1 
ATOM 664  N N   . THR B 2 49  ? 10.561  -12.731 -10.540 1.00 174.62 ? 29  THR a N   1 
ATOM 665  C CA  . THR B 2 49  ? 11.837  -13.411 -10.750 1.00 174.62 ? 29  THR a CA  1 
ATOM 666  C C   . THR B 2 49  ? 12.602  -12.828 -11.934 1.00 174.62 ? 29  THR a C   1 
ATOM 667  O O   . THR B 2 49  ? 13.792  -12.519 -11.826 1.00 174.62 ? 29  THR a O   1 
ATOM 668  C CB  . THR B 2 49  ? 11.607  -14.911 -10.948 1.00 174.62 ? 29  THR a CB  1 
ATOM 669  O OG1 . THR B 2 49  ? 10.773  -15.123 -12.094 1.00 174.62 ? 29  THR a OG1 1 
ATOM 670  C CG2 . THR B 2 49  ? 10.943  -15.513 -9.721  1.00 174.62 ? 29  THR a CG2 1 
ATOM 671  N N   . ASN B 2 50  ? 11.936  -12.672 -13.080 1.00 180.63 ? 30  ASN a N   1 
ATOM 672  C CA  . ASN B 2 50  ? 12.606  -12.300 -14.319 1.00 180.63 ? 30  ASN a CA  1 
ATOM 673  C C   . ASN B 2 50  ? 12.248  -10.888 -14.780 1.00 180.63 ? 30  ASN a C   1 
ATOM 674  O O   . ASN B 2 50  ? 12.342  -10.576 -15.970 1.00 180.63 ? 30  ASN a O   1 
ATOM 675  C CB  . ASN B 2 50  ? 12.286  -13.314 -15.416 1.00 180.63 ? 30  ASN a CB  1 
ATOM 676  C CG  . ASN B 2 50  ? 12.485  -14.746 -14.961 1.00 180.63 ? 30  ASN a CG  1 
ATOM 677  O OD1 . ASN B 2 50  ? 11.806  -15.661 -15.427 1.00 180.63 ? 30  ASN a OD1 1 
ATOM 678  N ND2 . ASN B 2 50  ? 13.426  -14.950 -14.046 1.00 180.63 ? 30  ASN a ND2 1 
ATOM 679  N N   . GLY B 2 51  ? 11.857  -10.026 -13.846 1.00 176.75 ? 31  GLY a N   1 
ATOM 680  C CA  . GLY B 2 51  ? 11.605  -8.630  -14.163 1.00 176.75 ? 31  GLY a CA  1 
ATOM 681  C C   . GLY B 2 51  ? 10.539  -8.444  -15.227 1.00 176.75 ? 31  GLY a C   1 
ATOM 682  O O   . GLY B 2 51  ? 9.498   -9.108  -15.230 1.00 176.75 ? 31  GLY a O   1 
ATOM 683  N N   . ALA B 2 52  ? 10.808  -7.518  -16.146 1.00 179.10 ? 32  ALA a N   1 
ATOM 684  C CA  . ALA B 2 52  ? 9.865   -7.134  -17.189 1.00 179.10 ? 32  ALA a CA  1 
ATOM 685  C C   . ALA B 2 52  ? 10.042  -7.914  -18.485 1.00 179.10 ? 32  ALA a C   1 
ATOM 686  O O   . ALA B 2 52  ? 9.422   -7.555  -19.491 1.00 179.10 ? 32  ALA a O   1 
ATOM 687  C CB  . ALA B 2 52  ? 9.987   -5.636  -17.476 1.00 179.10 ? 32  ALA a CB  1 
ATOM 688  N N   . THR B 2 53  ? 10.868  -8.957  -18.495 1.00 182.22 ? 33  THR a N   1 
ATOM 689  C CA  . THR B 2 53  ? 11.227  -9.657  -19.727 1.00 182.22 ? 33  THR a CA  1 
ATOM 690  C C   . THR B 2 53  ? 10.048  -10.500 -20.195 1.00 182.22 ? 33  THR a C   1 
ATOM 691  O O   . THR B 2 53  ? 9.875   -11.653 -19.798 1.00 182.22 ? 33  THR a O   1 
ATOM 692  C CB  . THR B 2 53  ? 12.471  -10.508 -19.518 1.00 182.22 ? 33  THR a CB  1 
ATOM 693  O OG1 . THR B 2 53  ? 12.176  -11.570 -18.603 1.00 182.22 ? 33  THR a OG1 1 
ATOM 694  C CG2 . THR B 2 53  ? 13.600  -9.656  -18.959 1.00 182.22 ? 33  THR a CG2 1 
ATOM 695  N N   . SER B 2 54  ? 9.224   -9.904  -21.056 1.00 188.72 ? 34  SER a N   1 
ATOM 696  C CA  . SER B 2 54  ? 8.084   -10.587 -21.651 1.00 188.72 ? 34  SER a CA  1 
ATOM 697  C C   . SER B 2 54  ? 8.522   -11.399 -22.862 1.00 188.72 ? 34  SER a C   1 
ATOM 698  O O   . SER B 2 54  ? 7.986   -11.221 -23.960 1.00 188.72 ? 34  SER a O   1 
ATOM 699  C CB  . SER B 2 54  ? 7.001   -9.581  -22.055 1.00 188.72 ? 34  SER a CB  1 
ATOM 700  O OG  . SER B 2 54  ? 7.552   -8.506  -22.800 1.00 188.72 ? 34  SER a OG  1 
ATOM 701  N N   . THR B 2 55  ? 9.492   -12.288 -22.671 1.00 197.94 ? 35  THR a N   1 
ATOM 702  C CA  . THR B 2 55  ? 10.083  -13.067 -23.755 1.00 197.94 ? 35  THR a CA  1 
ATOM 703  C C   . THR B 2 55  ? 9.170   -14.179 -24.270 1.00 197.94 ? 35  THR a C   1 
ATOM 704  O O   . THR B 2 55  ? 9.596   -14.920 -25.169 1.00 197.94 ? 35  THR a O   1 
ATOM 705  C CB  . THR B 2 55  ? 11.416  -13.660 -23.294 1.00 197.94 ? 35  THR a CB  1 
ATOM 706  O OG1 . THR B 2 55  ? 12.146  -14.143 -24.428 1.00 197.94 ? 35  THR a OG1 1 
ATOM 707  C CG2 . THR B 2 55  ? 11.179  -14.805 -22.322 1.00 197.94 ? 35  THR a CG2 1 
ATOM 708  N N   . ALA B 2 56  ? 7.956   -14.307 -23.733 1.00 213.77 ? 36  ALA a N   1 
ATOM 709  C CA  . ALA B 2 56  ? 6.967   -15.291 -24.170 1.00 213.77 ? 36  ALA a CA  1 
ATOM 710  C C   . ALA B 2 56  ? 7.467   -16.725 -24.043 1.00 213.77 ? 36  ALA a C   1 
ATOM 711  O O   . ALA B 2 56  ? 6.895   -17.640 -24.643 1.00 213.77 ? 36  ALA a O   1 
ATOM 712  C CB  . ALA B 2 56  ? 6.506   -15.018 -25.607 1.00 213.77 ? 36  ALA a CB  1 
ATOM 713  N N   . GLY B 2 57  ? 8.531   -16.947 -23.275 1.00 202.73 ? 37  GLY a N   1 
ATOM 714  C CA  . GLY B 2 57  ? 9.008   -18.293 -23.040 1.00 202.73 ? 37  GLY a CA  1 
ATOM 715  C C   . GLY B 2 57  ? 9.518   -18.521 -21.632 1.00 202.73 ? 37  GLY a C   1 
ATOM 716  O O   . GLY B 2 57  ? 10.080  -19.578 -21.338 1.00 202.73 ? 37  GLY a O   1 
ATOM 717  N N   . THR B 2 58  ? 9.335   -17.539 -20.755 1.00 187.86 ? 38  THR a N   1 
ATOM 718  C CA  . THR B 2 58  ? 9.780   -17.630 -19.373 1.00 187.86 ? 38  THR a CA  1 
ATOM 719  C C   . THR B 2 58  ? 8.595   -17.878 -18.445 1.00 187.86 ? 38  THR a C   1 
ATOM 720  O O   . THR B 2 58  ? 7.431   -17.701 -18.814 1.00 187.86 ? 38  THR a O   1 
ATOM 721  C CB  . THR B 2 58  ? 10.527  -16.358 -18.960 1.00 187.86 ? 38  THR a CB  1 
ATOM 722  O OG1 . THR B 2 58  ? 11.291  -16.609 -17.774 1.00 187.86 ? 38  THR a OG1 1 
ATOM 723  C CG2 . THR B 2 58  ? 9.545   -15.228 -18.694 1.00 187.86 ? 38  THR a CG2 1 
ATOM 724  N N   . VAL B 2 59  ? 8.906   -18.299 -17.219 1.00 186.06 ? 39  VAL a N   1 
ATOM 725  C CA  . VAL B 2 59  ? 7.879   -18.541 -16.211 1.00 186.06 ? 39  VAL a CA  1 
ATOM 726  C C   . VAL B 2 59  ? 8.273   -17.898 -14.884 1.00 186.06 ? 39  VAL a C   1 
ATOM 727  O O   . VAL B 2 59  ? 9.250   -18.296 -14.240 1.00 186.06 ? 39  VAL a O   1 
ATOM 728  C CB  . VAL B 2 59  ? 7.578   -20.048 -16.059 1.00 186.06 ? 39  VAL a CB  1 
ATOM 729  C CG1 . VAL B 2 59  ? 7.030   -20.614 -17.360 1.00 186.06 ? 39  VAL a CG1 1 
ATOM 730  C CG2 . VAL B 2 59  ? 8.826   -20.828 -15.674 1.00 186.06 ? 39  VAL a CG2 1 
ATOM 731  N N   . ASN B 2 60  ? 7.535   -16.864 -14.491 1.00 176.47 ? 40  ASN a N   1 
ATOM 732  C CA  . ASN B 2 60  ? 7.733   -16.206 -13.202 1.00 176.47 ? 40  ASN a CA  1 
ATOM 733  C C   . ASN B 2 60  ? 6.999   -16.995 -12.126 1.00 176.47 ? 40  ASN a C   1 
ATOM 734  O O   . ASN B 2 60  ? 5.780   -16.888 -11.980 1.00 176.47 ? 40  ASN a O   1 
ATOM 735  C CB  . ASN B 2 60  ? 7.241   -14.766 -13.266 1.00 176.47 ? 40  ASN a CB  1 
ATOM 736  C CG  . ASN B 2 60  ? 8.122   -13.893 -14.133 1.00 176.47 ? 40  ASN a CG  1 
ATOM 737  O OD1 . ASN B 2 60  ? 9.348   -13.991 -14.085 1.00 176.47 ? 40  ASN a OD1 1 
ATOM 738  N ND2 . ASN B 2 60  ? 7.502   -13.032 -14.934 1.00 176.47 ? 40  ASN a ND2 1 
ATOM 739  N N   . THR B 2 61  ? 7.745   -17.792 -11.363 1.00 172.75 ? 41  THR a N   1 
ATOM 740  C CA  . THR B 2 61  ? 7.152   -18.647 -10.345 1.00 172.75 ? 41  THR a CA  1 
ATOM 741  C C   . THR B 2 61  ? 6.817   -17.912 -9.055  1.00 172.75 ? 41  THR a C   1 
ATOM 742  O O   . THR B 2 61  ? 6.113   -18.476 -8.209  1.00 172.75 ? 41  THR a O   1 
ATOM 743  C CB  . THR B 2 61  ? 8.091   -19.811 -10.025 1.00 172.75 ? 41  THR a CB  1 
ATOM 744  O OG1 . THR B 2 61  ? 9.369   -19.296 -9.629  1.00 172.75 ? 41  THR a OG1 1 
ATOM 745  C CG2 . THR B 2 61  ? 8.266   -20.704 -11.244 1.00 172.75 ? 41  THR a CG2 1 
ATOM 746  N N   . ASP B 2 62  ? 7.293   -16.682 -8.875  1.00 170.97 ? 42  ASP a N   1 
ATOM 747  C CA  . ASP B 2 62  ? 7.110   -15.989 -7.609  1.00 170.97 ? 42  ASP a CA  1 
ATOM 748  C C   . ASP B 2 62  ? 6.914   -14.502 -7.859  1.00 170.97 ? 42  ASP a C   1 
ATOM 749  O O   . ASP B 2 62  ? 7.270   -13.976 -8.916  1.00 170.97 ? 42  ASP a O   1 
ATOM 750  C CB  . ASP B 2 62  ? 8.302   -16.212 -6.670  1.00 170.97 ? 42  ASP a CB  1 
ATOM 751  C CG  . ASP B 2 62  ? 8.482   -17.666 -6.291  1.00 170.97 ? 42  ASP a CG  1 
ATOM 752  O OD1 . ASP B 2 62  ? 7.842   -18.110 -5.313  1.00 170.97 ? 42  ASP a OD1 1 
ATOM 753  O OD2 . ASP B 2 62  ? 9.255   -18.369 -6.974  1.00 170.97 ? 42  ASP a OD2 1 
ATOM 754  N N   . TYR B 2 63  ? 6.338   -13.832 -6.864  1.00 160.92 ? 43  TYR a N   1 
ATOM 755  C CA  . TYR B 2 63  ? 6.164   -12.390 -6.910  1.00 160.92 ? 43  TYR a CA  1 
ATOM 756  C C   . TYR B 2 63  ? 6.336   -11.822 -5.510  1.00 160.92 ? 43  TYR a C   1 
ATOM 757  O O   . TYR B 2 63  ? 6.096   -12.497 -4.508  1.00 160.92 ? 43  TYR a O   1 
ATOM 758  C CB  . TYR B 2 63  ? 4.795   -11.993 -7.473  1.00 160.92 ? 43  TYR a CB  1 
ATOM 759  C CG  . TYR B 2 63  ? 3.623   -12.446 -6.630  1.00 160.92 ? 43  TYR a CG  1 
ATOM 760  C CD1 . TYR B 2 63  ? 3.028   -13.680 -6.842  1.00 160.92 ? 43  TYR a CD1 1 
ATOM 761  C CD2 . TYR B 2 63  ? 3.128   -11.648 -5.608  1.00 160.92 ? 43  TYR a CD2 1 
ATOM 762  C CE1 . TYR B 2 63  ? 1.961   -14.099 -6.075  1.00 160.92 ? 43  TYR a CE1 1 
ATOM 763  C CE2 . TYR B 2 63  ? 2.065   -12.061 -4.831  1.00 160.92 ? 43  TYR a CE2 1 
ATOM 764  C CZ  . TYR B 2 63  ? 1.486   -13.287 -5.067  1.00 160.92 ? 43  TYR a CZ  1 
ATOM 765  O OH  . TYR B 2 63  ? 0.427   -13.701 -4.295  1.00 160.92 ? 43  TYR a OH  1 
ATOM 766  N N   . ALA B 2 64  ? 6.762   -10.563 -5.462  1.00 162.29 ? 44  ALA a N   1 
ATOM 767  C CA  . ALA B 2 64  ? 6.801   -9.790  -4.230  1.00 162.29 ? 44  ALA a CA  1 
ATOM 768  C C   . ALA B 2 64  ? 6.238   -8.415  -4.539  1.00 162.29 ? 44  ALA a C   1 
ATOM 769  O O   . ALA B 2 64  ? 6.701   -7.749  -5.469  1.00 162.29 ? 44  ALA a O   1 
ATOM 770  C CB  . ALA B 2 64  ? 8.225   -9.679  -3.676  1.00 162.29 ? 44  ALA a CB  1 
ATOM 771  N N   . VAL B 2 65  ? 5.245   -7.992  -3.767  1.00 158.00 ? 45  VAL a N   1 
ATOM 772  C CA  . VAL B 2 65  ? 4.496   -6.780  -4.075  1.00 158.00 ? 45  VAL a CA  1 
ATOM 773  C C   . VAL B 2 65  ? 4.209   -6.024  -2.786  1.00 158.00 ? 45  VAL a C   1 
ATOM 774  O O   . VAL B 2 65  ? 3.988   -6.628  -1.731  1.00 158.00 ? 45  VAL a O   1 
ATOM 775  C CB  . VAL B 2 65  ? 3.197   -7.106  -4.839  1.00 158.00 ? 45  VAL a CB  1 
ATOM 776  C CG1 . VAL B 2 65  ? 2.217   -7.857  -3.949  1.00 158.00 ? 45  VAL a CG1 1 
ATOM 777  C CG2 . VAL B 2 65  ? 2.579   -5.839  -5.383  1.00 158.00 ? 45  VAL a CG2 1 
ATOM 778  N N   . ASN B 2 66  ? 4.233   -4.695  -2.874  1.00 158.66 ? 46  ASN a N   1 
ATOM 779  C CA  . ASN B 2 66  ? 3.983   -3.829  -1.733  1.00 158.66 ? 46  ASN a CA  1 
ATOM 780  C C   . ASN B 2 66  ? 3.197   -2.603  -2.179  1.00 158.66 ? 46  ASN a C   1 
ATOM 781  O O   . ASN B 2 66  ? 3.320   -2.148  -3.319  1.00 158.66 ? 46  ASN a O   1 
ATOM 782  C CB  . ASN B 2 66  ? 5.295   -3.409  -1.062  1.00 158.66 ? 46  ASN a CB  1 
ATOM 783  C CG  . ASN B 2 66  ? 6.214   -2.661  -2.003  1.00 158.66 ? 46  ASN a CG  1 
ATOM 784  O OD1 . ASN B 2 66  ? 6.068   -1.457  -2.208  1.00 158.66 ? 46  ASN a OD1 1 
ATOM 785  N ND2 . ASN B 2 66  ? 7.167   -3.376  -2.588  1.00 158.66 ? 46  ASN a ND2 1 
ATOM 786  N N   . THR B 2 67  ? 2.383   -2.073  -1.264  1.00 156.89 ? 47  THR a N   1 
ATOM 787  C CA  . THR B 2 67  ? 1.547   -0.910  -1.528  1.00 156.89 ? 47  THR a CA  1 
ATOM 788  C C   . THR B 2 67  ? 1.566   0.015   -0.321  1.00 156.89 ? 47  THR a C   1 
ATOM 789  O O   . THR B 2 67  ? 1.724   -0.431  0.818   1.00 156.89 ? 47  THR a O   1 
ATOM 790  C CB  . THR B 2 67  ? 0.088   -1.292  -1.837  1.00 156.89 ? 47  THR a CB  1 
ATOM 791  O OG1 . THR B 2 67  ? -0.514  -1.867  -0.671  1.00 156.89 ? 47  THR a OG1 1 
ATOM 792  C CG2 . THR B 2 67  ? 0.003   -2.282  -2.990  1.00 156.89 ? 47  THR a CG2 1 
ATOM 793  N N   . LYS B 2 68  ? 1.405   1.311   -0.582  1.00 147.71 ? 48  LYS a N   1 
ATOM 794  C CA  . LYS B 2 68  ? 1.278   2.298   0.481   1.00 147.71 ? 48  LYS a CA  1 
ATOM 795  C C   . LYS B 2 68  ? 0.531   3.515   -0.043  1.00 147.71 ? 48  LYS a C   1 
ATOM 796  O O   . LYS B 2 68  ? 0.797   3.982   -1.153  1.00 147.71 ? 48  LYS a O   1 
ATOM 797  C CB  . LYS B 2 68  ? 2.645   2.728   1.024   1.00 147.71 ? 48  LYS a CB  1 
ATOM 798  C CG  . LYS B 2 68  ? 2.594   4.020   1.816   1.00 147.71 ? 48  LYS a CG  1 
ATOM 799  C CD  . LYS B 2 68  ? 3.825   4.227   2.668   1.00 147.71 ? 48  LYS a CD  1 
ATOM 800  C CE  . LYS B 2 68  ? 4.342   5.642   2.495   1.00 147.71 ? 48  LYS a CE  1 
ATOM 801  N NZ  . LYS B 2 68  ? 3.270   6.645   2.737   1.00 147.71 ? 48  LYS a NZ  1 
ATOM 802  N N   . ASN B 2 69  ? -0.404  4.016   0.760   1.00 148.01 ? 49  ASN a N   1 
ATOM 803  C CA  . ASN B 2 69  ? -1.057  5.280   0.452   1.00 148.01 ? 49  ASN a CA  1 
ATOM 804  C C   . ASN B 2 69  ? -0.071  6.423   0.662   1.00 148.01 ? 49  ASN a C   1 
ATOM 805  O O   . ASN B 2 69  ? 0.634   6.467   1.675   1.00 148.01 ? 49  ASN a O   1 
ATOM 806  C CB  . ASN B 2 69  ? -2.295  5.468   1.329   1.00 148.01 ? 49  ASN a CB  1 
ATOM 807  C CG  . ASN B 2 69  ? -3.076  6.724   0.986   1.00 148.01 ? 49  ASN a CG  1 
ATOM 808  O OD1 . ASN B 2 69  ? -2.591  7.843   1.150   1.00 148.01 ? 49  ASN a OD1 1 
ATOM 809  N ND2 . ASN B 2 69  ? -4.301  6.541   0.504   1.00 148.01 ? 49  ASN a ND2 1 
ATOM 810  N N   . SER B 2 70  ? -0.025  7.349   -0.302  1.00 151.49 ? 50  SER a N   1 
ATOM 811  C CA  . SER B 2 70  ? 0.950   8.434   -0.259  1.00 151.49 ? 50  SER a CA  1 
ATOM 812  C C   . SER B 2 70  ? 0.872   9.224   1.038   1.00 151.49 ? 50  SER a C   1 
ATOM 813  O O   . SER B 2 70  ? 1.898   9.692   1.543   1.00 151.49 ? 50  SER a O   1 
ATOM 814  C CB  . SER B 2 70  ? 0.750   9.372   -1.451  1.00 151.49 ? 50  SER a CB  1 
ATOM 815  O OG  . SER B 2 70  ? -0.521  9.998   -1.399  1.00 151.49 ? 50  SER a OG  1 
ATOM 816  N N   . SER B 2 71  ? -0.327  9.385   1.591   1.00 144.69 ? 51  SER a N   1 
ATOM 817  C CA  . SER B 2 71  ? -0.514  10.096  2.848   1.00 144.69 ? 51  SER a CA  1 
ATOM 818  C C   . SER B 2 71  ? -0.564  9.166   4.051   1.00 144.69 ? 51  SER a C   1 
ATOM 819  O O   . SER B 2 71  ? -0.762  9.641   5.173   1.00 144.69 ? 51  SER a O   1 
ATOM 820  C CB  . SER B 2 71  ? -1.791  10.939  2.794   1.00 144.69 ? 51  SER a CB  1 
ATOM 821  O OG  . SER B 2 71  ? -1.796  11.799  1.669   1.00 144.69 ? 51  SER a OG  1 
ATOM 822  N N   . GLY B 2 72  ? -0.391  7.864   3.849   1.00 150.23 ? 52  GLY a N   1 
ATOM 823  C CA  . GLY B 2 72  ? -0.477  6.913   4.937   1.00 150.23 ? 52  GLY a CA  1 
ATOM 824  C C   . GLY B 2 72  ? 0.869   6.624   5.575   1.00 150.23 ? 52  GLY a C   1 
ATOM 825  O O   . GLY B 2 72  ? 1.918   6.745   4.951   1.00 150.23 ? 52  GLY a O   1 
ATOM 826  N N   . ASN B 2 73  ? 0.821   6.239   6.846   1.00 146.50 ? 53  ASN a N   1 
ATOM 827  C CA  . ASN B 2 73  ? 2.016   5.901   7.604   1.00 146.50 ? 53  ASN a CA  1 
ATOM 828  C C   . ASN B 2 73  ? 2.320   4.408   7.599   1.00 146.50 ? 53  ASN a C   1 
ATOM 829  O O   . ASN B 2 73  ? 3.223   3.971   8.319   1.00 146.50 ? 53  ASN a O   1 
ATOM 830  C CB  . ASN B 2 73  ? 1.882   6.405   9.044   1.00 146.50 ? 53  ASN a CB  1 
ATOM 831  C CG  . ASN B 2 73  ? 0.748   5.733   9.796   1.00 146.50 ? 53  ASN a CG  1 
ATOM 832  O OD1 . ASN B 2 73  ? -0.013  4.944   9.233   1.00 146.50 ? 53  ASN a OD1 1 
ATOM 833  N ND2 . ASN B 2 73  ? 0.629   6.045   11.079  1.00 146.50 ? 53  ASN a ND2 1 
ATOM 834  N N   . ARG B 2 74  ? 1.594   3.619   6.814   1.00 147.00 ? 54  ARG a N   1 
ATOM 835  C CA  . ARG B 2 74  ? 1.786   2.179   6.756   1.00 147.00 ? 54  ARG a CA  1 
ATOM 836  C C   . ARG B 2 74  ? 2.067   1.742   5.326   1.00 147.00 ? 54  ARG a C   1 
ATOM 837  O O   . ARG B 2 74  ? 1.425   2.216   4.383   1.00 147.00 ? 54  ARG a O   1 
ATOM 838  C CB  . ARG B 2 74  ? 0.564   1.427   7.290   1.00 147.00 ? 54  ARG a CB  1 
ATOM 839  C CG  . ARG B 2 74  ? 0.343   1.585   8.778   1.00 147.00 ? 54  ARG a CG  1 
ATOM 840  C CD  . ARG B 2 74  ? -1.004  1.035   9.212   1.00 147.00 ? 54  ARG a CD  1 
ATOM 841  N NE  . ARG B 2 74  ? -0.891  -0.288  9.813   1.00 147.00 ? 54  ARG a NE  1 
ATOM 842  C CZ  . ARG B 2 74  ? -1.605  -0.700  10.852  1.00 147.00 ? 54  ARG a CZ  1 
ATOM 843  N NH1 . ARG B 2 74  ? -2.491  0.091   11.438  1.00 147.00 ? 54  ARG a NH1 1 
ATOM 844  N NH2 . ARG B 2 74  ? -1.424  -1.935  11.313  1.00 147.00 ? 54  ARG a NH2 1 
ATOM 845  N N   . VAL B 2 75  ? 3.031   0.839   5.175   1.00 138.40 ? 55  VAL a N   1 
ATOM 846  C CA  . VAL B 2 75  ? 3.296   0.157   3.914   1.00 138.40 ? 55  VAL a CA  1 
ATOM 847  C C   . VAL B 2 75  ? 2.920   -1.310  4.080   1.00 138.40 ? 55  VAL a C   1 
ATOM 848  O O   . VAL B 2 75  ? 3.284   -1.948  5.076   1.00 138.40 ? 55  VAL a O   1 
ATOM 849  C CB  . VAL B 2 75  ? 4.759   0.332   3.465   1.00 138.40 ? 55  VAL a CB  1 
ATOM 850  C CG1 . VAL B 2 75  ? 5.724   -0.329  4.434   1.00 138.40 ? 55  VAL a CG1 1 
ATOM 851  C CG2 . VAL B 2 75  ? 4.950   -0.224  2.062   1.00 138.40 ? 55  VAL a CG2 1 
ATOM 852  N N   . PHE B 2 76  ? 2.156   -1.831  3.126   1.00 143.12 ? 56  PHE a N   1 
ATOM 853  C CA  . PHE B 2 76  ? 1.654   -3.197  3.164   1.00 143.12 ? 56  PHE a CA  1 
ATOM 854  C C   . PHE B 2 76  ? 2.316   -4.011  2.063   1.00 143.12 ? 56  PHE a C   1 
ATOM 855  O O   . PHE B 2 76  ? 2.513   -3.513  0.951   1.00 143.12 ? 56  PHE a O   1 
ATOM 856  C CB  . PHE B 2 76  ? 0.133   -3.221  2.990   1.00 143.12 ? 56  PHE a CB  1 
ATOM 857  C CG  . PHE B 2 76  ? -0.617  -2.578  4.120   1.00 143.12 ? 56  PHE a CG  1 
ATOM 858  C CD1 . PHE B 2 76  ? -0.830  -3.261  5.304   1.00 143.12 ? 56  PHE a CD1 1 
ATOM 859  C CD2 . PHE B 2 76  ? -1.099  -1.286  4.003   1.00 143.12 ? 56  PHE a CD2 1 
ATOM 860  C CE1 . PHE B 2 76  ? -1.518  -2.673  6.346   1.00 143.12 ? 56  PHE a CE1 1 
ATOM 861  C CE2 . PHE B 2 76  ? -1.787  -0.691  5.043   1.00 143.12 ? 56  PHE a CE2 1 
ATOM 862  C CZ  . PHE B 2 76  ? -1.996  -1.385  6.216   1.00 143.12 ? 56  PHE a CZ  1 
ATOM 863  N N   . THR B 2 77  ? 2.659   -5.260  2.369   1.00 151.80 ? 57  THR a N   1 
ATOM 864  C CA  . THR B 2 77  ? 3.353   -6.097  1.401   1.00 151.80 ? 57  THR a CA  1 
ATOM 865  C C   . THR B 2 77  ? 2.939   -7.551  1.569   1.00 151.80 ? 57  THR a C   1 
ATOM 866  O O   . THR B 2 77  ? 2.499   -7.971  2.644   1.00 151.80 ? 57  THR a O   1 
ATOM 867  C CB  . THR B 2 77  ? 4.875   -5.973  1.535   1.00 151.80 ? 57  THR a CB  1 
ATOM 868  O OG1 . THR B 2 77  ? 5.508   -6.624  0.426   1.00 151.80 ? 57  THR a OG1 1 
ATOM 869  C CG2 . THR B 2 77  ? 5.344   -6.612  2.824   1.00 151.80 ? 57  THR a CG2 1 
ATOM 870  N N   . SER B 2 78  ? 3.073   -8.307  0.482   1.00 159.79 ? 58  SER a N   1 
ATOM 871  C CA  . SER B 2 78  ? 2.842   -9.744  0.489   1.00 159.79 ? 58  SER a CA  1 
ATOM 872  C C   . SER B 2 78  ? 3.696   -10.374 -0.600  1.00 159.79 ? 58  SER a C   1 
ATOM 873  O O   . SER B 2 78  ? 4.155   -9.699  -1.525  1.00 159.79 ? 58  SER a O   1 
ATOM 874  C CB  . SER B 2 78  ? 1.365   -10.086 0.274   1.00 159.79 ? 58  SER a CB  1 
ATOM 875  O OG  . SER B 2 78  ? 1.177   -11.489 0.225   1.00 159.79 ? 58  SER a OG  1 
ATOM 876  N N   . THR B 2 79  ? 3.911   -11.682 -0.479  1.00 160.04 ? 59  THR a N   1 
ATOM 877  C CA  . THR B 2 79  ? 4.683   -12.433 -1.459  1.00 160.04 ? 59  THR a CA  1 
ATOM 878  C C   . THR B 2 79  ? 3.891   -13.651 -1.910  1.00 160.04 ? 59  THR a C   1 
ATOM 879  O O   . THR B 2 79  ? 2.814   -13.951 -1.389  1.00 160.04 ? 59  THR a O   1 
ATOM 880  C CB  . THR B 2 79  ? 6.044   -12.867 -0.905  1.00 160.04 ? 59  THR a CB  1 
ATOM 881  O OG1 . THR B 2 79  ? 5.858   -13.682 0.257   1.00 160.04 ? 59  THR a OG1 1 
ATOM 882  C CG2 . THR B 2 79  ? 6.886   -11.655 -0.536  1.00 160.04 ? 59  THR a CG2 1 
ATOM 883  N N   . ASN B 2 80  ? 4.444   -14.345 -2.906  1.00 163.26 ? 60  ASN a N   1 
ATOM 884  C CA  . ASN B 2 80  ? 3.768   -15.485 -3.517  1.00 163.26 ? 60  ASN a CA  1 
ATOM 885  C C   . ASN B 2 80  ? 3.426   -16.558 -2.491  1.00 163.26 ? 60  ASN a C   1 
ATOM 886  O O   . ASN B 2 80  ? 2.252   -16.841 -2.232  1.00 163.26 ? 60  ASN a O   1 
ATOM 887  C CB  . ASN B 2 80  ? 4.645   -16.064 -4.628  1.00 163.26 ? 60  ASN a CB  1 
ATOM 888  C CG  . ASN B 2 80  ? 4.112   -17.378 -5.162  1.00 163.26 ? 60  ASN a CG  1 
ATOM 889  O OD1 . ASN B 2 80  ? 2.922   -17.504 -5.454  1.00 163.26 ? 60  ASN a OD1 1 
ATOM 890  N ND2 . ASN B 2 80  ? 4.989   -18.365 -5.297  1.00 163.26 ? 60  ASN a ND2 1 
ATOM 891  N N   . ASN B 2 81  ? 4.445   -17.166 -1.897  1.00 164.19 ? 61  ASN a N   1 
ATOM 892  C CA  . ASN B 2 81  ? 4.248   -18.312 -1.008  1.00 164.19 ? 61  ASN a CA  1 
ATOM 893  C C   . ASN B 2 81  ? 4.091   -17.897 0.451   1.00 164.19 ? 61  ASN a C   1 
ATOM 894  O O   . ASN B 2 81  ? 4.749   -18.433 1.342   1.00 164.19 ? 61  ASN a O   1 
ATOM 895  C CB  . ASN B 2 81  ? 5.394   -19.304 -1.189  1.00 164.19 ? 61  ASN a CB  1 
ATOM 896  C CG  . ASN B 2 81  ? 6.751   -18.730 -0.797  1.00 164.19 ? 61  ASN a CG  1 
ATOM 897  O OD1 . ASN B 2 81  ? 6.853   -17.621 -0.270  1.00 164.19 ? 61  ASN a OD1 1 
ATOM 898  N ND2 . ASN B 2 81  ? 7.804   -19.494 -1.056  1.00 164.19 ? 61  ASN a ND2 1 
ATOM 899  N N   . THR B 2 82  ? 3.191   -16.954 0.722   1.00 168.16 ? 62  THR a N   1 
ATOM 900  C CA  . THR B 2 82  ? 2.859   -16.592 2.091   1.00 168.16 ? 62  THR a CA  1 
ATOM 901  C C   . THR B 2 82  ? 1.408   -16.144 2.172   1.00 168.16 ? 62  THR a C   1 
ATOM 902  O O   . THR B 2 82  ? 0.867   -15.572 1.220   1.00 168.16 ? 62  THR a O   1 
ATOM 903  C CB  . THR B 2 82  ? 3.774   -15.486 2.638   1.00 168.16 ? 62  THR a CB  1 
ATOM 904  O OG1 . THR B 2 82  ? 3.680   -15.456 4.068   1.00 168.16 ? 62  THR a OG1 1 
ATOM 905  C CG2 . THR B 2 82  ? 3.370   -14.131 2.090   1.00 168.16 ? 62  THR a CG2 1 
ATOM 906  N N   . SER B 2 83  ? 0.774   -16.449 3.297   1.00 151.72 ? 63  SER a N   1 
ATOM 907  C CA  . SER B 2 83  ? -0.515  -15.872 3.624   1.00 151.72 ? 63  SER a CA  1 
ATOM 908  C C   . SER B 2 83  ? -0.322  -14.550 4.362   1.00 151.72 ? 63  SER a C   1 
ATOM 909  O O   . SER B 2 83  ? 0.802   -14.084 4.576   1.00 151.72 ? 63  SER a O   1 
ATOM 910  C CB  . SER B 2 83  ? -1.337  -16.843 4.465   1.00 151.72 ? 63  SER a CB  1 
ATOM 911  O OG  . SER B 2 83  ? -0.661  -17.148 5.666   1.00 151.72 ? 63  SER a OG  1 
ATOM 912  N N   . ASN B 2 84  ? -1.446  -13.935 4.732   1.00 155.28 ? 64  ASN a N   1 
ATOM 913  C CA  . ASN B 2 84  ? -1.471  -12.714 5.532   1.00 155.28 ? 64  ASN a CA  1 
ATOM 914  C C   . ASN B 2 84  ? -0.891  -11.524 4.776   1.00 155.28 ? 64  ASN a C   1 
ATOM 915  O O   . ASN B 2 84  ? -0.208  -11.687 3.761   1.00 155.28 ? 64  ASN a O   1 
ATOM 916  C CB  . ASN B 2 84  ? -0.721  -12.916 6.854   1.00 155.28 ? 64  ASN a CB  1 
ATOM 917  C CG  . ASN B 2 84  ? -1.372  -13.958 7.738   1.00 155.28 ? 64  ASN a CG  1 
ATOM 918  O OD1 . ASN B 2 84  ? -0.798  -15.014 8.002   1.00 155.28 ? 64  ASN a OD1 1 
ATOM 919  N ND2 . ASN B 2 84  ? -2.579  -13.664 8.208   1.00 155.28 ? 64  ASN a ND2 1 
ATOM 920  N N   . ILE B 2 85  ? -1.176  -10.322 5.261   1.00 154.55 ? 65  ILE a N   1 
ATOM 921  C CA  . ILE B 2 85  ? -0.658  -9.088  4.686   1.00 154.55 ? 65  ILE a CA  1 
ATOM 922  C C   . ILE B 2 85  ? 0.237   -8.433  5.724   1.00 154.55 ? 65  ILE a C   1 
ATOM 923  O O   . ILE B 2 85  ? -0.229  -8.062  6.808   1.00 154.55 ? 65  ILE a O   1 
ATOM 924  C CB  . ILE B 2 85  ? -1.788  -8.145  4.255   1.00 154.55 ? 65  ILE a CB  1 
ATOM 925  C CG1 . ILE B 2 85  ? -2.675  -8.836  3.220   1.00 154.55 ? 65  ILE a CG1 1 
ATOM 926  C CG2 . ILE B 2 85  ? -1.212  -6.853  3.721   1.00 154.55 ? 65  ILE a CG2 1 
ATOM 927  C CD1 . ILE B 2 85  ? -1.937  -9.223  1.961   1.00 154.55 ? 65  ILE a CD1 1 
ATOM 928  N N   . TRP B 2 86  ? 1.507   -8.263  5.386   1.00 161.42 ? 66  TRP a N   1 
ATOM 929  C CA  . TRP B 2 86  ? 2.524   -7.886  6.354   1.00 161.42 ? 66  TRP a CA  1 
ATOM 930  C C   . TRP B 2 86  ? 2.806   -6.395  6.232   1.00 161.42 ? 66  TRP a C   1 
ATOM 931  O O   . TRP B 2 86  ? 3.082   -5.899  5.134   1.00 161.42 ? 66  TRP a O   1 
ATOM 932  C CB  . TRP B 2 86  ? 3.798   -8.694  6.115   1.00 161.42 ? 66  TRP a CB  1 
ATOM 933  C CG  . TRP B 2 86  ? 3.579   -10.167 6.267   1.00 161.42 ? 66  TRP a CG  1 
ATOM 934  C CD1 . TRP B 2 86  ? 3.081   -11.016 5.321   1.00 161.42 ? 66  TRP a CD1 1 
ATOM 935  C CD2 . TRP B 2 86  ? 3.846   -10.968 7.422   1.00 161.42 ? 66  TRP a CD2 1 
ATOM 936  N NE1 . TRP B 2 86  ? 3.022   -12.293 5.814   1.00 161.42 ? 66  TRP a NE1 1 
ATOM 937  C CE2 . TRP B 2 86  ? 3.487   -12.292 7.102   1.00 161.42 ? 66  TRP a CE2 1 
ATOM 938  C CE3 . TRP B 2 86  ? 4.356   -10.697 8.694   1.00 161.42 ? 66  TRP a CE3 1 
ATOM 939  C CZ2 . TRP B 2 86  ? 3.620   -13.342 8.007   1.00 161.42 ? 66  TRP a CZ2 1 
ATOM 940  C CZ3 . TRP B 2 86  ? 4.487   -11.741 9.593   1.00 161.42 ? 66  TRP a CZ3 1 
ATOM 941  C CH2 . TRP B 2 86  ? 4.121   -13.047 9.245   1.00 161.42 ? 66  TRP a CH2 1 
ATOM 942  N N   . TYR B 2 87  ? 2.734   -5.688  7.353   1.00 151.25 ? 67  TYR a N   1 
ATOM 943  C CA  . TYR B 2 87  ? 2.918   -4.245  7.386   1.00 151.25 ? 67  TYR a CA  1 
ATOM 944  C C   . TYR B 2 87  ? 4.119   -3.895  8.259   1.00 151.25 ? 67  TYR a C   1 
ATOM 945  O O   . TYR B 2 87  ? 4.726   -4.756  8.899   1.00 151.25 ? 67  TYR a O   1 
ATOM 946  C CB  . TYR B 2 87  ? 1.649   -3.548  7.885   1.00 151.25 ? 67  TYR a CB  1 
ATOM 947  C CG  . TYR B 2 87  ? 1.379   -3.705  9.365   1.00 151.25 ? 67  TYR a CG  1 
ATOM 948  C CD1 . TYR B 2 87  ? 1.898   -2.803  10.285  1.00 151.25 ? 67  TYR a CD1 1 
ATOM 949  C CD2 . TYR B 2 87  ? 0.613   -4.758  9.842   1.00 151.25 ? 67  TYR a CD2 1 
ATOM 950  C CE1 . TYR B 2 87  ? 1.657   -2.942  11.634  1.00 151.25 ? 67  TYR a CE1 1 
ATOM 951  C CE2 . TYR B 2 87  ? 0.366   -4.906  11.191  1.00 151.25 ? 67  TYR a CE2 1 
ATOM 952  C CZ  . TYR B 2 87  ? 0.891   -3.995  12.082  1.00 151.25 ? 67  TYR a CZ  1 
ATOM 953  O OH  . TYR B 2 87  ? 0.648   -4.135  13.426  1.00 151.25 ? 67  TYR a OH  1 
ATOM 954  N N   . ILE B 2 88  ? 4.455   -2.605  8.276   1.00 151.80 ? 68  ILE a N   1 
ATOM 955  C CA  . ILE B 2 88  ? 5.578   -2.082  9.045   1.00 151.80 ? 68  ILE a CA  1 
ATOM 956  C C   . ILE B 2 88  ? 5.133   -0.989  10.009  1.00 151.80 ? 68  ILE a C   1 
ATOM 957  O O   . ILE B 2 88  ? 5.488   -1.007  11.191  1.00 151.80 ? 68  ILE a O   1 
ATOM 958  C CB  . ILE B 2 88  ? 6.702   -1.572  8.119   1.00 151.80 ? 68  ILE a CB  1 
ATOM 959  C CG1 . ILE B 2 88  ? 7.259   -2.733  7.295   1.00 151.80 ? 68  ILE a CG1 1 
ATOM 960  C CG2 . ILE B 2 88  ? 7.801   -0.905  8.927   1.00 151.80 ? 68  ILE a CG2 1 
ATOM 961  C CD1 . ILE B 2 88  ? 8.177   -2.315  6.179   1.00 151.80 ? 68  ILE a CD1 1 
ATOM 962  N N   . GLU B 2 89  ? 4.351   -0.026  9.518   1.00 164.81 ? 69  GLU a N   1 
ATOM 963  C CA  . GLU B 2 89  ? 3.751   1.024   10.345  1.00 164.81 ? 69  GLU a CA  1 
ATOM 964  C C   . GLU B 2 89  ? 4.817   1.839   11.083  1.00 164.81 ? 69  GLU a C   1 
ATOM 965  O O   . GLU B 2 89  ? 4.923   1.814   12.310  1.00 164.81 ? 69  GLU a O   1 
ATOM 966  C CB  . GLU B 2 89  ? 2.737   0.435   11.332  1.00 164.81 ? 69  GLU a CB  1 
ATOM 967  C CG  . GLU B 2 89  ? 1.783   1.456   11.944  1.00 164.81 ? 69  GLU a CG  1 
ATOM 968  C CD  . GLU B 2 89  ? 2.158   1.838   13.363  1.00 164.81 ? 69  GLU a CD  1 
ATOM 969  O OE1 . GLU B 2 89  ? 2.718   0.984   14.083  1.00 164.81 ? 69  GLU a OE1 1 
ATOM 970  O OE2 . GLU B 2 89  ? 1.889   2.992   13.760  1.00 164.81 ? 69  GLU a OE2 1 
ATOM 971  N N   . ASN B 2 90  ? 5.626   2.554   10.310  1.00 163.92 ? 70  ASN a N   1 
ATOM 972  C CA  . ASN B 2 90  ? 6.529   3.560   10.853  1.00 163.92 ? 70  ASN a CA  1 
ATOM 973  C C   . ASN B 2 90  ? 5.892   4.930   10.666  1.00 163.92 ? 70  ASN a C   1 
ATOM 974  O O   . ASN B 2 90  ? 5.568   5.321   9.541   1.00 163.92 ? 70  ASN a O   1 
ATOM 975  C CB  . ASN B 2 90  ? 7.900   3.501   10.185  1.00 163.92 ? 70  ASN a CB  1 
ATOM 976  C CG  . ASN B 2 90  ? 8.908   4.443   10.821  1.00 163.92 ? 70  ASN a CG  1 
ATOM 977  O OD1 . ASN B 2 90  ? 8.593   5.167   11.764  1.00 163.92 ? 70  ASN a OD1 1 
ATOM 978  N ND2 . ASN B 2 90  ? 10.130  4.436   10.307  1.00 163.92 ? 70  ASN a ND2 1 
ATOM 979  N N   . ASP B 2 91  ? 5.709   5.652   11.774  1.00 167.41 ? 71  ASP a N   1 
ATOM 980  C CA  . ASP B 2 91  ? 5.113   6.982   11.722  1.00 167.41 ? 71  ASP a CA  1 
ATOM 981  C C   . ASP B 2 91  ? 6.009   7.944   10.948  1.00 167.41 ? 71  ASP a C   1 
ATOM 982  O O   . ASP B 2 91  ? 5.504   8.903   10.354  1.00 167.41 ? 71  ASP a O   1 
ATOM 983  C CB  . ASP B 2 91  ? 4.839   7.432   13.177  1.00 167.41 ? 71  ASP a CB  1 
ATOM 984  C CG  . ASP B 2 91  ? 4.438   8.915   13.339  1.00 167.41 ? 71  ASP a CG  1 
ATOM 985  O OD1 . ASP B 2 91  ? 3.990   9.246   14.458  1.00 167.41 ? 71  ASP a OD1 1 
ATOM 986  O OD2 . ASP B 2 91  ? 4.516   9.746   12.418  1.00 167.41 ? 71  ASP a OD2 1 
ATOM 987  N N   . ALA B 2 92  ? 7.307   7.639   10.851  1.00 159.79 ? 72  ALA a N   1 
ATOM 988  C CA  . ALA B 2 92  ? 8.277   8.575   10.287  1.00 159.79 ? 72  ALA a CA  1 
ATOM 989  C C   . ALA B 2 92  ? 7.866   9.039   8.894   1.00 159.79 ? 72  ALA a C   1 
ATOM 990  O O   . ALA B 2 92  ? 7.577   10.222  8.683   1.00 159.79 ? 72  ALA a O   1 
ATOM 991  C CB  . ALA B 2 92  ? 9.661   7.928   10.249  1.00 159.79 ? 72  ALA a CB  1 
ATOM 992  N N   . TRP B 2 93  ? 7.826   8.125   7.930   1.00 164.10 ? 73  TRP a N   1 
ATOM 993  C CA  . TRP B 2 93  ? 7.424   8.508   6.584   1.00 164.10 ? 73  TRP a CA  1 
ATOM 994  C C   . TRP B 2 93  ? 5.907   8.632   6.500   1.00 164.10 ? 73  TRP a C   1 
ATOM 995  O O   . TRP B 2 93  ? 5.176   7.703   6.859   1.00 164.10 ? 73  TRP a O   1 
ATOM 996  C CB  . TRP B 2 93  ? 7.940   7.517   5.538   1.00 164.10 ? 73  TRP a CB  1 
ATOM 997  C CG  . TRP B 2 93  ? 7.477   6.099   5.675   1.00 164.10 ? 73  TRP a CG  1 
ATOM 998  C CD1 . TRP B 2 93  ? 6.336   5.562   5.160   1.00 164.10 ? 73  TRP a CD1 1 
ATOM 999  C CD2 . TRP B 2 93  ? 8.203   5.007   6.256   1.00 164.10 ? 73  TRP a CD2 1 
ATOM 1000 N NE1 . TRP B 2 93  ? 6.268   4.222   5.444   1.00 164.10 ? 73  TRP a NE1 1 
ATOM 1001 C CE2 . TRP B 2 93  ? 7.407   3.853   6.109   1.00 164.10 ? 73  TRP a CE2 1 
ATOM 1002 C CE3 . TRP B 2 93  ? 9.433   4.898   6.909   1.00 164.10 ? 73  TRP a CE3 1 
ATOM 1003 C CZ2 . TRP B 2 93  ? 7.800   2.609   6.590   1.00 164.10 ? 73  TRP a CZ2 1 
ATOM 1004 C CZ3 . TRP B 2 93  ? 9.823   3.659   7.381   1.00 164.10 ? 73  TRP a CZ3 1 
ATOM 1005 C CH2 . TRP B 2 93  ? 9.010   2.532   7.219   1.00 164.10 ? 73  TRP a CH2 1 
ATOM 1006 N N   . LYS B 2 94  ? 5.437   9.788   6.025   1.00 154.87 ? 74  LYS a N   1 
ATOM 1007 C CA  . LYS B 2 94  ? 4.007   10.033  5.860   1.00 154.87 ? 74  LYS a CA  1 
ATOM 1008 C C   . LYS B 2 94  ? 3.644   10.631  4.507   1.00 154.87 ? 74  LYS a C   1 
ATOM 1009 O O   . LYS B 2 94  ? 2.463   10.605  4.147   1.00 154.87 ? 74  LYS a O   1 
ATOM 1010 C CB  . LYS B 2 94  ? 3.494   10.962  6.975   1.00 154.87 ? 74  LYS a CB  1 
ATOM 1011 C CG  . LYS B 2 94  ? 1.976   11.033  7.109   1.00 154.87 ? 74  LYS a CG  1 
ATOM 1012 C CD  . LYS B 2 94  ? 1.567   11.721  8.402   1.00 154.87 ? 74  LYS a CD  1 
ATOM 1013 C CE  . LYS B 2 94  ? 1.720   10.800  9.601   1.00 154.87 ? 74  LYS a CE  1 
ATOM 1014 N NZ  . LYS B 2 94  ? 1.021   11.340  10.801  1.00 154.87 ? 74  LYS a NZ  1 
ATOM 1015 N N   . GLY B 2 95  ? 4.602   11.144  3.740   1.00 156.01 ? 75  GLY a N   1 
ATOM 1016 C CA  . GLY B 2 95  ? 4.317   11.694  2.429   1.00 156.01 ? 75  GLY a CA  1 
ATOM 1017 C C   . GLY B 2 95  ? 5.160   11.064  1.337   1.00 156.01 ? 75  GLY a C   1 
ATOM 1018 O O   . GLY B 2 95  ? 5.360   11.657  0.274   1.00 156.01 ? 75  GLY a O   1 
ATOM 1019 N N   . LYS B 2 96  ? 5.658   9.861   1.595   1.00 163.12 ? 76  LYS a N   1 
ATOM 1020 C CA  . LYS B 2 96  ? 6.509   9.143   0.661   1.00 163.12 ? 76  LYS a CA  1 
ATOM 1021 C C   . LYS B 2 96  ? 5.700   8.165   -0.181  1.00 163.12 ? 76  LYS a C   1 
ATOM 1022 O O   . LYS B 2 96  ? 4.559   7.821   0.137   1.00 163.12 ? 76  LYS a O   1 
ATOM 1023 C CB  . LYS B 2 96  ? 7.611   8.381   1.403   1.00 163.12 ? 76  LYS a CB  1 
ATOM 1024 C CG  . LYS B 2 96  ? 8.401   9.200   2.405   1.00 163.12 ? 76  LYS a CG  1 
ATOM 1025 C CD  . LYS B 2 96  ? 9.006   10.436  1.768   1.00 163.12 ? 76  LYS a CD  1 
ATOM 1026 C CE  . LYS B 2 96  ? 9.611   11.349  2.820   1.00 163.12 ? 76  LYS a CE  1 
ATOM 1027 N NZ  . LYS B 2 96  ? 9.990   12.673  2.258   1.00 163.12 ? 76  LYS a NZ  1 
ATOM 1028 N N   . ALA B 2 97  ? 6.315   7.721   -1.270  1.00 162.14 ? 77  ALA a N   1 
ATOM 1029 C CA  . ALA B 2 97  ? 5.821   6.621   -2.081  1.00 162.14 ? 77  ALA a CA  1 
ATOM 1030 C C   . ALA B 2 97  ? 6.737   5.417   -1.904  1.00 162.14 ? 77  ALA a C   1 
ATOM 1031 O O   . ALA B 2 97  ? 7.878   5.541   -1.452  1.00 162.14 ? 77  ALA a O   1 
ATOM 1032 C CB  . ALA B 2 97  ? 5.742   7.013   -3.560  1.00 162.14 ? 77  ALA a CB  1 
ATOM 1033 N N   . VAL B 2 98  ? 6.226   4.238   -2.268  1.00 158.59 ? 78  VAL a N   1 
ATOM 1034 C CA  . VAL B 2 98  ? 7.018   3.021   -2.132  1.00 158.59 ? 78  VAL a CA  1 
ATOM 1035 C C   . VAL B 2 98  ? 8.245   3.011   -3.027  1.00 158.59 ? 78  VAL a C   1 
ATOM 1036 O O   . VAL B 2 98  ? 9.136   2.178   -2.831  1.00 158.59 ? 78  VAL a O   1 
ATOM 1037 C CB  . VAL B 2 98  ? 6.167   1.771   -2.430  1.00 158.59 ? 78  VAL a CB  1 
ATOM 1038 C CG1 . VAL B 2 98  ? 5.031   1.658   -1.439  1.00 158.59 ? 78  VAL a CG1 1 
ATOM 1039 C CG2 . VAL B 2 98  ? 5.628   1.833   -3.843  1.00 158.59 ? 78  VAL a CG2 1 
ATOM 1040 N N   . SER B 2 99  ? 8.314   3.914   -4.006  1.00 164.53 ? 79  SER a N   1 
ATOM 1041 C CA  . SER B 2 99  ? 9.513   4.034   -4.823  1.00 164.53 ? 79  SER a CA  1 
ATOM 1042 C C   . SER B 2 99  ? 10.691  4.580   -4.032  1.00 164.53 ? 79  SER a C   1 
ATOM 1043 O O   . SER B 2 99  ? 11.843  4.356   -4.419  1.00 164.53 ? 79  SER a O   1 
ATOM 1044 C CB  . SER B 2 99  ? 9.238   4.931   -6.031  1.00 164.53 ? 79  SER a CB  1 
ATOM 1045 O OG  . SER B 2 99  ? 8.785   6.208   -5.619  1.00 164.53 ? 79  SER a OG  1 
ATOM 1046 N N   . ASP B 2 100 ? 10.428  5.293   -2.939  1.00 177.06 ? 80  ASP a N   1 
ATOM 1047 C CA  . ASP B 2 100 ? 11.497  5.870   -2.139  1.00 177.06 ? 80  ASP a CA  1 
ATOM 1048 C C   . ASP B 2 100 ? 12.269  4.780   -1.405  1.00 177.06 ? 80  ASP a C   1 
ATOM 1049 O O   . ASP B 2 100 ? 11.723  3.738   -1.036  1.00 177.06 ? 80  ASP a O   1 
ATOM 1050 C CB  . ASP B 2 100 ? 10.928  6.876   -1.138  1.00 177.06 ? 80  ASP a CB  1 
ATOM 1051 C CG  . ASP B 2 100 ? 10.552  8.193   -1.787  1.00 177.06 ? 80  ASP a CG  1 
ATOM 1052 O OD1 . ASP B 2 100 ? 11.136  8.524   -2.841  1.00 177.06 ? 80  ASP a OD1 1 
ATOM 1053 O OD2 . ASP B 2 100 ? 9.673   8.897   -1.247  1.00 177.06 ? 80  ASP a OD2 1 
ATOM 1054 N N   . SER B 2 101 ? 13.564  5.031   -1.202  1.00 194.16 ? 81  SER a N   1 
ATOM 1055 C CA  . SER B 2 101 ? 14.418  4.034   -0.563  1.00 194.16 ? 81  SER a CA  1 
ATOM 1056 C C   . SER B 2 101 ? 14.082  3.870   0.914   1.00 194.16 ? 81  SER a C   1 
ATOM 1057 O O   . SER B 2 101 ? 14.069  2.747   1.432   1.00 194.16 ? 81  SER a O   1 
ATOM 1058 C CB  . SER B 2 101 ? 15.887  4.417   -0.735  1.00 194.16 ? 81  SER a CB  1 
ATOM 1059 O OG  . SER B 2 101 ? 16.134  5.721   -0.238  1.00 194.16 ? 81  SER a OG  1 
ATOM 1060 N N   . ASP B 2 102 ? 13.800  4.974   1.607   1.00 184.31 ? 82  ASP a N   1 
ATOM 1061 C CA  . ASP B 2 102 ? 13.580  4.949   3.054   1.00 184.31 ? 82  ASP a CA  1 
ATOM 1062 C C   . ASP B 2 102 ? 12.137  4.561   3.385   1.00 184.31 ? 82  ASP a C   1 
ATOM 1063 O O   . ASP B 2 102 ? 11.405  5.268   4.076   1.00 184.31 ? 82  ASP a O   1 
ATOM 1064 C CB  . ASP B 2 102 ? 13.946  6.298   3.657   1.00 184.31 ? 82  ASP a CB  1 
ATOM 1065 C CG  . ASP B 2 102 ? 13.308  7.456   2.920   1.00 184.31 ? 82  ASP a CG  1 
ATOM 1066 O OD1 . ASP B 2 102 ? 12.723  7.222   1.841   1.00 184.31 ? 82  ASP a OD1 1 
ATOM 1067 O OD2 . ASP B 2 102 ? 13.392  8.598   3.417   1.00 184.31 ? 82  ASP a OD2 1 
ATOM 1068 N N   . VAL B 2 103 ? 11.732  3.403   2.867   1.00 175.21 ? 83  VAL a N   1 
ATOM 1069 C CA  . VAL B 2 103 ? 10.425  2.834   3.171   1.00 175.21 ? 83  VAL a CA  1 
ATOM 1070 C C   . VAL B 2 103 ? 10.611  1.384   3.597   1.00 175.21 ? 83  VAL a C   1 
ATOM 1071 O O   . VAL B 2 103 ? 9.684   0.755   4.120   1.00 175.21 ? 83  VAL a O   1 
ATOM 1072 C CB  . VAL B 2 103 ? 9.463   2.940   1.973   1.00 175.21 ? 83  VAL a CB  1 
ATOM 1073 C CG1 . VAL B 2 103 ? 9.431   4.362   1.430   1.00 175.21 ? 83  VAL a CG1 1 
ATOM 1074 C CG2 . VAL B 2 103 ? 9.858   1.953   0.890   1.00 175.21 ? 83  VAL a CG2 1 
ATOM 1075 N N   . THR B 2 104 ? 11.815  0.851   3.374   1.00 170.29 ? 84  THR a N   1 
ATOM 1076 C CA  . THR B 2 104 ? 12.161  -0.530  3.719   1.00 170.29 ? 84  THR a CA  1 
ATOM 1077 C C   . THR B 2 104 ? 11.190  -1.522  3.078   1.00 170.29 ? 84  THR a C   1 
ATOM 1078 O O   . THR B 2 104 ? 10.651  -2.416  3.733   1.00 170.29 ? 84  THR a O   1 
ATOM 1079 C CB  . THR B 2 104 ? 12.226  -0.723  5.237   1.00 170.29 ? 84  THR a CB  1 
ATOM 1080 O OG1 . THR B 2 104 ? 10.900  -0.813  5.770   1.00 170.29 ? 84  THR a OG1 1 
ATOM 1081 C CG2 . THR B 2 104 ? 12.960  0.438   5.895   1.00 170.29 ? 84  THR a CG2 1 
ATOM 1082 N N   . ALA B 2 105 ? 10.967  -1.352  1.779   1.00 168.59 ? 85  ALA a N   1 
ATOM 1083 C CA  . ALA B 2 105 ? 10.105  -2.245  1.025   1.00 168.59 ? 85  ALA a CA  1 
ATOM 1084 C C   . ALA B 2 105 ? 10.858  -3.512  0.629   1.00 168.59 ? 85  ALA a C   1 
ATOM 1085 O O   . ALA B 2 105 ? 12.070  -3.638  0.816   1.00 168.59 ? 85  ALA a O   1 
ATOM 1086 C CB  . ALA B 2 105 ? 9.559   -1.545  -0.217  1.00 168.59 ? 85  ALA a CB  1 
ATOM 1087 N N   . LEU B 2 106 ? 10.115  -4.462  0.066   1.00 164.14 ? 86  LEU a N   1 
ATOM 1088 C CA  . LEU B 2 106 ? 10.687  -5.720  -0.411  1.00 164.14 ? 86  LEU a CA  1 
ATOM 1089 C C   . LEU B 2 106 ? 11.047  -5.544  -1.881  1.00 164.14 ? 86  LEU a C   1 
ATOM 1090 O O   . LEU B 2 106 ? 10.206  -5.677  -2.769  1.00 164.14 ? 86  LEU a O   1 
ATOM 1091 C CB  . LEU B 2 106 ? 9.707   -6.868  -0.202  1.00 164.14 ? 86  LEU a CB  1 
ATOM 1092 C CG  . LEU B 2 106 ? 9.468   -7.286  1.249   1.00 164.14 ? 86  LEU a CG  1 
ATOM 1093 C CD1 . LEU B 2 106 ? 8.399   -8.366  1.332   1.00 164.14 ? 86  LEU a CD1 1 
ATOM 1094 C CD2 . LEU B 2 106 ? 10.760  -7.753  1.897   1.00 164.14 ? 86  LEU a CD2 1 
ATOM 1095 N N   . GLY B 2 107 ? 12.314  -5.243  -2.140  1.00 181.80 ? 87  GLY a N   1 
ATOM 1096 C CA  . GLY B 2 107 ? 12.779  -4.985  -3.485  1.00 181.80 ? 87  GLY a CA  1 
ATOM 1097 C C   . GLY B 2 107 ? 12.997  -6.261  -4.282  1.00 181.80 ? 87  GLY a C   1 
ATOM 1098 O O   . GLY B 2 107 ? 12.560  -7.355  -3.922  1.00 181.80 ? 87  GLY a O   1 
ATOM 1099 N N   . THR B 2 108 ? 13.682  -6.095  -5.412  1.00 187.31 ? 88  THR a N   1 
ATOM 1100 C CA  . THR B 2 108 ? 14.062  -7.234  -6.236  1.00 187.31 ? 88  THR a CA  1 
ATOM 1101 C C   . THR B 2 108 ? 14.912  -8.204  -5.424  1.00 187.31 ? 88  THR a C   1 
ATOM 1102 O O   . THR B 2 108 ? 15.733  -7.798  -4.599  1.00 187.31 ? 88  THR a O   1 
ATOM 1103 C CB  . THR B 2 108 ? 14.820  -6.758  -7.477  1.00 187.31 ? 88  THR a CB  1 
ATOM 1104 O OG1 . THR B 2 108 ? 13.979  -5.885  -8.241  1.00 187.31 ? 88  THR a OG1 1 
ATOM 1105 C CG2 . THR B 2 108 ? 15.230  -7.936  -8.348  1.00 187.31 ? 88  THR a CG2 1 
ATOM 1106 N N   . GLY B 2 109 ? 14.705  -9.496  -5.657  1.00 189.32 ? 89  GLY a N   1 
ATOM 1107 C CA  . GLY B 2 109 ? 15.230  -10.506 -4.766  1.00 189.32 ? 89  GLY a CA  1 
ATOM 1108 C C   . GLY B 2 109 ? 14.310  -10.663 -3.575  1.00 189.32 ? 89  GLY a C   1 
ATOM 1109 O O   . GLY B 2 109 ? 13.299  -9.972  -3.439  1.00 189.32 ? 89  GLY a O   1 
ATOM 1110 N N   . ASP B 2 110 ? 14.682  -11.589 -2.690  1.00 184.11 ? 90  ASP a N   1 
ATOM 1111 C CA  . ASP B 2 110 ? 13.860  -11.986 -1.541  1.00 184.11 ? 90  ASP a CA  1 
ATOM 1112 C C   . ASP B 2 110 ? 12.382  -12.037 -1.927  1.00 184.11 ? 90  ASP a C   1 
ATOM 1113 O O   . ASP B 2 110 ? 11.509  -11.480 -1.262  1.00 184.11 ? 90  ASP a O   1 
ATOM 1114 C CB  . ASP B 2 110 ? 14.097  -11.070 -0.335  1.00 184.11 ? 90  ASP a CB  1 
ATOM 1115 C CG  . ASP B 2 110 ? 13.818  -9.608  -0.629  1.00 184.11 ? 90  ASP a CG  1 
ATOM 1116 O OD1 . ASP B 2 110 ? 14.710  -8.928  -1.178  1.00 184.11 ? 90  ASP a OD1 1 
ATOM 1117 O OD2 . ASP B 2 110 ? 12.705  -9.138  -0.315  1.00 184.11 ? 90  ASP a OD2 1 
ATOM 1118 N N   . VAL B 2 111 ? 12.115  -12.720 -3.038  1.00 163.87 ? 91  VAL a N   1 
ATOM 1119 C CA  . VAL B 2 111 ? 10.789  -12.688 -3.636  1.00 163.87 ? 91  VAL a CA  1 
ATOM 1120 C C   . VAL B 2 111 ? 9.835   -13.682 -2.977  1.00 163.87 ? 91  VAL a C   1 
ATOM 1121 O O   . VAL B 2 111 ? 8.640   -13.395 -2.846  1.00 163.87 ? 91  VAL a O   1 
ATOM 1122 C CB  . VAL B 2 111 ? 10.903  -12.934 -5.151  1.00 163.87 ? 91  VAL a CB  1 
ATOM 1123 C CG1 . VAL B 2 111 ? 11.587  -14.264 -5.434  1.00 163.87 ? 91  VAL a CG1 1 
ATOM 1124 C CG2 . VAL B 2 111 ? 9.541   -12.879 -5.808  1.00 163.87 ? 91  VAL a CG2 1 
ATOM 1125 N N   . GLY B 2 112 ? 10.332  -14.838 -2.545  1.00 169.45 ? 92  GLY a N   1 
ATOM 1126 C CA  . GLY B 2 112 ? 9.487   -15.797 -1.864  1.00 169.45 ? 92  GLY a CA  1 
ATOM 1127 C C   . GLY B 2 112 ? 9.243   -15.425 -0.417  1.00 169.45 ? 92  GLY a C   1 
ATOM 1128 O O   . GLY B 2 112 ? 8.116   -15.094 -0.041  1.00 169.45 ? 92  GLY a O   1 
ATOM 1129 N N   . LYS B 2 113 ? 10.303  -15.452 0.387   1.00 171.23 ? 93  LYS a N   1 
ATOM 1130 C CA  . LYS B 2 113 ? 10.263  -15.086 1.803   1.00 171.23 ? 93  LYS a CA  1 
ATOM 1131 C C   . LYS B 2 113 ? 9.054   -15.700 2.506   1.00 171.23 ? 93  LYS a C   1 
ATOM 1132 O O   . LYS B 2 113 ? 8.170   -15.010 3.015   1.00 171.23 ? 93  LYS a O   1 
ATOM 1133 C CB  . LYS B 2 113 ? 10.286  -13.570 1.978   1.00 171.23 ? 93  LYS a CB  1 
ATOM 1134 C CG  . LYS B 2 113 ? 11.588  -12.930 1.543   1.00 171.23 ? 93  LYS a CG  1 
ATOM 1135 C CD  . LYS B 2 113 ? 12.738  -13.352 2.444   1.00 171.23 ? 93  LYS a CD  1 
ATOM 1136 C CE  . LYS B 2 113 ? 12.479  -12.976 3.893   1.00 171.23 ? 93  LYS a CE  1 
ATOM 1137 N NZ  . LYS B 2 113 ? 12.099  -11.544 4.031   1.00 171.23 ? 93  LYS a NZ  1 
ATOM 1138 N N   . SER B 2 114 ? 9.031   -17.033 2.523   1.00 169.82 ? 94  SER a N   1 
ATOM 1139 C CA  . SER B 2 114 ? 7.948   -17.751 3.182   1.00 169.82 ? 94  SER a CA  1 
ATOM 1140 C C   . SER B 2 114 ? 7.954   -17.559 4.692   1.00 169.82 ? 94  SER a C   1 
ATOM 1141 O O   . SER B 2 114 ? 6.978   -17.933 5.350   1.00 169.82 ? 94  SER a O   1 
ATOM 1142 C CB  . SER B 2 114 ? 8.028   -19.242 2.849   1.00 169.82 ? 94  SER a CB  1 
ATOM 1143 O OG  . SER B 2 114 ? 9.348   -19.728 3.011   1.00 169.82 ? 94  SER a OG  1 
ATOM 1144 N N   . ASP B 2 115 ? 9.017   -16.985 5.252   1.00 172.63 ? 95  ASP a N   1 
ATOM 1145 C CA  . ASP B 2 115 ? 9.105   -16.738 6.681   1.00 172.63 ? 95  ASP a CA  1 
ATOM 1146 C C   . ASP B 2 115 ? 9.684   -15.352 6.931   1.00 172.63 ? 95  ASP a C   1 
ATOM 1147 O O   . ASP B 2 115 ? 10.401  -14.793 6.099   1.00 172.63 ? 95  ASP a O   1 
ATOM 1148 C CB  . ASP B 2 115 ? 9.939   -17.819 7.389   1.00 172.63 ? 95  ASP a CB  1 
ATOM 1149 C CG  . ASP B 2 115 ? 11.374  -17.886 6.888   1.00 172.63 ? 95  ASP a CG  1 
ATOM 1150 O OD1 . ASP B 2 115 ? 11.726  -17.161 5.935   1.00 172.63 ? 95  ASP a OD1 1 
ATOM 1151 O OD2 . ASP B 2 115 ? 12.157  -18.676 7.455   1.00 172.63 ? 95  ASP a OD2 1 
ATOM 1152 N N   . PHE B 2 116 ? 9.346   -14.798 8.094   1.00 163.84 ? 96  PHE a N   1 
ATOM 1153 C CA  . PHE B 2 116 ? 9.815   -13.484 8.510   1.00 163.84 ? 96  PHE a CA  1 
ATOM 1154 C C   . PHE B 2 116 ? 10.348  -13.595 9.927   1.00 163.84 ? 96  PHE a C   1 
ATOM 1155 O O   . PHE B 2 116 ? 9.685   -14.170 10.795  1.00 163.84 ? 96  PHE a O   1 
ATOM 1156 C CB  . PHE B 2 116 ? 8.689   -12.445 8.446   1.00 163.84 ? 96  PHE a CB  1 
ATOM 1157 C CG  . PHE B 2 116 ? 8.329   -12.024 7.051   1.00 163.84 ? 96  PHE a CG  1 
ATOM 1158 C CD1 . PHE B 2 116 ? 9.306   -11.872 6.083   1.00 163.84 ? 96  PHE a CD1 1 
ATOM 1159 C CD2 . PHE B 2 116 ? 7.009   -11.785 6.707   1.00 163.84 ? 96  PHE a CD2 1 
ATOM 1160 C CE1 . PHE B 2 116 ? 8.974   -11.484 4.798   1.00 163.84 ? 96  PHE a CE1 1 
ATOM 1161 C CE2 . PHE B 2 116 ? 6.672   -11.398 5.425   1.00 163.84 ? 96  PHE a CE2 1 
ATOM 1162 C CZ  . PHE B 2 116 ? 7.655   -11.248 4.470   1.00 163.84 ? 96  PHE a CZ  1 
ATOM 1163 N N   . SER B 2 117 ? 11.540  -13.050 10.165  1.00 165.12 ? 97  SER a N   1 
ATOM 1164 C CA  . SER B 2 117 ? 12.183  -13.225 11.462  1.00 165.12 ? 97  SER a CA  1 
ATOM 1165 C C   . SER B 2 117 ? 11.890  -12.071 12.418  1.00 165.12 ? 97  SER a C   1 
ATOM 1166 O O   . SER B 2 117 ? 11.254  -12.267 13.458  1.00 165.12 ? 97  SER a O   1 
ATOM 1167 C CB  . SER B 2 117 ? 13.696  -13.388 11.277  1.00 165.12 ? 97  SER a CB  1 
ATOM 1168 O OG  . SER B 2 117 ? 14.274  -12.196 10.772  1.00 165.12 ? 97  SER a OG  1 
ATOM 1169 N N   . GLY B 2 118 ? 12.342  -10.863 12.081  1.00 165.59 ? 98  GLY a N   1 
ATOM 1170 C CA  . GLY B 2 118 ? 12.209  -9.755  13.007  1.00 165.59 ? 98  GLY a CA  1 
ATOM 1171 C C   . GLY B 2 118 ? 12.011  -8.375  12.413  1.00 165.59 ? 98  GLY a C   1 
ATOM 1172 O O   . GLY B 2 118 ? 12.234  -7.376  13.102  1.00 165.59 ? 98  GLY a O   1 
ATOM 1173 N N   . THR B 2 119 ? 11.597  -8.287  11.150  1.00 169.15 ? 99  THR a N   1 
ATOM 1174 C CA  . THR B 2 119 ? 11.488  -6.997  10.475  1.00 169.15 ? 99  THR a CA  1 
ATOM 1175 C C   . THR B 2 119 ? 10.045  -6.513  10.378  1.00 169.15 ? 99  THR a C   1 
ATOM 1176 O O   . THR B 2 119 ? 9.720   -5.418  10.847  1.00 169.15 ? 99  THR a O   1 
ATOM 1177 C CB  . THR B 2 119 ? 12.111  -7.084  9.075   1.00 169.15 ? 99  THR a CB  1 
ATOM 1178 O OG1 . THR B 2 119 ? 11.375  -8.021  8.279   1.00 169.15 ? 99  THR a OG1 1 
ATOM 1179 C CG2 . THR B 2 119 ? 13.561  -7.534  9.166   1.00 169.15 ? 99  THR a CG2 1 
ATOM 1180 N N   . GLU B 2 120 ? 9.171   -7.316  9.782   1.00 161.35 ? 100 GLU a N   1 
ATOM 1181 C CA  . GLU B 2 120 ? 7.778   -6.958  9.577   1.00 161.35 ? 100 GLU a CA  1 
ATOM 1182 C C   . GLU B 2 120 ? 6.893   -8.018  10.217  1.00 161.35 ? 100 GLU a C   1 
ATOM 1183 O O   . GLU B 2 120 ? 7.292   -9.177  10.364  1.00 161.35 ? 100 GLU a O   1 
ATOM 1184 C CB  . GLU B 2 120 ? 7.466   -6.823  8.082   1.00 161.35 ? 100 GLU a CB  1 
ATOM 1185 C CG  . GLU B 2 120 ? 8.552   -6.091  7.304   1.00 161.35 ? 100 GLU a CG  1 
ATOM 1186 C CD  . GLU B 2 120 ? 8.230   -5.951  5.832   1.00 161.35 ? 100 GLU a CD  1 
ATOM 1187 O OE1 . GLU B 2 120 ? 7.111   -6.329  5.432   1.00 161.35 ? 100 GLU a OE1 1 
ATOM 1188 O OE2 . GLU B 2 120 ? 9.097   -5.469  5.074   1.00 161.35 ? 100 GLU a OE2 1 
ATOM 1189 N N   . TRP B 2 121 ? 5.681   -7.622  10.597  1.00 167.28 ? 101 TRP a N   1 
ATOM 1190 C CA  . TRP B 2 121 ? 4.833   -8.541  11.343  1.00 167.28 ? 101 TRP a CA  1 
ATOM 1191 C C   . TRP B 2 121 ? 3.365   -8.185  11.166  1.00 167.28 ? 101 TRP a C   1 
ATOM 1192 O O   . TRP B 2 121 ? 2.999   -7.007  11.146  1.00 167.28 ? 101 TRP a O   1 
ATOM 1193 C CB  . TRP B 2 121 ? 5.198   -8.539  12.831  1.00 167.28 ? 101 TRP a CB  1 
ATOM 1194 C CG  . TRP B 2 121 ? 5.272   -7.173  13.427  1.00 167.28 ? 101 TRP a CG  1 
ATOM 1195 C CD1 . TRP B 2 121 ? 6.326   -6.311  13.367  1.00 167.28 ? 101 TRP a CD1 1 
ATOM 1196 C CD2 . TRP B 2 121 ? 4.253   -6.512  14.184  1.00 167.28 ? 101 TRP a CD2 1 
ATOM 1197 N NE1 . TRP B 2 121 ? 6.026   -5.150  14.037  1.00 167.28 ? 101 TRP a NE1 1 
ATOM 1198 C CE2 . TRP B 2 121 ? 4.758   -5.248  14.548  1.00 167.28 ? 101 TRP a CE2 1 
ATOM 1199 C CE3 . TRP B 2 121 ? 2.962   -6.864  14.587  1.00 167.28 ? 101 TRP a CE3 1 
ATOM 1200 C CZ2 . TRP B 2 121 ? 4.019   -4.337  15.296  1.00 167.28 ? 101 TRP a CZ2 1 
ATOM 1201 C CZ3 . TRP B 2 121 ? 2.231   -5.959  15.331  1.00 167.28 ? 101 TRP a CZ3 1 
ATOM 1202 C CH2 . TRP B 2 121 ? 2.760   -4.710  15.677  1.00 167.28 ? 101 TRP a CH2 1 
ATOM 1203 N N   . LYS B 2 122 ? 2.537   -9.223  11.041  1.00 161.39 ? 102 LYS a N   1 
ATOM 1204 C CA  . LYS B 2 122 ? 1.088   -9.098  11.067  1.00 161.39 ? 102 LYS a CA  1 
ATOM 1205 C C   . LYS B 2 122 ? 0.434   -10.009 12.095  1.00 161.39 ? 102 LYS a C   1 
ATOM 1206 O O   . LYS B 2 122 ? -0.690  -9.719  12.522  1.00 161.39 ? 102 LYS a O   1 
ATOM 1207 C CB  . LYS B 2 122 ? 0.496   -9.403  9.681   1.00 161.39 ? 102 LYS a CB  1 
ATOM 1208 C CG  . LYS B 2 122 ? -1.015  -9.239  9.570   1.00 161.39 ? 102 LYS a CG  1 
ATOM 1209 C CD  . LYS B 2 122 ? -1.462  -7.823  9.887   1.00 161.39 ? 102 LYS a CD  1 
ATOM 1210 C CE  . LYS B 2 122 ? -2.654  -7.429  9.029   1.00 161.39 ? 102 LYS a CE  1 
ATOM 1211 N NZ  . LYS B 2 122 ? -3.090  -6.029  9.284   1.00 161.39 ? 102 LYS a NZ  1 
ATOM 1212 N N   . SER B 2 123 ? 1.103   -11.074 12.525  1.00 177.12 ? 103 SER a N   1 
ATOM 1213 C CA  . SER B 2 123 ? 0.543   -12.006 13.495  1.00 177.12 ? 103 SER a CA  1 
ATOM 1214 C C   . SER B 2 123 ? 0.384   -11.353 14.865  1.00 177.12 ? 103 SER a C   1 
ATOM 1215 O O   . SER B 2 123 ? 0.872   -10.248 15.096  1.00 177.12 ? 103 SER a O   1 
ATOM 1216 C CB  . SER B 2 123 ? 1.426   -13.250 13.608  1.00 177.12 ? 103 SER a CB  1 
ATOM 1217 O OG  . SER B 2 123 ? 1.509   -13.930 12.367  1.00 177.12 ? 103 SER a OG  1 
# 
